data_8ZXE
#
_entry.id   8ZXE
#
_cell.length_a   1.00
_cell.length_b   1.00
_cell.length_c   1.00
_cell.angle_alpha   90.00
_cell.angle_beta   90.00
_cell.angle_gamma   90.00
#
_symmetry.space_group_name_H-M   'P 1'
#
loop_
_entity.id
_entity.type
_entity.pdbx_description
1 polymer 'Toll-like receptor 7'
2 polymer "RNA (5'-R(*(OMG)P*(SRA)P*(SRA))-3')"
3 branched beta-D-mannopyranose-(1-4)-2-acetamido-2-deoxy-beta-D-glucopyranose-(1-4)-2-acetamido-2-deoxy-beta-D-glucopyranose
4 branched alpha-D-mannopyranose-(1-6)-beta-D-mannopyranose-(1-4)-2-acetamido-2-deoxy-beta-D-glucopyranose-(1-4)-2-acetamido-2-deoxy-beta-D-glucopyranose
5 branched 2-acetamido-2-deoxy-beta-D-glucopyranose-(1-4)-2-acetamido-2-deoxy-beta-D-glucopyranose
6 non-polymer 2-acetamido-2-deoxy-beta-D-glucopyranose
#
loop_
_entity_poly.entity_id
_entity_poly.type
_entity_poly.pdbx_seq_one_letter_code
_entity_poly.pdbx_strand_id
1 'polypeptide(L)'
;RSPWARWFPKTLPCDVTLDVSKNHVIVDCTDKHLTEIPGGIPTNTTNLTLTINHIPDISPASFHRLVHLVEIDFRCNCVP
IRLGSKSNMCPRRLQIKPRSFSGLTYLKSLYLDGNQLLEIPQGLPPSLQLLSLEANNIFSIRKEQLTELANIEILYLGQN
CYYRNPCYVSYSIEKDAFLNLTKLKVLSLKDNNVTTVPTVLPSTLTELYLYNNMIAEIQEDDFNNLNQLQILDLSGNCPR
CYNAPFPCTPCKNNSPLQIPVNAFDALTELKVLRLHSNSLQHVPPRWFKNINNLQELDLSQNFLAKEIGDAKFLHFLPNL
IQLDLSFNFELQVYRASMNLSQAFSSLKSLKILRIRGYVFKELKSFQLSPLHNLQNLEVLDLGTNFIKIANLSMFKQFKR
LKVIDLSVNKISPSGDSLVPRGSSNARTSVESYEPQVLEQLYYFRYDKYARSCRFKNKEASFTSVQESCYKYGQTLDLSK
NSIFFIKSSDFQHLSFLKCLNLSGNLISQTLNGSEFQPLAELRYLDFSNNRLDLLHSTAFEELRKLEVLDISSNSHYFQS
EGITHMLNFTKNLKVLQKLMMNDNDISSSTSRTMESESLRTLEFRGNHLDVLWRDGDNRYLQLFKNLLKLEELDISKNSL
SFLPSGVFDGMPPNLKNLSLAKNGLKSFIWEKLRYLKNLETLDLSHNQLTTVPERLSNCSRSLKNLILKNNQIRSLTKYF
LQDAFQLRYLDLSSNKIQMIQKTSFPENVLNNLKMLLLHHNRFLCTCDAVWFVWWVQHTEVTIPYLATDVTCVGPGAHKG
QSVISLDLYTCELDLTNEFLVPR
;
A,B
2 'polyribonucleotide' (OMG)(SRA)(SRA) Q,R
#
loop_
_chem_comp.id
_chem_comp.type
_chem_comp.name
_chem_comp.formula
BMA D-saccharide, beta linking beta-D-mannopyranose 'C6 H12 O6'
MAN D-saccharide, alpha linking alpha-D-mannopyranose 'C6 H12 O6'
NAG D-saccharide, beta linking 2-acetamido-2-deoxy-beta-D-glucopyranose 'C8 H15 N O6'
OMG RNA linking O2'-METHYLGUANOSINE-5'-MONOPHOSPHATE 'C11 H16 N5 O8 P'
SRA RNA linking 'ADENOSINE -5'-THIO-MONOPHOSPHATE' 'C10 H14 N5 O6 P S'
#
# COMPACT_ATOMS: atom_id res chain seq x y z
N ALA A 5 6.88 48.70 18.97
CA ALA A 5 7.09 49.14 20.35
C ALA A 5 6.02 48.55 21.27
N ARG A 6 5.87 49.17 22.45
CA ARG A 6 4.84 48.83 23.44
C ARG A 6 5.14 47.51 24.13
N TRP A 7 6.14 46.77 23.61
CA TRP A 7 6.63 45.52 24.17
C TRP A 7 5.53 44.62 24.76
N PHE A 8 5.07 44.97 25.94
CA PHE A 8 4.19 44.08 26.70
C PHE A 8 2.75 44.20 26.23
N PRO A 9 2.14 43.11 25.74
CA PRO A 9 0.70 43.14 25.43
C PRO A 9 -0.13 42.74 26.63
N LYS A 10 -1.45 42.70 26.50
CA LYS A 10 -2.33 42.35 27.62
C LYS A 10 -3.07 41.04 27.40
N THR A 11 -3.86 40.92 26.34
CA THR A 11 -4.67 39.73 26.12
C THR A 11 -4.71 39.32 24.65
N LEU A 12 -3.73 39.69 23.85
CA LEU A 12 -3.77 39.38 22.43
C LEU A 12 -3.51 37.90 22.19
N PRO A 13 -4.40 37.19 21.51
CA PRO A 13 -4.15 35.78 21.19
C PRO A 13 -3.27 35.57 19.96
N CYS A 14 -2.60 36.60 19.47
CA CYS A 14 -1.75 36.51 18.30
C CYS A 14 -0.29 36.75 18.69
N ASP A 15 0.60 36.02 18.04
CA ASP A 15 2.02 36.17 18.31
C ASP A 15 2.52 37.53 17.87
N VAL A 16 3.45 38.10 18.64
CA VAL A 16 4.01 39.42 18.37
C VAL A 16 5.51 39.27 18.19
N THR A 17 6.02 39.77 17.05
CA THR A 17 7.44 39.76 16.75
C THR A 17 7.93 41.18 16.59
N LEU A 18 9.03 41.51 17.24
CA LEU A 18 9.59 42.87 17.23
C LEU A 18 10.94 42.86 16.53
N ASP A 19 11.13 43.81 15.62
CA ASP A 19 12.40 44.02 14.92
C ASP A 19 12.79 45.47 15.09
N VAL A 20 13.66 45.74 16.07
CA VAL A 20 14.05 47.12 16.36
C VAL A 20 14.82 47.72 15.19
N SER A 21 15.71 46.94 14.57
CA SER A 21 16.48 47.45 13.44
C SER A 21 15.57 47.78 12.26
N LYS A 22 14.58 46.93 11.99
CA LYS A 22 13.66 47.15 10.88
C LYS A 22 12.46 48.00 11.27
N ASN A 23 12.27 48.28 12.56
CA ASN A 23 11.13 49.07 13.03
C ASN A 23 9.80 48.46 12.59
N HIS A 24 9.72 47.13 12.64
CA HIS A 24 8.55 46.40 12.20
C HIS A 24 8.01 45.56 13.34
N VAL A 25 6.69 45.61 13.55
CA VAL A 25 6.00 44.80 14.53
C VAL A 25 5.03 43.90 13.79
N ILE A 26 5.13 42.60 14.01
CA ILE A 26 4.37 41.59 13.28
C ILE A 26 3.35 40.97 14.21
N VAL A 27 2.09 40.96 13.79
CA VAL A 27 1.00 40.32 14.52
C VAL A 27 0.44 39.23 13.64
N ASP A 28 0.48 37.99 14.13
CA ASP A 28 0.06 36.81 13.37
C ASP A 28 -1.12 36.15 14.07
N CYS A 29 -2.31 36.30 13.47
CA CYS A 29 -3.54 35.69 13.98
C CYS A 29 -4.01 34.57 13.06
N THR A 30 -3.07 33.81 12.52
CA THR A 30 -3.41 32.74 11.59
C THR A 30 -4.09 31.58 12.32
N ASP A 31 -5.22 31.13 11.77
CA ASP A 31 -5.97 29.98 12.30
C ASP A 31 -6.31 30.18 13.78
N LYS A 32 -7.09 31.24 14.05
CA LYS A 32 -7.53 31.55 15.39
C LYS A 32 -9.04 31.54 15.56
N HIS A 33 -9.80 31.39 14.47
CA HIS A 33 -11.27 31.33 14.53
C HIS A 33 -11.85 32.55 15.22
N LEU A 34 -11.32 33.72 14.88
CA LEU A 34 -11.78 34.99 15.46
C LEU A 34 -12.98 35.50 14.67
N THR A 35 -14.13 35.57 15.33
CA THR A 35 -15.31 36.15 14.69
C THR A 35 -15.12 37.63 14.41
N GLU A 36 -14.50 38.35 15.35
CA GLU A 36 -14.25 39.77 15.21
C GLU A 36 -12.81 40.08 15.60
N ILE A 37 -12.32 41.22 15.15
CA ILE A 37 -10.95 41.62 15.47
C ILE A 37 -10.83 41.86 16.97
N PRO A 38 -9.90 41.21 17.66
CA PRO A 38 -9.79 41.40 19.11
C PRO A 38 -9.34 42.80 19.46
N GLY A 39 -9.73 43.24 20.66
CA GLY A 39 -9.33 44.54 21.13
C GLY A 39 -7.92 44.55 21.69
N GLY A 40 -7.45 45.75 22.00
CA GLY A 40 -6.11 45.90 22.54
C GLY A 40 -4.99 45.77 21.53
N ILE A 41 -5.29 45.86 20.25
CA ILE A 41 -4.25 45.77 19.22
C ILE A 41 -3.34 46.99 19.33
N PRO A 42 -2.02 46.82 19.39
CA PRO A 42 -1.13 47.98 19.54
C PRO A 42 -1.20 48.90 18.33
N THR A 43 -1.01 50.19 18.59
CA THR A 43 -0.97 51.18 17.52
C THR A 43 0.38 51.24 16.82
N ASN A 44 1.40 50.56 17.36
CA ASN A 44 2.73 50.55 16.78
C ASN A 44 2.96 49.39 15.83
N THR A 45 1.98 48.51 15.64
CA THR A 45 2.14 47.37 14.77
C THR A 45 2.25 47.81 13.31
N THR A 46 2.95 47.01 12.52
CA THR A 46 3.17 47.28 11.10
C THR A 46 2.53 46.25 10.19
N ASN A 47 2.61 44.97 10.54
CA ASN A 47 2.02 43.90 9.75
C ASN A 47 0.88 43.26 10.53
N LEU A 48 -0.29 43.18 9.90
CA LEU A 48 -1.46 42.57 10.51
C LEU A 48 -1.86 41.34 9.71
N THR A 49 -2.03 40.22 10.40
CA THR A 49 -2.41 38.96 9.77
C THR A 49 -3.83 38.63 10.21
N LEU A 50 -4.74 38.54 9.23
CA LEU A 50 -6.15 38.25 9.47
C LEU A 50 -6.65 37.20 8.48
N THR A 51 -5.95 36.07 8.43
CA THR A 51 -6.25 34.98 7.52
C THR A 51 -7.50 34.23 7.95
N ILE A 52 -7.68 33.01 7.43
CA ILE A 52 -8.94 32.28 7.50
C ILE A 52 -9.56 32.35 8.89
N ASN A 53 -10.76 32.90 8.96
CA ASN A 53 -11.46 33.16 10.22
C ASN A 53 -12.95 33.23 9.91
N HIS A 54 -13.72 33.81 10.84
CA HIS A 54 -15.16 33.98 10.68
C HIS A 54 -15.54 35.46 10.77
N ILE A 55 -14.74 36.32 10.16
CA ILE A 55 -15.02 37.76 10.14
C ILE A 55 -16.19 38.03 9.20
N PRO A 56 -17.27 38.66 9.69
CA PRO A 56 -18.42 38.88 8.80
C PRO A 56 -18.19 39.98 7.78
N ASP A 57 -17.57 41.08 8.17
CA ASP A 57 -17.39 42.23 7.28
C ASP A 57 -16.23 43.07 7.81
N ILE A 58 -15.98 44.20 7.13
CA ILE A 58 -14.90 45.12 7.51
C ILE A 58 -15.53 46.47 7.79
N SER A 59 -15.20 47.05 8.95
CA SER A 59 -15.72 48.33 9.37
C SER A 59 -14.62 49.40 9.39
N PRO A 60 -14.96 50.66 9.14
CA PRO A 60 -13.94 51.72 9.22
C PRO A 60 -13.31 51.85 10.59
N ALA A 61 -14.05 51.53 11.66
CA ALA A 61 -13.51 51.62 13.00
C ALA A 61 -12.53 50.50 13.33
N SER A 62 -12.39 49.50 12.46
CA SER A 62 -11.44 48.41 12.71
C SER A 62 -10.01 48.93 12.74
N PHE A 63 -9.67 49.84 11.82
CA PHE A 63 -8.34 50.43 11.73
C PHE A 63 -8.39 51.92 12.00
N HIS A 64 -9.19 52.33 13.00
CA HIS A 64 -9.33 53.74 13.32
C HIS A 64 -8.08 54.27 14.03
N ARG A 65 -7.69 53.63 15.13
CA ARG A 65 -6.53 54.07 15.89
C ARG A 65 -5.21 53.52 15.37
N LEU A 66 -5.25 52.67 14.35
CA LEU A 66 -4.03 52.10 13.76
C LEU A 66 -3.62 52.96 12.58
N VAL A 67 -2.56 53.73 12.74
CA VAL A 67 -2.05 54.60 11.69
C VAL A 67 -0.67 54.18 11.19
N HIS A 68 0.03 53.30 11.90
CA HIS A 68 1.35 52.85 11.48
C HIS A 68 1.30 51.53 10.72
N LEU A 69 0.12 51.02 10.40
CA LEU A 69 0.02 49.76 9.68
C LEU A 69 0.53 49.91 8.25
N VAL A 70 1.41 49.00 7.84
CA VAL A 70 1.95 49.00 6.49
C VAL A 70 1.62 47.73 5.72
N GLU A 71 1.02 46.74 6.36
CA GLU A 71 0.70 45.47 5.70
C GLU A 71 -0.54 44.87 6.35
N ILE A 72 -1.59 44.68 5.56
CA ILE A 72 -2.82 44.05 6.02
C ILE A 72 -3.06 42.81 5.18
N ASP A 73 -3.23 41.67 5.84
CA ASP A 73 -3.48 40.40 5.17
C ASP A 73 -4.88 39.92 5.55
N PHE A 74 -5.70 39.64 4.55
CA PHE A 74 -7.07 39.19 4.73
C PHE A 74 -7.38 38.01 3.82
N ARG A 75 -6.42 37.09 3.72
CA ARG A 75 -6.48 36.02 2.75
C ARG A 75 -7.43 34.91 3.22
N CYS A 76 -8.32 34.48 2.31
CA CYS A 76 -9.17 33.31 2.53
C CYS A 76 -10.02 33.42 3.79
N ASN A 77 -10.58 34.61 4.03
CA ASN A 77 -11.46 34.79 5.18
C ASN A 77 -12.82 34.14 4.97
N CYS A 78 -13.16 33.76 3.73
CA CYS A 78 -14.42 33.07 3.46
C CYS A 78 -14.22 32.23 2.21
N VAL A 79 -13.96 30.93 2.40
CA VAL A 79 -13.73 30.01 1.30
C VAL A 79 -15.07 29.41 0.89
N PRO A 80 -15.50 29.55 -0.37
CA PRO A 80 -16.77 28.99 -0.86
C PRO A 80 -16.85 27.48 -0.73
N CYS A 90 -19.59 28.50 4.11
CA CYS A 90 -19.23 29.88 4.42
C CYS A 90 -20.46 30.76 4.36
N PRO A 91 -20.50 31.83 5.17
CA PRO A 91 -21.62 32.78 5.09
C PRO A 91 -21.55 33.64 3.84
N ARG A 92 -22.42 34.65 3.75
CA ARG A 92 -22.44 35.54 2.60
C ARG A 92 -21.08 36.21 2.41
N ARG A 93 -20.90 36.80 1.24
CA ARG A 93 -19.63 37.40 0.87
C ARG A 93 -19.29 38.57 1.78
N LEU A 94 -17.99 38.81 1.93
CA LEU A 94 -17.51 39.90 2.78
C LEU A 94 -17.91 41.24 2.20
N GLN A 95 -18.40 42.13 3.06
CA GLN A 95 -18.80 43.48 2.67
C GLN A 95 -17.84 44.48 3.29
N ILE A 96 -17.36 45.42 2.49
CA ILE A 96 -16.42 46.45 2.93
C ILE A 96 -17.15 47.78 2.92
N LYS A 97 -17.20 48.43 4.08
CA LYS A 97 -17.83 49.74 4.17
C LYS A 97 -16.99 50.79 3.46
N PRO A 98 -17.62 51.85 2.94
CA PRO A 98 -16.85 52.91 2.29
C PRO A 98 -15.90 53.59 3.26
N ARG A 99 -14.77 54.06 2.72
CA ARG A 99 -13.74 54.76 3.50
C ARG A 99 -13.23 53.89 4.65
N SER A 100 -13.05 52.60 4.39
CA SER A 100 -12.52 51.68 5.39
C SER A 100 -11.00 51.59 5.37
N PHE A 101 -10.33 52.22 4.40
CA PHE A 101 -8.89 52.16 4.30
C PHE A 101 -8.24 53.53 4.10
N SER A 102 -9.03 54.61 4.00
CA SER A 102 -8.46 55.93 3.78
C SER A 102 -7.64 56.43 4.96
N GLY A 103 -7.89 55.91 6.16
CA GLY A 103 -7.16 56.35 7.33
C GLY A 103 -5.78 55.75 7.49
N LEU A 104 -5.41 54.80 6.63
CA LEU A 104 -4.09 54.16 6.70
C LEU A 104 -3.19 54.82 5.66
N THR A 105 -2.63 55.98 6.04
CA THR A 105 -1.76 56.72 5.14
C THR A 105 -0.43 56.00 4.91
N TYR A 106 -0.02 55.16 5.86
CA TYR A 106 1.23 54.42 5.75
C TYR A 106 1.07 53.04 5.15
N LEU A 107 -0.14 52.67 4.72
CA LEU A 107 -0.37 51.37 4.14
C LEU A 107 0.37 51.23 2.81
N LYS A 108 1.00 50.07 2.61
CA LYS A 108 1.77 49.83 1.39
C LYS A 108 1.36 48.52 0.73
N SER A 109 0.92 47.54 1.51
CA SER A 109 0.55 46.24 1.00
C SER A 109 -0.79 45.82 1.58
N LEU A 110 -1.62 45.20 0.75
CA LEU A 110 -2.94 44.75 1.17
C LEU A 110 -3.30 43.47 0.43
N TYR A 111 -3.76 42.47 1.17
CA TYR A 111 -4.20 41.20 0.61
C TYR A 111 -5.68 41.01 0.90
N LEU A 112 -6.46 40.67 -0.13
CA LEU A 112 -7.88 40.42 0.01
C LEU A 112 -8.30 39.18 -0.76
N ASP A 113 -7.41 38.18 -0.80
CA ASP A 113 -7.67 36.96 -1.54
C ASP A 113 -8.70 36.09 -0.82
N GLY A 114 -9.52 35.40 -1.62
CA GLY A 114 -10.50 34.48 -1.06
C GLY A 114 -11.56 35.14 -0.22
N ASN A 115 -12.11 36.26 -0.68
CA ASN A 115 -13.15 36.97 0.06
C ASN A 115 -14.46 37.07 -0.71
N GLN A 116 -14.57 36.45 -1.89
CA GLN A 116 -15.79 36.46 -2.69
C GLN A 116 -16.25 37.88 -3.01
N LEU A 117 -15.29 38.78 -3.22
CA LEU A 117 -15.62 40.15 -3.57
C LEU A 117 -16.15 40.23 -5.00
N LEU A 118 -17.14 41.09 -5.21
CA LEU A 118 -17.72 41.26 -6.53
C LEU A 118 -17.02 42.33 -7.35
N GLU A 119 -16.61 43.42 -6.71
CA GLU A 119 -15.94 44.53 -7.38
C GLU A 119 -14.70 44.92 -6.60
N ILE A 120 -13.82 45.67 -7.26
CA ILE A 120 -12.60 46.13 -6.61
C ILE A 120 -12.96 47.13 -5.51
N PRO A 121 -12.48 46.96 -4.28
CA PRO A 121 -12.79 47.92 -3.22
C PRO A 121 -12.26 49.31 -3.56
N GLN A 122 -13.02 50.32 -3.15
CA GLN A 122 -12.69 51.72 -3.39
C GLN A 122 -12.20 52.38 -2.12
N GLY A 123 -11.66 53.58 -2.26
CA GLY A 123 -11.16 54.33 -1.14
C GLY A 123 -9.81 53.90 -0.61
N LEU A 124 -9.06 53.13 -1.39
CA LEU A 124 -7.75 52.69 -0.93
C LEU A 124 -6.79 53.88 -0.85
N PRO A 125 -5.86 53.88 0.11
CA PRO A 125 -4.94 55.01 0.23
C PRO A 125 -4.03 55.10 -0.97
N PRO A 126 -3.58 56.30 -1.34
CA PRO A 126 -2.65 56.43 -2.49
C PRO A 126 -1.28 55.84 -2.25
N SER A 127 -0.93 55.51 -1.01
CA SER A 127 0.39 54.96 -0.70
C SER A 127 0.46 53.46 -0.93
N LEU A 128 -0.63 52.82 -1.34
CA LEU A 128 -0.63 51.39 -1.56
C LEU A 128 0.30 51.01 -2.72
N GLN A 129 1.07 49.94 -2.52
CA GLN A 129 1.99 49.44 -3.53
C GLN A 129 1.65 48.04 -4.02
N LEU A 130 1.02 47.21 -3.19
CA LEU A 130 0.65 45.86 -3.56
C LEU A 130 -0.83 45.64 -3.29
N LEU A 131 -1.49 44.90 -4.18
CA LEU A 131 -2.91 44.60 -4.03
C LEU A 131 -3.17 43.22 -4.60
N SER A 132 -3.72 42.34 -3.75
CA SER A 132 -4.04 40.97 -4.14
C SER A 132 -5.55 40.77 -4.06
N LEU A 133 -6.13 40.28 -5.15
CA LEU A 133 -7.57 40.05 -5.24
C LEU A 133 -7.86 38.70 -5.86
N GLU A 134 -7.05 37.70 -5.53
CA GLU A 134 -7.22 36.36 -6.09
C GLU A 134 -8.41 35.65 -5.44
N ALA A 135 -8.89 34.62 -6.14
CA ALA A 135 -10.00 33.79 -5.66
C ALA A 135 -11.23 34.61 -5.32
N ASN A 136 -11.52 35.61 -6.15
CA ASN A 136 -12.68 36.48 -5.99
C ASN A 136 -13.61 36.32 -7.19
N ASN A 137 -14.68 37.10 -7.19
CA ASN A 137 -15.70 37.07 -8.23
C ASN A 137 -15.68 38.34 -9.07
N ILE A 138 -14.49 38.88 -9.32
CA ILE A 138 -14.34 40.09 -10.11
C ILE A 138 -13.94 39.68 -11.52
N PHE A 139 -14.89 39.73 -12.45
CA PHE A 139 -14.65 39.38 -13.84
C PHE A 139 -14.80 40.57 -14.78
N SER A 140 -14.94 41.78 -14.24
CA SER A 140 -15.05 42.99 -15.03
C SER A 140 -14.03 44.00 -14.55
N ILE A 141 -13.31 44.61 -15.48
CA ILE A 141 -12.27 45.59 -15.16
C ILE A 141 -12.60 46.89 -15.88
N ARG A 142 -12.67 47.98 -15.11
CA ARG A 142 -12.98 49.30 -15.63
C ARG A 142 -11.94 50.29 -15.14
N LYS A 143 -11.72 51.34 -15.94
CA LYS A 143 -10.72 52.34 -15.60
C LYS A 143 -11.14 53.19 -14.39
N GLU A 144 -12.45 53.33 -14.16
CA GLU A 144 -12.91 54.12 -13.03
C GLU A 144 -12.46 53.52 -11.71
N GLN A 145 -12.55 52.19 -11.58
CA GLN A 145 -12.11 51.53 -10.35
C GLN A 145 -10.59 51.47 -10.24
N LEU A 146 -9.87 51.57 -11.36
CA LEU A 146 -8.42 51.55 -11.34
C LEU A 146 -7.81 52.96 -11.25
N THR A 147 -8.64 54.00 -11.30
CA THR A 147 -8.11 55.36 -11.20
C THR A 147 -7.44 55.60 -9.85
N GLU A 148 -8.04 55.10 -8.78
CA GLU A 148 -7.47 55.28 -7.44
C GLU A 148 -6.18 54.49 -7.23
N LEU A 149 -5.87 53.54 -8.11
CA LEU A 149 -4.67 52.71 -8.00
C LEU A 149 -3.54 53.21 -8.88
N ALA A 150 -3.44 54.53 -9.08
CA ALA A 150 -2.41 55.07 -9.95
C ALA A 150 -1.00 54.88 -9.41
N ASN A 151 -0.85 54.62 -8.11
CA ASN A 151 0.45 54.45 -7.49
C ASN A 151 0.75 52.99 -7.16
N ILE A 152 -0.07 52.05 -7.65
CA ILE A 152 0.17 50.64 -7.36
C ILE A 152 1.37 50.14 -8.18
N GLU A 153 2.00 49.10 -7.66
CA GLU A 153 3.16 48.49 -8.31
C GLU A 153 2.93 47.03 -8.67
N ILE A 154 2.33 46.26 -7.76
CA ILE A 154 2.07 44.84 -7.98
C ILE A 154 0.57 44.61 -7.86
N LEU A 155 -0.01 43.97 -8.88
CA LEU A 155 -1.43 43.68 -8.92
C LEU A 155 -1.64 42.18 -9.12
N TYR A 156 -2.49 41.59 -8.29
CA TYR A 156 -2.81 40.17 -8.37
C TYR A 156 -4.33 40.04 -8.52
N LEU A 157 -4.77 39.73 -9.74
CA LEU A 157 -6.20 39.57 -10.03
C LEU A 157 -6.50 38.18 -10.59
N GLY A 158 -5.64 37.20 -10.34
CA GLY A 158 -5.80 35.89 -10.92
C GLY A 158 -6.81 35.02 -10.19
N GLN A 159 -7.08 33.86 -10.80
CA GLN A 159 -7.99 32.85 -10.23
C GLN A 159 -9.37 33.43 -9.93
N ASN A 160 -9.88 34.26 -10.84
CA ASN A 160 -11.20 34.85 -10.67
C ASN A 160 -12.29 34.09 -11.41
N CYS A 161 -11.95 33.34 -12.45
CA CYS A 161 -12.94 32.56 -13.20
C CYS A 161 -12.22 31.39 -13.85
N TYR A 162 -12.37 30.21 -13.25
CA TYR A 162 -11.79 28.97 -13.78
C TYR A 162 -12.59 27.80 -13.22
N TYR A 163 -12.10 26.58 -13.44
CA TYR A 163 -12.91 25.40 -13.12
C TYR A 163 -13.18 25.26 -11.63
N ARG A 164 -12.26 25.70 -10.77
CA ARG A 164 -12.50 25.62 -9.34
C ARG A 164 -13.46 26.70 -8.86
N ASN A 165 -13.38 27.89 -9.45
CA ASN A 165 -14.22 29.02 -9.07
C ASN A 165 -14.87 29.58 -10.33
N PRO A 166 -15.90 28.91 -10.85
CA PRO A 166 -16.51 29.33 -12.11
C PRO A 166 -17.33 30.59 -11.97
N CYS A 167 -17.43 31.33 -13.07
CA CYS A 167 -18.28 32.51 -13.16
C CYS A 167 -19.10 32.56 -14.44
N TYR A 168 -18.88 31.65 -15.39
CA TYR A 168 -19.67 31.48 -16.61
C TYR A 168 -19.66 32.71 -17.51
N VAL A 169 -18.77 33.67 -17.27
CA VAL A 169 -18.65 34.86 -18.10
C VAL A 169 -17.18 35.07 -18.44
N SER A 170 -16.91 35.34 -19.71
CA SER A 170 -15.55 35.62 -20.14
C SER A 170 -15.06 36.95 -19.52
N TYR A 171 -13.77 37.00 -19.22
CA TYR A 171 -13.18 38.19 -18.63
C TYR A 171 -13.32 39.37 -19.58
N SER A 172 -13.71 40.52 -19.03
CA SER A 172 -13.91 41.74 -19.80
C SER A 172 -13.00 42.83 -19.23
N ILE A 173 -12.13 43.37 -20.08
CA ILE A 173 -11.25 44.48 -19.71
C ILE A 173 -11.46 45.59 -20.72
N GLU A 174 -11.77 46.78 -20.22
CA GLU A 174 -11.98 47.92 -21.12
C GLU A 174 -10.65 48.39 -21.70
N LYS A 175 -10.74 49.14 -22.79
CA LYS A 175 -9.54 49.58 -23.50
C LYS A 175 -8.70 50.50 -22.63
N ASP A 176 -7.39 50.26 -22.63
CA ASP A 176 -6.41 51.08 -21.91
C ASP A 176 -6.75 51.17 -20.42
N ALA A 177 -7.20 50.05 -19.84
CA ALA A 177 -7.54 50.03 -18.43
C ALA A 177 -6.29 50.19 -17.56
N PHE A 178 -5.20 49.52 -17.93
CA PHE A 178 -3.96 49.56 -17.16
C PHE A 178 -2.96 50.58 -17.71
N LEU A 179 -3.36 51.38 -18.71
CA LEU A 179 -2.41 52.28 -19.35
C LEU A 179 -1.91 53.35 -18.37
N ASN A 180 -2.81 53.90 -17.55
CA ASN A 180 -2.45 55.01 -16.68
C ASN A 180 -1.75 54.56 -15.40
N LEU A 181 -1.63 53.25 -15.18
CA LEU A 181 -0.89 52.73 -14.02
C LEU A 181 0.60 52.77 -14.35
N THR A 182 1.17 53.98 -14.28
CA THR A 182 2.56 54.16 -14.66
C THR A 182 3.52 53.46 -13.71
N LYS A 183 3.11 53.23 -12.47
CA LYS A 183 3.96 52.59 -11.47
C LYS A 183 3.81 51.07 -11.48
N LEU A 184 2.97 50.51 -12.35
CA LEU A 184 2.76 49.08 -12.37
C LEU A 184 4.02 48.35 -12.81
N LYS A 185 4.36 47.27 -12.11
CA LYS A 185 5.53 46.45 -12.41
C LYS A 185 5.19 44.99 -12.61
N VAL A 186 4.28 44.43 -11.82
CA VAL A 186 3.90 43.03 -11.90
C VAL A 186 2.39 42.95 -12.05
N LEU A 187 1.93 42.20 -13.06
CA LEU A 187 0.51 41.98 -13.30
C LEU A 187 0.25 40.50 -13.52
N SER A 188 -0.74 39.96 -12.82
CA SER A 188 -1.10 38.55 -12.92
C SER A 188 -2.57 38.42 -13.27
N LEU A 189 -2.87 37.60 -14.28
CA LEU A 189 -4.22 37.35 -14.73
C LEU A 189 -4.44 35.86 -14.97
N LYS A 190 -3.86 35.02 -14.11
CA LYS A 190 -3.95 33.58 -14.30
C LYS A 190 -5.33 33.07 -13.93
N ASP A 191 -5.81 32.08 -14.69
CA ASP A 191 -7.08 31.40 -14.42
C ASP A 191 -8.23 32.40 -14.33
N ASN A 192 -8.22 33.40 -15.21
CA ASN A 192 -9.25 34.43 -15.21
C ASN A 192 -10.15 34.37 -16.44
N ASN A 193 -10.07 33.29 -17.23
CA ASN A 193 -10.90 33.10 -18.41
C ASN A 193 -10.73 34.25 -19.40
N VAL A 194 -9.50 34.76 -19.50
CA VAL A 194 -9.20 35.88 -20.39
C VAL A 194 -9.11 35.37 -21.82
N THR A 195 -9.72 36.09 -22.75
CA THR A 195 -9.71 35.74 -24.16
C THR A 195 -8.71 36.56 -24.97
N THR A 196 -8.56 37.84 -24.65
CA THR A 196 -7.67 38.73 -25.39
C THR A 196 -6.74 39.44 -24.40
N VAL A 197 -5.48 39.57 -24.79
CA VAL A 197 -4.50 40.27 -23.93
C VAL A 197 -4.94 41.72 -23.76
N PRO A 198 -4.97 42.24 -22.53
CA PRO A 198 -5.53 43.60 -22.32
C PRO A 198 -4.60 44.71 -22.77
N THR A 199 -4.64 45.02 -24.07
CA THR A 199 -3.93 46.19 -24.58
C THR A 199 -4.63 47.47 -24.14
N VAL A 200 -3.85 48.49 -23.82
CA VAL A 200 -2.39 48.51 -23.88
C VAL A 200 -1.80 48.52 -22.47
N LEU A 201 -0.92 47.56 -22.20
CA LEU A 201 -0.28 47.46 -20.91
C LEU A 201 0.74 48.60 -20.74
N PRO A 202 0.99 49.03 -19.50
CA PRO A 202 1.98 50.10 -19.28
C PRO A 202 3.37 49.65 -19.68
N SER A 203 4.17 50.61 -20.13
CA SER A 203 5.52 50.32 -20.61
C SER A 203 6.49 49.97 -19.47
N THR A 204 6.09 50.15 -18.22
CA THR A 204 6.95 49.86 -17.09
C THR A 204 6.75 48.44 -16.54
N LEU A 205 5.94 47.62 -17.21
CA LEU A 205 5.71 46.26 -16.74
C LEU A 205 6.99 45.44 -16.83
N THR A 206 7.23 44.62 -15.81
CA THR A 206 8.39 43.74 -15.77
C THR A 206 8.01 42.26 -15.76
N GLU A 207 6.91 41.89 -15.09
CA GLU A 207 6.44 40.52 -15.04
C GLU A 207 4.98 40.48 -15.46
N LEU A 208 4.68 39.65 -16.46
CA LEU A 208 3.31 39.47 -16.94
C LEU A 208 2.94 38.00 -16.82
N TYR A 209 1.79 37.74 -16.21
CA TYR A 209 1.31 36.38 -15.96
C TYR A 209 -0.09 36.24 -16.56
N LEU A 210 -0.16 35.75 -17.79
CA LEU A 210 -1.42 35.52 -18.48
C LEU A 210 -1.69 34.04 -18.71
N TYR A 211 -1.09 33.17 -17.90
CA TYR A 211 -1.19 31.74 -18.16
C TYR A 211 -2.50 31.17 -17.65
N ASN A 212 -2.81 29.95 -18.10
CA ASN A 212 -4.03 29.24 -17.74
C ASN A 212 -5.28 30.04 -18.10
N ASN A 213 -5.27 30.64 -19.28
CA ASN A 213 -6.39 31.42 -19.79
C ASN A 213 -6.90 30.78 -21.08
N MET A 214 -7.86 31.47 -21.72
CA MET A 214 -8.46 31.01 -22.97
C MET A 214 -8.03 31.86 -24.16
N ILE A 215 -6.80 32.38 -24.13
CA ILE A 215 -6.30 33.17 -25.24
C ILE A 215 -5.97 32.25 -26.41
N ALA A 216 -6.52 32.56 -27.58
CA ALA A 216 -6.32 31.74 -28.77
C ALA A 216 -5.38 32.36 -29.79
N GLU A 217 -5.25 33.69 -29.81
CA GLU A 217 -4.40 34.36 -30.78
C GLU A 217 -3.62 35.47 -30.09
N ILE A 218 -2.48 35.81 -30.68
CA ILE A 218 -1.62 36.89 -30.21
C ILE A 218 -1.43 37.87 -31.35
N GLN A 219 -1.62 39.16 -31.06
CA GLN A 219 -1.46 40.18 -32.08
C GLN A 219 0.00 40.65 -32.14
N GLU A 220 0.37 41.19 -33.30
CA GLU A 220 1.73 41.68 -33.49
C GLU A 220 2.02 42.93 -32.66
N ASP A 221 0.98 43.67 -32.27
CA ASP A 221 1.13 44.85 -31.42
C ASP A 221 0.80 44.56 -29.97
N ASP A 222 0.66 43.28 -29.60
CA ASP A 222 0.29 42.93 -28.23
C ASP A 222 1.34 43.39 -27.23
N PHE A 223 2.61 43.19 -27.55
CA PHE A 223 3.73 43.59 -26.69
C PHE A 223 4.61 44.62 -27.38
N ASN A 224 3.98 45.59 -28.06
CA ASN A 224 4.73 46.56 -28.84
C ASN A 224 5.43 47.59 -27.96
N ASN A 225 4.85 47.92 -26.80
CA ASN A 225 5.39 48.95 -25.94
C ASN A 225 6.15 48.41 -24.75
N LEU A 226 6.09 47.10 -24.49
CA LEU A 226 6.76 46.51 -23.34
C LEU A 226 8.23 46.30 -23.68
N ASN A 227 9.10 47.17 -23.14
CA ASN A 227 10.54 47.03 -23.33
C ASN A 227 11.29 46.64 -22.08
N GLN A 228 10.71 46.82 -20.90
CA GLN A 228 11.33 46.44 -19.64
C GLN A 228 10.80 45.12 -19.09
N LEU A 229 10.00 44.41 -19.87
CA LEU A 229 9.46 43.12 -19.42
C LEU A 229 10.57 42.10 -19.26
N GLN A 230 10.50 41.34 -18.18
CA GLN A 230 11.50 40.32 -17.88
C GLN A 230 10.92 38.91 -17.80
N ILE A 231 9.70 38.76 -17.29
CA ILE A 231 9.05 37.46 -17.16
C ILE A 231 7.73 37.51 -17.91
N LEU A 232 7.54 36.57 -18.83
CA LEU A 232 6.30 36.46 -19.59
C LEU A 232 5.79 35.02 -19.51
N ASP A 233 4.52 34.87 -19.16
CA ASP A 233 3.89 33.56 -19.01
C ASP A 233 2.69 33.48 -19.94
N LEU A 234 2.64 32.41 -20.74
CA LEU A 234 1.53 32.18 -21.66
C LEU A 234 1.08 30.72 -21.62
N SER A 235 1.23 30.07 -20.47
CA SER A 235 0.91 28.66 -20.35
C SER A 235 -0.60 28.44 -20.34
N GLY A 236 -1.00 27.21 -20.67
CA GLY A 236 -2.39 26.81 -20.58
C GLY A 236 -3.29 27.34 -21.68
N ASN A 237 -2.77 28.16 -22.59
CA ASN A 237 -3.57 28.66 -23.70
C ASN A 237 -3.53 27.63 -24.82
N CYS A 238 -4.71 27.08 -25.12
CA CYS A 238 -4.79 26.00 -26.10
C CYS A 238 -3.93 24.88 -25.53
N PRO A 239 -4.28 24.27 -24.38
CA PRO A 239 -3.37 23.34 -23.72
C PRO A 239 -3.48 21.93 -24.29
N ARG A 240 -2.50 21.10 -23.93
CA ARG A 240 -2.51 19.68 -24.26
C ARG A 240 -3.32 18.93 -23.22
N CYS A 241 -4.51 18.47 -23.62
CA CYS A 241 -5.48 17.91 -22.68
C CYS A 241 -5.45 16.40 -22.58
N TYR A 242 -4.48 15.74 -23.22
CA TYR A 242 -4.42 14.29 -23.15
C TYR A 242 -3.97 13.84 -21.77
N ASN A 243 -4.73 12.91 -21.18
CA ASN A 243 -4.42 12.34 -19.86
C ASN A 243 -4.28 13.44 -18.81
N ALA A 244 -5.13 14.45 -18.90
CA ALA A 244 -5.10 15.56 -17.95
C ALA A 244 -5.91 15.20 -16.71
N PRO A 245 -5.32 15.26 -15.53
CA PRO A 245 -6.06 14.92 -14.31
C PRO A 245 -6.93 16.07 -13.81
N PHE A 246 -7.00 17.15 -14.59
CA PHE A 246 -7.80 18.31 -14.24
C PHE A 246 -8.60 18.72 -15.45
N PRO A 247 -9.76 19.37 -15.25
CA PRO A 247 -10.57 19.81 -16.38
C PRO A 247 -9.81 20.81 -17.25
N CYS A 248 -9.99 20.68 -18.56
CA CYS A 248 -9.36 21.58 -19.52
C CYS A 248 -10.08 21.52 -20.86
N THR A 249 -10.06 22.57 -21.65
CA THR A 249 -10.72 22.40 -22.96
C THR A 249 -9.71 22.67 -24.06
N PRO A 250 -9.39 21.68 -24.91
CA PRO A 250 -8.51 21.93 -26.01
C PRO A 250 -9.11 23.00 -26.91
N CYS A 251 -8.29 23.73 -27.64
CA CYS A 251 -8.83 24.70 -28.63
C CYS A 251 -9.39 23.88 -29.78
N LYS A 252 -10.00 24.50 -30.78
CA LYS A 252 -10.66 23.72 -31.84
C LYS A 252 -9.61 23.08 -32.75
N ASN A 253 -9.93 21.97 -33.37
CA ASN A 253 -9.01 21.34 -34.34
C ASN A 253 -7.65 21.18 -33.67
N ASN A 254 -7.63 21.03 -32.35
CA ASN A 254 -6.34 20.96 -31.63
C ASN A 254 -5.38 21.96 -32.27
N SER A 255 -5.84 23.17 -32.57
CA SER A 255 -4.97 24.21 -33.14
C SER A 255 -3.99 24.67 -32.08
N PRO A 256 -2.78 25.13 -32.46
CA PRO A 256 -1.82 25.67 -31.51
C PRO A 256 -2.07 27.15 -31.26
N LEU A 257 -1.46 27.65 -30.19
CA LEU A 257 -1.56 29.07 -29.84
C LEU A 257 -0.85 29.88 -30.92
N GLN A 258 -1.63 30.58 -31.74
CA GLN A 258 -1.09 31.30 -32.89
C GLN A 258 -0.30 32.52 -32.40
N ILE A 259 1.02 32.45 -32.51
CA ILE A 259 1.92 33.53 -32.14
C ILE A 259 2.65 33.99 -33.39
N PRO A 260 2.55 35.25 -33.78
CA PRO A 260 3.25 35.71 -34.99
C PRO A 260 4.76 35.68 -34.81
N VAL A 261 5.46 35.62 -35.94
CA VAL A 261 6.91 35.59 -35.92
C VAL A 261 7.47 36.88 -35.32
N ASN A 262 6.87 38.02 -35.66
CA ASN A 262 7.30 39.31 -35.14
C ASN A 262 6.50 39.71 -33.90
N ALA A 263 6.46 38.82 -32.90
CA ALA A 263 5.74 39.08 -31.67
C ALA A 263 6.65 39.55 -30.54
N PHE A 264 7.73 38.83 -30.28
CA PHE A 264 8.69 39.21 -29.24
C PHE A 264 9.81 40.08 -29.81
N ASP A 265 9.43 41.15 -30.49
CA ASP A 265 10.40 42.06 -31.09
C ASP A 265 10.75 43.20 -30.14
N ALA A 266 9.75 43.85 -29.54
CA ALA A 266 10.01 44.94 -28.61
C ALA A 266 10.63 44.45 -27.30
N LEU A 267 10.47 43.18 -26.99
CA LEU A 267 11.06 42.61 -25.77
C LEU A 267 12.57 42.48 -25.95
N THR A 268 13.33 43.22 -25.16
CA THR A 268 14.79 43.15 -25.19
C THR A 268 15.41 42.73 -23.86
N GLU A 269 14.73 42.98 -22.74
CA GLU A 269 15.20 42.58 -21.43
C GLU A 269 14.53 41.33 -20.91
N LEU A 270 13.79 40.62 -21.76
CA LEU A 270 13.11 39.41 -21.33
C LEU A 270 14.12 38.35 -20.90
N LYS A 271 13.85 37.72 -19.75
CA LYS A 271 14.73 36.71 -19.19
C LYS A 271 14.06 35.36 -18.97
N VAL A 272 12.77 35.33 -18.66
CA VAL A 272 12.03 34.09 -18.43
C VAL A 272 10.83 34.09 -19.36
N LEU A 273 10.72 33.03 -20.18
CA LEU A 273 9.61 32.85 -21.08
C LEU A 273 9.04 31.45 -20.89
N ARG A 274 7.76 31.37 -20.55
CA ARG A 274 7.09 30.10 -20.31
C ARG A 274 6.04 29.87 -21.39
N LEU A 275 6.15 28.74 -22.09
CA LEU A 275 5.18 28.34 -23.10
C LEU A 275 4.68 26.93 -22.84
N HIS A 276 4.67 26.52 -21.57
CA HIS A 276 4.27 25.16 -21.21
C HIS A 276 2.78 24.95 -21.50
N SER A 277 2.47 23.77 -22.03
CA SER A 277 1.09 23.37 -22.32
C SER A 277 0.41 24.37 -23.25
N ASN A 278 0.95 24.50 -24.45
CA ASN A 278 0.41 25.38 -25.47
C ASN A 278 0.08 24.65 -26.77
N SER A 279 0.24 23.32 -26.82
CA SER A 279 -0.02 22.52 -28.02
C SER A 279 0.79 23.01 -29.22
N LEU A 280 1.99 23.52 -28.96
CA LEU A 280 2.83 24.02 -30.04
C LEU A 280 3.40 22.87 -30.86
N GLN A 281 3.52 23.09 -32.17
CA GLN A 281 4.09 22.11 -33.07
C GLN A 281 5.42 22.55 -33.67
N HIS A 282 5.60 23.84 -33.92
CA HIS A 282 6.85 24.38 -34.44
C HIS A 282 7.25 25.60 -33.63
N VAL A 283 8.56 25.79 -33.48
CA VAL A 283 9.12 26.93 -32.80
C VAL A 283 10.00 27.70 -33.79
N PRO A 284 9.46 28.72 -34.44
CA PRO A 284 10.23 29.47 -35.44
C PRO A 284 11.42 30.17 -34.80
N PRO A 285 12.57 30.20 -35.47
CA PRO A 285 13.72 30.95 -34.93
C PRO A 285 13.48 32.46 -34.88
N ARG A 286 12.51 32.97 -35.63
CA ARG A 286 12.25 34.41 -35.64
C ARG A 286 11.77 34.93 -34.30
N TRP A 287 11.19 34.06 -33.46
CA TRP A 287 10.73 34.49 -32.15
C TRP A 287 11.88 34.99 -31.28
N PHE A 288 13.01 34.30 -31.32
CA PHE A 288 14.15 34.60 -30.47
C PHE A 288 15.20 35.46 -31.17
N LYS A 289 14.82 36.17 -32.24
CA LYS A 289 15.78 37.02 -32.93
C LYS A 289 16.20 38.21 -32.08
N ASN A 290 15.24 38.83 -31.38
CA ASN A 290 15.52 40.04 -30.62
C ASN A 290 15.87 39.77 -29.17
N ILE A 291 15.33 38.71 -28.58
CA ILE A 291 15.61 38.40 -27.17
C ILE A 291 16.92 37.64 -27.05
N ASN A 292 18.02 38.38 -26.94
CA ASN A 292 19.34 37.77 -26.83
C ASN A 292 19.74 37.47 -25.38
N ASN A 293 19.01 38.01 -24.40
CA ASN A 293 19.33 37.82 -23.00
C ASN A 293 18.39 36.83 -22.30
N LEU A 294 17.71 35.99 -23.06
CA LEU A 294 16.82 35.00 -22.46
C LEU A 294 17.62 34.00 -21.63
N GLN A 295 17.10 33.69 -20.44
CA GLN A 295 17.77 32.80 -19.50
C GLN A 295 17.02 31.50 -19.28
N GLU A 296 15.72 31.56 -19.00
CA GLU A 296 14.91 30.37 -18.76
C GLU A 296 13.81 30.28 -19.82
N LEU A 297 13.72 29.13 -20.47
CA LEU A 297 12.70 28.89 -21.49
C LEU A 297 11.97 27.59 -21.17
N ASP A 298 10.64 27.65 -21.18
CA ASP A 298 9.80 26.50 -20.89
C ASP A 298 9.00 26.14 -22.13
N LEU A 299 9.09 24.87 -22.54
CA LEU A 299 8.36 24.39 -23.71
C LEU A 299 7.75 23.02 -23.45
N SER A 300 7.36 22.74 -22.21
CA SER A 300 6.84 21.44 -21.84
C SER A 300 5.38 21.28 -22.26
N GLN A 301 4.85 20.08 -22.15
CA GLN A 301 3.46 19.75 -22.55
C GLN A 301 3.14 20.34 -23.91
N ASN A 302 3.98 20.11 -24.91
CA ASN A 302 3.69 20.53 -26.26
C ASN A 302 3.82 19.32 -27.20
N PHE A 303 3.74 19.58 -28.50
CA PHE A 303 3.89 18.56 -29.54
C PHE A 303 5.17 18.78 -30.33
N LEU A 304 6.25 19.15 -29.64
CA LEU A 304 7.52 19.46 -30.28
C LEU A 304 8.46 18.26 -30.37
N ALA A 305 7.91 17.04 -30.43
CA ALA A 305 8.75 15.86 -30.57
C ALA A 305 9.54 15.90 -31.88
N LYS A 306 8.90 16.30 -32.97
CA LYS A 306 9.61 16.47 -34.23
C LYS A 306 10.54 17.68 -34.20
N GLU A 307 10.15 18.73 -33.47
CA GLU A 307 10.97 19.94 -33.42
C GLU A 307 12.27 19.72 -32.65
N ILE A 308 12.26 18.81 -31.67
CA ILE A 308 13.49 18.50 -30.94
C ILE A 308 14.55 17.96 -31.89
N GLY A 309 14.14 17.15 -32.86
CA GLY A 309 15.08 16.66 -33.85
C GLY A 309 15.69 17.75 -34.71
N ASP A 310 14.94 18.83 -34.94
CA ASP A 310 15.44 19.96 -35.71
C ASP A 310 16.03 21.04 -34.81
N ALA A 311 15.20 21.62 -33.94
CA ALA A 311 15.64 22.59 -32.93
C ALA A 311 16.47 23.72 -33.55
N LYS A 312 15.99 24.24 -34.68
CA LYS A 312 16.73 25.30 -35.37
C LYS A 312 16.73 26.59 -34.56
N PHE A 313 15.74 26.79 -33.70
CA PHE A 313 15.64 28.01 -32.91
C PHE A 313 16.71 28.09 -31.82
N LEU A 314 17.37 26.98 -31.49
CA LEU A 314 18.35 26.98 -30.41
C LEU A 314 19.62 27.77 -30.76
N HIS A 315 19.84 28.08 -32.04
CA HIS A 315 21.01 28.86 -32.43
C HIS A 315 20.93 30.31 -31.99
N PHE A 316 19.75 30.78 -31.57
CA PHE A 316 19.55 32.17 -31.17
C PHE A 316 19.46 32.33 -29.66
N LEU A 317 19.89 31.32 -28.90
CA LEU A 317 19.85 31.36 -27.43
C LEU A 317 21.22 31.01 -26.88
N PRO A 318 22.19 31.92 -26.97
CA PRO A 318 23.52 31.63 -26.43
C PRO A 318 23.62 31.82 -24.92
N ASN A 319 22.71 32.59 -24.30
CA ASN A 319 22.74 32.87 -22.88
C ASN A 319 21.69 32.09 -22.11
N LEU A 320 21.10 31.07 -22.72
CA LEU A 320 20.06 30.29 -22.04
C LEU A 320 20.67 29.52 -20.87
N ILE A 321 19.94 29.52 -19.75
CA ILE A 321 20.36 28.83 -18.54
C ILE A 321 19.54 27.57 -18.30
N GLN A 322 18.21 27.69 -18.40
CA GLN A 322 17.30 26.58 -18.16
C GLN A 322 16.51 26.30 -19.42
N LEU A 323 16.37 25.02 -19.77
CA LEU A 323 15.58 24.59 -20.93
C LEU A 323 14.73 23.41 -20.50
N ASP A 324 13.41 23.56 -20.62
CA ASP A 324 12.46 22.52 -20.26
C ASP A 324 11.74 22.05 -21.51
N LEU A 325 11.80 20.75 -21.78
CA LEU A 325 11.14 20.13 -22.92
C LEU A 325 10.44 18.85 -22.48
N SER A 326 9.86 18.87 -21.29
CA SER A 326 9.31 17.66 -20.69
C SER A 326 7.93 17.34 -21.25
N PHE A 327 7.66 16.04 -21.42
CA PHE A 327 6.34 15.53 -21.79
C PHE A 327 5.87 16.09 -23.14
N ASN A 328 6.67 15.80 -24.17
CA ASN A 328 6.33 16.12 -25.54
C ASN A 328 6.15 14.87 -26.40
N PHE A 329 5.81 13.75 -25.75
CA PHE A 329 5.68 12.48 -26.46
C PHE A 329 4.49 12.53 -27.42
N GLU A 330 4.63 11.83 -28.55
CA GLU A 330 3.56 11.69 -29.52
C GLU A 330 2.60 10.60 -29.09
N LEU A 331 1.35 10.73 -29.51
CA LEU A 331 0.29 9.78 -29.16
C LEU A 331 0.46 8.51 -29.98
N GLN A 332 0.38 7.36 -29.31
CA GLN A 332 0.45 6.05 -29.96
C GLN A 332 1.77 5.86 -30.70
N VAL A 333 2.83 6.50 -30.22
CA VAL A 333 4.16 6.39 -30.83
C VAL A 333 5.17 6.08 -29.74
N TYR A 334 5.95 5.03 -29.96
CA TYR A 334 7.02 4.61 -29.06
C TYR A 334 8.33 4.70 -29.83
N ARG A 335 9.04 5.80 -29.65
CA ARG A 335 10.29 6.04 -30.38
C ARG A 335 11.34 5.00 -30.03
N ALA A 336 12.14 4.63 -31.03
CA ALA A 336 13.23 3.68 -30.81
C ALA A 336 14.40 4.33 -30.07
N SER A 337 14.62 5.63 -30.29
CA SER A 337 15.74 6.31 -29.67
C SER A 337 15.43 7.81 -29.60
N MET A 338 16.19 8.51 -28.77
CA MET A 338 16.02 9.95 -28.62
C MET A 338 16.75 10.66 -29.75
N ASN A 339 16.04 11.54 -30.45
CA ASN A 339 16.57 12.26 -31.60
C ASN A 339 16.88 13.69 -31.17
N LEU A 340 18.09 13.90 -30.67
CA LEU A 340 18.54 15.22 -30.24
C LEU A 340 19.24 15.93 -31.39
N SER A 341 18.83 17.17 -31.64
CA SER A 341 19.40 17.94 -32.74
C SER A 341 20.85 18.33 -32.45
N GLN A 342 21.62 18.52 -33.52
CA GLN A 342 22.98 18.99 -33.39
C GLN A 342 23.05 20.46 -32.97
N ALA A 343 21.93 21.19 -33.04
CA ALA A 343 21.91 22.59 -32.62
C ALA A 343 21.97 22.74 -31.11
N PHE A 344 21.85 21.66 -30.35
CA PHE A 344 21.96 21.73 -28.89
C PHE A 344 23.36 22.14 -28.45
N SER A 345 24.36 22.01 -29.33
CA SER A 345 25.72 22.42 -28.97
C SER A 345 25.86 23.93 -28.86
N SER A 346 24.90 24.69 -29.38
CA SER A 346 24.95 26.15 -29.31
C SER A 346 24.54 26.69 -27.96
N LEU A 347 23.99 25.86 -27.08
CA LEU A 347 23.60 26.29 -25.74
C LEU A 347 24.83 26.29 -24.85
N LYS A 348 25.66 27.33 -25.05
CA LYS A 348 26.93 27.41 -24.34
C LYS A 348 26.73 27.55 -22.84
N SER A 349 25.77 28.36 -22.42
CA SER A 349 25.55 28.66 -21.00
C SER A 349 24.49 27.77 -20.36
N LEU A 350 24.02 26.74 -21.05
CA LEU A 350 22.98 25.89 -20.49
C LEU A 350 23.48 25.15 -19.25
N LYS A 351 22.64 25.12 -18.21
CA LYS A 351 22.96 24.46 -16.96
C LYS A 351 22.01 23.33 -16.63
N ILE A 352 20.70 23.53 -16.80
CA ILE A 352 19.70 22.53 -16.47
C ILE A 352 18.94 22.17 -17.73
N LEU A 353 18.82 20.86 -17.99
CA LEU A 353 18.11 20.36 -19.16
C LEU A 353 17.18 19.23 -18.73
N ARG A 354 15.91 19.32 -19.12
CA ARG A 354 14.89 18.33 -18.78
C ARG A 354 14.25 17.82 -20.06
N ILE A 355 14.43 16.53 -20.34
CA ILE A 355 13.85 15.91 -21.52
C ILE A 355 12.94 14.76 -21.08
N ARG A 356 12.24 14.97 -19.97
CA ARG A 356 11.30 13.97 -19.49
C ARG A 356 10.12 13.84 -20.46
N GLY A 357 9.37 12.74 -20.31
CA GLY A 357 8.20 12.53 -21.14
C GLY A 357 8.47 12.44 -22.62
N TYR A 358 9.70 12.14 -23.01
CA TYR A 358 10.08 11.93 -24.41
C TYR A 358 10.24 10.45 -24.70
N VAL A 359 9.30 9.66 -24.21
CA VAL A 359 9.39 8.20 -24.09
C VAL A 359 10.02 7.55 -25.31
N PHE A 360 11.06 6.76 -25.08
CA PHE A 360 11.78 6.07 -26.14
C PHE A 360 12.38 4.80 -25.57
N LYS A 361 12.74 3.88 -26.48
CA LYS A 361 13.15 2.54 -26.06
C LYS A 361 14.59 2.52 -25.56
N GLU A 362 15.54 2.87 -26.43
CA GLU A 362 16.96 2.69 -26.13
C GLU A 362 17.70 4.02 -26.18
N LEU A 363 18.59 4.22 -25.22
CA LEU A 363 19.45 5.40 -25.15
C LEU A 363 20.89 4.98 -25.42
N LYS A 364 21.51 5.63 -26.41
CA LYS A 364 22.87 5.30 -26.82
C LYS A 364 23.81 6.46 -26.53
N SER A 365 25.10 6.15 -26.52
CA SER A 365 26.12 7.14 -26.21
C SER A 365 26.17 8.25 -27.26
N PHE A 366 26.06 7.88 -28.54
CA PHE A 366 26.15 8.88 -29.60
C PHE A 366 24.93 9.79 -29.65
N GLN A 367 23.82 9.41 -29.02
CA GLN A 367 22.64 10.26 -29.01
C GLN A 367 22.81 11.47 -28.10
N LEU A 368 23.78 11.43 -27.18
CA LEU A 368 24.07 12.55 -26.28
C LEU A 368 25.29 13.34 -26.73
N SER A 369 25.75 13.12 -27.97
CA SER A 369 26.92 13.85 -28.46
C SER A 369 26.76 15.37 -28.45
N PRO A 370 25.61 15.97 -28.81
CA PRO A 370 25.53 17.44 -28.77
C PRO A 370 25.78 18.03 -27.40
N LEU A 371 25.50 17.29 -26.33
CA LEU A 371 25.69 17.77 -24.97
C LEU A 371 27.10 17.52 -24.44
N HIS A 372 27.99 16.94 -25.27
CA HIS A 372 29.34 16.63 -24.80
C HIS A 372 30.19 17.88 -24.60
N ASN A 373 29.91 18.97 -25.32
CA ASN A 373 30.71 20.17 -25.27
C ASN A 373 30.10 21.26 -24.41
N LEU A 374 29.05 20.95 -23.65
CA LEU A 374 28.41 21.93 -22.77
C LEU A 374 29.19 21.95 -21.46
N GLN A 375 30.05 22.97 -21.31
CA GLN A 375 30.90 23.04 -20.12
C GLN A 375 30.11 23.38 -18.86
N ASN A 376 29.07 24.22 -18.99
CA ASN A 376 28.32 24.68 -17.84
C ASN A 376 27.13 23.80 -17.50
N LEU A 377 26.94 22.69 -18.21
CA LEU A 377 25.82 21.79 -17.92
C LEU A 377 26.03 21.09 -16.59
N GLU A 378 25.02 21.13 -15.73
CA GLU A 378 25.08 20.51 -14.42
C GLU A 378 24.02 19.43 -14.22
N VAL A 379 22.78 19.71 -14.57
CA VAL A 379 21.65 18.80 -14.34
C VAL A 379 21.14 18.31 -15.69
N LEU A 380 21.03 17.00 -15.83
CA LEU A 380 20.49 16.36 -17.03
C LEU A 380 19.33 15.45 -16.60
N ASP A 381 18.10 15.91 -16.80
CA ASP A 381 16.92 15.17 -16.38
C ASP A 381 16.43 14.31 -17.54
N LEU A 382 16.33 13.00 -17.30
CA LEU A 382 15.86 12.08 -18.33
C LEU A 382 14.88 11.06 -17.76
N GLY A 383 14.27 11.33 -16.60
CA GLY A 383 13.36 10.39 -15.99
C GLY A 383 12.00 10.35 -16.67
N THR A 384 11.25 9.30 -16.34
CA THR A 384 9.92 9.06 -16.88
C THR A 384 9.95 9.03 -18.41
N ASN A 385 10.84 8.19 -18.93
CA ASN A 385 10.99 8.02 -20.37
C ASN A 385 10.87 6.58 -20.83
N PHE A 386 10.67 5.63 -19.90
CA PHE A 386 10.52 4.21 -20.24
C PHE A 386 11.71 3.70 -21.06
N ILE A 387 12.90 4.15 -20.69
CA ILE A 387 14.11 3.70 -21.36
C ILE A 387 14.40 2.26 -20.96
N LYS A 388 14.55 1.39 -21.96
CA LYS A 388 14.76 -0.03 -21.69
C LYS A 388 16.24 -0.38 -21.65
N ILE A 389 16.99 -0.03 -22.70
CA ILE A 389 18.41 -0.34 -22.79
C ILE A 389 19.17 0.96 -22.65
N ALA A 390 20.11 1.00 -21.69
CA ALA A 390 20.91 2.20 -21.45
C ALA A 390 22.24 1.76 -20.84
N ASN A 391 23.32 1.91 -21.61
CA ASN A 391 24.64 1.57 -21.12
C ASN A 391 25.13 2.66 -20.17
N LEU A 392 25.30 2.32 -18.89
CA LEU A 392 25.71 3.30 -17.90
C LEU A 392 27.14 3.78 -18.11
N SER A 393 27.95 3.04 -18.86
CA SER A 393 29.32 3.45 -19.13
C SER A 393 29.41 4.67 -20.04
N MET A 394 28.31 5.03 -20.71
CA MET A 394 28.31 6.20 -21.58
C MET A 394 28.36 7.52 -20.81
N PHE A 395 28.15 7.48 -19.50
CA PHE A 395 28.16 8.69 -18.68
C PHE A 395 29.55 9.04 -18.18
N LYS A 396 30.58 8.28 -18.57
CA LYS A 396 31.94 8.60 -18.14
C LYS A 396 32.39 9.94 -18.69
N GLN A 397 31.80 10.39 -19.80
CA GLN A 397 32.14 11.70 -20.35
C GLN A 397 31.46 12.84 -19.61
N PHE A 398 30.39 12.57 -18.87
CA PHE A 398 29.69 13.59 -18.10
C PHE A 398 30.18 13.66 -16.66
N LYS A 399 31.50 13.80 -16.49
CA LYS A 399 32.05 13.91 -15.15
C LYS A 399 31.70 15.25 -14.51
N ARG A 400 31.69 16.33 -15.32
CA ARG A 400 31.38 17.66 -14.81
C ARG A 400 29.92 17.81 -14.41
N LEU A 401 29.05 16.90 -14.82
CA LEU A 401 27.64 16.99 -14.46
C LEU A 401 27.46 16.78 -12.96
N LYS A 402 26.49 17.49 -12.40
CA LYS A 402 26.22 17.41 -10.97
C LYS A 402 25.15 16.38 -10.64
N VAL A 403 24.04 16.40 -11.36
CA VAL A 403 22.93 15.49 -11.14
C VAL A 403 22.55 14.85 -12.48
N ILE A 404 22.51 13.53 -12.52
CA ILE A 404 22.06 12.78 -13.68
C ILE A 404 20.82 12.00 -13.27
N ASP A 405 19.71 12.24 -13.97
CA ASP A 405 18.41 11.67 -13.60
C ASP A 405 18.15 10.42 -14.44
N LEU A 406 17.96 9.29 -13.77
CA LEU A 406 17.68 7.98 -14.36
C LEU A 406 16.47 7.37 -13.67
N SER A 407 15.38 8.14 -13.64
CA SER A 407 14.21 7.88 -12.82
C SER A 407 13.37 6.75 -13.37
N VAL A 408 12.08 6.74 -13.04
CA VAL A 408 11.21 5.55 -13.02
C VAL A 408 11.22 4.76 -14.33
N ASN A 409 11.88 5.29 -15.37
CA ASN A 409 12.05 4.54 -16.61
C ASN A 409 12.68 3.17 -16.33
N LYS A 410 12.57 2.26 -17.29
CA LYS A 410 12.73 0.82 -17.04
C LYS A 410 14.14 0.31 -17.34
N ILE A 411 15.17 1.10 -17.02
CA ILE A 411 16.53 0.65 -17.23
C ILE A 411 16.80 -0.60 -16.41
N SER A 412 17.42 -1.59 -17.05
CA SER A 412 17.71 -2.88 -16.46
C SER A 412 19.18 -3.23 -16.66
N PRO A 413 19.73 -4.16 -15.87
CA PRO A 413 21.14 -4.53 -16.04
C PRO A 413 21.42 -5.06 -17.44
N SER A 414 22.63 -4.81 -17.91
CA SER A 414 23.01 -5.21 -19.25
C SER A 414 23.04 -6.74 -19.37
N GLY A 415 22.57 -7.24 -20.51
CA GLY A 415 22.53 -8.66 -20.78
C GLY A 415 23.78 -9.14 -21.51
N ASP A 416 23.74 -10.42 -21.87
CA ASP A 416 24.85 -11.05 -22.58
C ASP A 416 24.55 -11.17 -24.06
N SER A 452 -4.27 30.22 -2.63
CA SER A 452 -4.11 31.61 -2.22
C SER A 452 -4.13 31.79 -0.71
N CYS A 453 -4.63 30.79 0.04
CA CYS A 453 -4.67 30.90 1.50
C CYS A 453 -3.28 30.89 2.13
N ARG A 454 -2.29 30.36 1.42
CA ARG A 454 -0.90 30.36 1.90
C ARG A 454 0.02 30.84 0.79
N PHE A 455 1.33 30.72 0.99
CA PHE A 455 2.33 31.06 -0.02
C PHE A 455 2.20 32.52 -0.44
N LYS A 456 2.51 33.40 0.51
CA LYS A 456 2.40 34.85 0.29
C LYS A 456 3.26 35.32 -0.87
N ASN A 457 4.29 34.56 -1.25
CA ASN A 457 5.11 34.94 -2.39
C ASN A 457 4.32 34.95 -3.70
N LYS A 458 3.16 34.30 -3.73
CA LYS A 458 2.28 34.28 -4.90
C LYS A 458 2.99 33.71 -6.12
N GLU A 459 3.25 34.56 -7.11
CA GLU A 459 3.91 34.14 -8.34
C GLU A 459 5.37 33.84 -8.05
N ALA A 460 5.71 32.56 -7.89
CA ALA A 460 7.06 32.14 -7.61
C ALA A 460 7.46 31.01 -8.56
N SER A 461 8.75 30.96 -8.88
CA SER A 461 9.26 29.92 -9.77
C SER A 461 9.18 28.55 -9.09
N PHE A 462 9.11 27.51 -9.91
CA PHE A 462 9.04 26.14 -9.40
C PHE A 462 10.37 25.77 -8.75
N THR A 463 10.35 25.55 -7.44
CA THR A 463 11.56 25.19 -6.71
C THR A 463 11.86 23.71 -6.92
N SER A 464 13.06 23.42 -7.41
CA SER A 464 13.46 22.04 -7.63
C SER A 464 13.60 21.31 -6.29
N VAL A 465 13.21 20.04 -6.29
CA VAL A 465 13.27 19.23 -5.07
C VAL A 465 14.74 18.95 -4.76
N GLN A 466 15.27 19.60 -3.73
CA GLN A 466 16.67 19.43 -3.33
C GLN A 466 16.79 18.17 -2.49
N GLU A 467 17.12 17.06 -3.12
CA GLU A 467 17.27 15.81 -2.40
C GLU A 467 18.51 15.84 -1.51
N SER A 468 18.51 15.00 -0.49
CA SER A 468 19.59 15.00 0.50
C SER A 468 20.92 14.53 -0.09
N CYS A 469 20.90 13.83 -1.23
CA CYS A 469 22.13 13.27 -1.76
C CYS A 469 22.83 14.20 -2.74
N TYR A 470 22.20 15.31 -3.13
CA TYR A 470 22.80 16.22 -4.09
C TYR A 470 24.01 16.95 -3.53
N LYS A 471 24.03 17.22 -2.22
CA LYS A 471 25.12 17.99 -1.62
C LYS A 471 26.43 17.23 -1.58
N TYR A 472 26.43 15.93 -1.85
CA TYR A 472 27.64 15.12 -1.76
C TYR A 472 28.45 15.10 -3.04
N GLY A 473 27.93 15.63 -4.14
CA GLY A 473 28.66 15.70 -5.40
C GLY A 473 27.83 15.10 -6.54
N GLN A 474 28.52 14.37 -7.41
CA GLN A 474 27.86 13.77 -8.57
C GLN A 474 26.81 12.76 -8.13
N THR A 475 25.63 12.84 -8.75
CA THR A 475 24.48 12.03 -8.38
C THR A 475 23.97 11.27 -9.58
N LEU A 476 23.73 9.97 -9.41
CA LEU A 476 23.13 9.12 -10.43
C LEU A 476 21.84 8.56 -9.83
N ASP A 477 20.73 9.25 -10.05
CA ASP A 477 19.44 8.90 -9.46
C ASP A 477 18.80 7.81 -10.32
N LEU A 478 19.08 6.55 -9.98
CA LEU A 478 18.54 5.39 -10.67
C LEU A 478 17.35 4.78 -9.93
N SER A 479 16.55 5.61 -9.27
CA SER A 479 15.45 5.10 -8.45
C SER A 479 14.28 4.62 -9.31
N LYS A 480 13.54 3.65 -8.78
CA LYS A 480 12.34 3.11 -9.41
C LYS A 480 12.60 2.58 -10.81
N ASN A 481 13.76 1.96 -11.01
CA ASN A 481 14.10 1.41 -12.32
C ASN A 481 13.85 -0.09 -12.35
N SER A 482 14.15 -0.72 -13.49
CA SER A 482 13.94 -2.14 -13.68
C SER A 482 15.19 -2.97 -13.38
N ILE A 483 16.06 -2.47 -12.51
CA ILE A 483 17.26 -3.22 -12.13
C ILE A 483 16.88 -4.22 -11.04
N PHE A 484 17.17 -5.50 -11.28
CA PHE A 484 16.83 -6.55 -10.34
C PHE A 484 18.05 -7.25 -9.74
N PHE A 485 19.25 -6.97 -10.24
CA PHE A 485 20.46 -7.45 -9.61
C PHE A 485 21.62 -6.55 -10.02
N ILE A 486 22.68 -6.57 -9.22
CA ILE A 486 23.80 -5.63 -9.36
C ILE A 486 25.03 -6.40 -9.82
N LYS A 487 25.68 -5.88 -10.87
CA LYS A 487 26.93 -6.41 -11.36
C LYS A 487 28.01 -5.33 -11.27
N SER A 488 29.24 -5.77 -10.99
CA SER A 488 30.35 -4.84 -10.94
C SER A 488 30.70 -4.29 -12.32
N SER A 489 30.45 -5.07 -13.37
CA SER A 489 30.76 -4.62 -14.73
C SER A 489 29.83 -3.52 -15.18
N ASP A 490 28.57 -3.51 -14.72
CA ASP A 490 27.62 -2.49 -15.14
C ASP A 490 28.05 -1.11 -14.69
N PHE A 491 28.54 -0.99 -13.46
CA PHE A 491 28.96 0.30 -12.90
C PHE A 491 30.42 0.63 -13.20
N GLN A 492 30.99 0.04 -14.25
CA GLN A 492 32.35 0.37 -14.64
C GLN A 492 32.41 1.77 -15.23
N HIS A 493 33.61 2.36 -15.18
CA HIS A 493 33.87 3.71 -15.68
C HIS A 493 33.00 4.75 -14.97
N LEU A 494 32.66 4.49 -13.71
CA LEU A 494 31.84 5.39 -12.91
C LEU A 494 32.47 5.61 -11.54
N SER A 495 33.80 5.73 -11.50
CA SER A 495 34.49 5.94 -10.23
C SER A 495 34.32 7.35 -9.69
N PHE A 496 33.82 8.28 -10.51
CA PHE A 496 33.61 9.66 -10.10
C PHE A 496 32.31 9.86 -9.34
N LEU A 497 31.46 8.83 -9.23
CA LEU A 497 30.14 8.97 -8.64
C LEU A 497 30.26 9.15 -7.13
N LYS A 498 29.81 10.31 -6.64
CA LYS A 498 29.74 10.56 -5.21
C LYS A 498 28.36 10.24 -4.63
N CYS A 499 27.41 9.84 -5.47
CA CYS A 499 26.05 9.55 -5.02
C CYS A 499 25.44 8.50 -5.95
N LEU A 500 24.53 7.72 -5.39
CA LEU A 500 23.85 6.68 -6.16
C LEU A 500 22.54 6.33 -5.47
N ASN A 501 21.42 6.59 -6.13
CA ASN A 501 20.10 6.29 -5.59
C ASN A 501 19.53 5.07 -6.30
N LEU A 502 19.18 4.05 -5.51
CA LEU A 502 18.63 2.82 -6.06
C LEU A 502 17.33 2.43 -5.36
N SER A 503 16.59 3.43 -4.87
CA SER A 503 15.37 3.15 -4.12
C SER A 503 14.25 2.69 -5.07
N GLY A 504 13.45 1.73 -4.60
CA GLY A 504 12.31 1.27 -5.36
C GLY A 504 12.62 0.28 -6.45
N ASN A 505 13.86 -0.16 -6.60
CA ASN A 505 14.20 -1.09 -7.66
C ASN A 505 13.80 -2.53 -7.34
N LEU A 506 13.53 -2.84 -6.06
CA LEU A 506 13.13 -4.17 -5.62
C LEU A 506 14.17 -5.22 -6.03
N ILE A 507 15.40 -4.99 -5.58
CA ILE A 507 16.53 -5.86 -5.90
C ILE A 507 16.63 -6.92 -4.81
N SER A 508 16.61 -8.18 -5.21
CA SER A 508 16.79 -9.31 -4.30
C SER A 508 18.19 -9.87 -4.53
N GLN A 509 19.13 -9.49 -3.66
CA GLN A 509 20.51 -9.89 -3.82
C GLN A 509 21.14 -10.11 -2.45
N THR A 510 22.14 -10.98 -2.41
CA THR A 510 22.91 -11.27 -1.20
C THR A 510 24.33 -10.76 -1.44
N LEU A 511 24.56 -9.49 -1.11
CA LEU A 511 25.86 -8.88 -1.33
C LEU A 511 26.90 -9.48 -0.40
N ASN A 512 28.10 -9.71 -0.94
CA ASN A 512 29.20 -10.27 -0.17
C ASN A 512 30.46 -9.41 -0.25
N GLY A 513 30.37 -8.20 -0.79
CA GLY A 513 31.49 -7.29 -0.82
C GLY A 513 32.18 -7.13 -2.16
N SER A 514 31.50 -7.40 -3.27
CA SER A 514 32.11 -7.26 -4.59
C SER A 514 31.23 -6.57 -5.62
N GLU A 515 29.96 -6.29 -5.32
CA GLU A 515 29.07 -5.74 -6.35
C GLU A 515 29.44 -4.31 -6.70
N PHE A 516 29.64 -3.46 -5.69
CA PHE A 516 29.97 -2.05 -5.92
C PHE A 516 31.48 -1.82 -5.93
N GLN A 517 32.20 -2.60 -6.73
CA GLN A 517 33.65 -2.49 -6.75
C GLN A 517 34.14 -1.22 -7.44
N PRO A 518 33.70 -0.89 -8.66
CA PRO A 518 34.22 0.34 -9.30
C PRO A 518 33.87 1.62 -8.54
N LEU A 519 32.83 1.61 -7.71
CA LEU A 519 32.41 2.81 -6.98
C LEU A 519 33.35 3.03 -5.79
N ALA A 520 34.57 3.46 -6.11
CA ALA A 520 35.58 3.69 -5.09
C ALA A 520 35.35 4.99 -4.31
N GLU A 521 34.84 6.03 -4.97
CA GLU A 521 34.67 7.34 -4.35
C GLU A 521 33.23 7.59 -3.90
N LEU A 522 32.39 6.56 -3.88
CA LEU A 522 31.01 6.74 -3.46
C LEU A 522 30.95 7.08 -1.97
N ARG A 523 30.15 8.09 -1.63
CA ARG A 523 29.98 8.53 -0.26
C ARG A 523 28.57 8.33 0.27
N TYR A 524 27.57 8.28 -0.60
CA TYR A 524 26.18 8.12 -0.21
C TYR A 524 25.56 7.04 -1.08
N LEU A 525 24.91 6.06 -0.45
CA LEU A 525 24.23 4.98 -1.16
C LEU A 525 22.83 4.82 -0.59
N ASP A 526 21.84 4.80 -1.48
CA ASP A 526 20.44 4.62 -1.11
C ASP A 526 19.96 3.26 -1.60
N PHE A 527 19.47 2.43 -0.68
CA PHE A 527 19.00 1.09 -1.02
C PHE A 527 17.61 0.84 -0.45
N SER A 528 16.81 1.90 -0.35
CA SER A 528 15.48 1.78 0.25
C SER A 528 14.53 1.04 -0.69
N ASN A 529 13.46 0.50 -0.11
CA ASN A 529 12.41 -0.20 -0.84
C ASN A 529 12.98 -1.33 -1.69
N ASN A 530 13.91 -2.10 -1.12
CA ASN A 530 14.51 -3.23 -1.81
C ASN A 530 14.40 -4.49 -0.97
N ARG A 531 15.06 -5.56 -1.41
CA ARG A 531 15.06 -6.84 -0.69
C ARG A 531 16.52 -7.25 -0.48
N LEU A 532 17.13 -6.75 0.58
CA LEU A 532 18.53 -7.01 0.88
C LEU A 532 18.63 -8.17 1.86
N ASP A 533 19.41 -9.18 1.47
CA ASP A 533 19.64 -10.36 2.31
C ASP A 533 20.99 -10.19 3.00
N LEU A 534 20.95 -9.93 4.31
CA LEU A 534 22.17 -9.71 5.09
C LEU A 534 22.70 -11.04 5.64
N LEU A 535 23.00 -11.94 4.70
CA LEU A 535 23.55 -13.25 5.06
C LEU A 535 25.05 -13.22 5.31
N HIS A 536 25.72 -12.13 4.96
CA HIS A 536 27.16 -11.99 5.14
C HIS A 536 27.47 -10.66 5.80
N SER A 537 28.50 -10.64 6.63
CA SER A 537 28.96 -9.44 7.29
C SER A 537 29.93 -8.63 6.43
N THR A 538 30.26 -9.10 5.23
CA THR A 538 31.18 -8.42 4.33
C THR A 538 30.47 -7.52 3.34
N ALA A 539 29.17 -7.31 3.50
CA ALA A 539 28.44 -6.44 2.59
C ALA A 539 28.92 -5.00 2.72
N PHE A 540 29.03 -4.31 1.59
CA PHE A 540 29.47 -2.92 1.52
C PHE A 540 30.88 -2.74 2.07
N GLU A 541 31.67 -3.81 2.04
CA GLU A 541 33.06 -3.72 2.53
C GLU A 541 33.93 -2.94 1.56
N GLU A 542 33.69 -3.08 0.26
CA GLU A 542 34.50 -2.41 -0.75
C GLU A 542 34.19 -0.92 -0.87
N LEU A 543 33.10 -0.46 -0.27
CA LEU A 543 32.77 0.97 -0.25
C LEU A 543 33.59 1.64 0.85
N ARG A 544 34.87 1.89 0.53
CA ARG A 544 35.80 2.40 1.53
C ARG A 544 35.44 3.82 1.96
N LYS A 545 34.96 4.64 1.03
CA LYS A 545 34.68 6.04 1.32
C LYS A 545 33.20 6.31 1.57
N LEU A 546 32.40 5.27 1.77
CA LEU A 546 30.98 5.46 2.05
C LEU A 546 30.80 6.15 3.40
N GLU A 547 29.86 7.10 3.45
CA GLU A 547 29.57 7.85 4.66
C GLU A 547 28.16 7.63 5.17
N VAL A 548 27.17 7.65 4.28
CA VAL A 548 25.77 7.46 4.66
C VAL A 548 25.23 6.25 3.91
N LEU A 549 24.58 5.34 4.64
CA LEU A 549 23.99 4.14 4.06
C LEU A 549 22.53 4.07 4.48
N ASP A 550 21.65 3.84 3.50
CA ASP A 550 20.22 3.75 3.72
C ASP A 550 19.74 2.38 3.22
N ILE A 551 19.34 1.52 4.14
CA ILE A 551 18.84 0.20 3.80
C ILE A 551 17.43 0.03 4.36
N SER A 552 16.68 1.13 4.39
CA SER A 552 15.33 1.12 4.92
C SER A 552 14.38 0.37 3.98
N SER A 553 13.21 0.02 4.52
CA SER A 553 12.15 -0.62 3.75
C SER A 553 12.62 -1.91 3.09
N ASN A 554 13.46 -2.66 3.79
CA ASN A 554 13.93 -3.97 3.34
C ASN A 554 13.35 -5.07 4.24
N SER A 555 12.06 -4.93 4.56
CA SER A 555 11.41 -5.79 5.54
C SER A 555 11.24 -7.23 5.07
N HIS A 556 11.42 -7.51 3.78
CA HIS A 556 11.11 -8.84 3.26
C HIS A 556 11.96 -9.91 3.91
N TYR A 557 13.28 -9.84 3.74
CA TYR A 557 14.15 -10.87 4.29
C TYR A 557 14.33 -10.73 5.80
N PHE A 558 14.18 -9.51 6.33
CA PHE A 558 14.27 -9.31 7.77
C PHE A 558 13.06 -9.84 8.53
N GLN A 559 11.92 -9.98 7.86
CA GLN A 559 10.74 -10.52 8.53
C GLN A 559 10.88 -12.02 8.78
N SER A 560 11.55 -12.73 7.88
CA SER A 560 11.73 -14.16 8.04
C SER A 560 12.61 -14.47 9.26
N GLU A 561 12.27 -15.54 9.95
CA GLU A 561 12.97 -15.95 11.17
C GLU A 561 13.75 -17.22 10.91
N GLY A 562 14.92 -17.33 11.53
CA GLY A 562 15.79 -18.48 11.40
C GLY A 562 16.95 -18.28 10.45
N ILE A 563 16.90 -17.28 9.59
CA ILE A 563 17.99 -16.99 8.67
C ILE A 563 18.95 -16.01 9.32
N THR A 564 20.20 -16.05 8.89
CA THR A 564 21.23 -15.21 9.49
C THR A 564 20.99 -13.74 9.13
N HIS A 565 21.24 -12.87 10.11
CA HIS A 565 21.12 -11.41 9.94
C HIS A 565 22.39 -10.79 10.54
N MET A 566 23.41 -10.66 9.71
CA MET A 566 24.70 -10.12 10.15
C MET A 566 24.56 -8.61 10.35
N LEU A 567 24.28 -8.20 11.58
CA LEU A 567 24.13 -6.79 11.91
C LEU A 567 25.44 -6.11 12.21
N ASN A 568 26.54 -6.85 12.28
CA ASN A 568 27.86 -6.29 12.53
C ASN A 568 28.61 -5.93 11.25
N PHE A 569 27.89 -5.76 10.14
CA PHE A 569 28.52 -5.42 8.87
C PHE A 569 29.07 -4.01 8.84
N THR A 570 28.73 -3.17 9.81
CA THR A 570 29.23 -1.80 9.85
C THR A 570 30.66 -1.70 10.37
N LYS A 571 31.22 -2.80 10.87
CA LYS A 571 32.59 -2.76 11.38
C LYS A 571 33.60 -2.44 10.27
N ASN A 572 33.40 -3.03 9.08
CA ASN A 572 34.32 -2.80 7.99
C ASN A 572 34.24 -1.36 7.46
N LEU A 573 33.08 -0.73 7.58
CA LEU A 573 32.91 0.65 7.13
C LEU A 573 33.65 1.58 8.08
N LYS A 574 34.83 2.04 7.66
CA LYS A 574 35.69 2.83 8.52
C LYS A 574 35.21 4.27 8.69
N VAL A 575 34.64 4.86 7.64
CA VAL A 575 34.26 6.27 7.67
C VAL A 575 32.76 6.45 7.59
N LEU A 576 31.98 5.42 7.93
CA LEU A 576 30.53 5.56 7.94
C LEU A 576 30.10 6.52 9.05
N GLN A 577 29.18 7.42 8.72
CA GLN A 577 28.71 8.43 9.66
C GLN A 577 27.24 8.28 10.00
N LYS A 578 26.39 8.03 9.01
CA LYS A 578 24.96 7.89 9.23
C LYS A 578 24.47 6.58 8.62
N LEU A 579 23.61 5.88 9.36
CA LEU A 579 23.04 4.62 8.92
C LEU A 579 21.55 4.63 9.21
N MET A 580 20.74 4.55 8.15
CA MET A 580 19.28 4.53 8.28
C MET A 580 18.79 3.15 7.84
N MET A 581 18.30 2.37 8.80
CA MET A 581 17.74 1.05 8.53
C MET A 581 16.36 0.91 9.15
N ASN A 582 15.58 2.00 9.14
CA ASN A 582 14.27 2.00 9.78
C ASN A 582 13.24 1.30 8.89
N ASP A 583 12.10 0.97 9.50
CA ASP A 583 11.00 0.27 8.82
C ASP A 583 11.48 -1.05 8.20
N ASN A 584 12.34 -1.76 8.93
CA ASN A 584 12.85 -3.04 8.46
C ASN A 584 12.24 -4.24 9.19
N ASP A 585 11.52 -4.01 10.28
CA ASP A 585 10.89 -5.08 11.05
C ASP A 585 11.90 -6.13 11.49
N ILE A 586 13.06 -5.67 11.96
CA ILE A 586 14.10 -6.57 12.43
C ILE A 586 13.69 -7.18 13.76
N SER A 587 13.55 -8.50 13.80
CA SER A 587 13.14 -9.20 15.01
C SER A 587 14.22 -10.11 15.58
N SER A 588 15.21 -10.51 14.78
CA SER A 588 16.30 -11.35 15.23
C SER A 588 17.59 -10.89 14.59
N SER A 589 18.70 -11.21 15.24
CA SER A 589 20.02 -10.82 14.74
C SER A 589 21.03 -11.89 15.12
N THR A 590 21.72 -12.44 14.13
CA THR A 590 22.77 -13.43 14.41
C THR A 590 23.91 -12.80 15.20
N SER A 591 24.33 -11.60 14.80
CA SER A 591 25.39 -10.91 15.51
C SER A 591 24.88 -10.39 16.86
N ARG A 592 25.68 -10.61 17.90
CA ARG A 592 25.27 -10.17 19.24
C ARG A 592 25.35 -8.66 19.37
N THR A 593 26.36 -8.03 18.78
CA THR A 593 26.59 -6.60 18.94
C THR A 593 26.88 -5.97 17.57
N MET A 594 26.64 -4.67 17.49
CA MET A 594 26.96 -3.88 16.31
C MET A 594 28.19 -3.04 16.60
N GLU A 595 29.19 -3.13 15.74
CA GLU A 595 30.47 -2.46 15.95
C GLU A 595 30.69 -1.41 14.87
N SER A 596 31.09 -0.21 15.30
CA SER A 596 31.39 0.88 14.38
C SER A 596 32.20 1.92 15.13
N GLU A 597 33.37 2.29 14.60
CA GLU A 597 34.24 3.25 15.24
C GLU A 597 34.01 4.68 14.75
N SER A 598 33.10 4.89 13.81
CA SER A 598 32.83 6.23 13.29
C SER A 598 31.36 6.56 13.15
N LEU A 599 30.44 5.62 13.36
CA LEU A 599 29.03 5.90 13.22
C LEU A 599 28.58 6.91 14.27
N ARG A 600 27.82 7.92 13.83
CA ARG A 600 27.33 8.96 14.72
C ARG A 600 25.81 9.02 14.81
N THR A 601 25.09 8.67 13.75
CA THR A 601 23.64 8.69 13.73
C THR A 601 23.13 7.32 13.28
N LEU A 602 22.11 6.82 13.97
CA LEU A 602 21.52 5.52 13.66
C LEU A 602 20.01 5.62 13.80
N GLU A 603 19.29 5.32 12.72
CA GLU A 603 17.84 5.29 12.73
C GLU A 603 17.37 3.84 12.74
N PHE A 604 16.64 3.46 13.78
CA PHE A 604 16.19 2.09 13.97
C PHE A 604 14.70 2.05 14.28
N ARG A 605 13.93 2.90 13.61
CA ARG A 605 12.50 3.01 13.88
C ARG A 605 11.72 1.99 13.05
N GLY A 606 10.50 1.70 13.51
CA GLY A 606 9.64 0.77 12.81
C GLY A 606 10.18 -0.64 12.74
N ASN A 607 10.88 -1.07 13.79
CA ASN A 607 11.43 -2.41 13.88
C ASN A 607 10.76 -3.13 15.05
N HIS A 608 11.25 -4.34 15.34
CA HIS A 608 10.76 -5.14 16.46
C HIS A 608 11.90 -5.30 17.47
N LEU A 609 12.04 -4.32 18.36
CA LEU A 609 13.03 -4.39 19.41
C LEU A 609 12.49 -5.04 20.68
N ASP A 610 11.18 -5.28 20.76
CA ASP A 610 10.62 -5.96 21.93
C ASP A 610 11.06 -7.42 21.98
N VAL A 611 11.03 -8.10 20.83
CA VAL A 611 11.47 -9.50 20.80
C VAL A 611 12.97 -9.59 21.04
N LEU A 612 13.74 -8.64 20.51
CA LEU A 612 15.18 -8.61 20.78
C LEU A 612 15.46 -8.38 22.26
N TRP A 613 14.69 -7.52 22.90
CA TRP A 613 14.82 -7.22 24.33
C TRP A 613 13.75 -7.92 25.15
N ARG A 614 13.37 -9.13 24.75
CA ARG A 614 12.35 -9.89 25.47
C ARG A 614 12.85 -10.26 26.87
N ASP A 615 11.90 -10.39 27.80
CA ASP A 615 12.24 -10.78 29.16
C ASP A 615 12.89 -12.16 29.17
N GLY A 616 13.97 -12.29 29.94
CA GLY A 616 14.74 -13.50 29.98
C GLY A 616 15.76 -13.67 28.88
N ASP A 617 15.85 -12.70 27.95
CA ASP A 617 16.81 -12.74 26.85
C ASP A 617 17.73 -11.54 26.99
N ASN A 618 18.92 -11.76 27.54
CA ASN A 618 19.91 -10.72 27.74
C ASN A 618 20.99 -10.72 26.67
N ARG A 619 20.80 -11.49 25.59
CA ARG A 619 21.81 -11.58 24.54
C ARG A 619 22.01 -10.24 23.84
N TYR A 620 20.92 -9.55 23.53
CA TYR A 620 20.97 -8.31 22.76
C TYR A 620 20.79 -7.07 23.64
N LEU A 621 21.14 -7.17 24.91
CA LEU A 621 21.03 -6.01 25.80
C LEU A 621 22.04 -4.94 25.41
N GLN A 622 23.29 -5.33 25.19
CA GLN A 622 24.34 -4.39 24.78
C GLN A 622 24.50 -4.37 23.26
N LEU A 623 23.39 -4.16 22.56
CA LEU A 623 23.43 -4.18 21.10
C LEU A 623 24.15 -2.96 20.54
N PHE A 624 23.93 -1.78 21.14
CA PHE A 624 24.51 -0.54 20.67
C PHE A 624 25.70 -0.08 21.52
N LYS A 625 26.21 -0.95 22.41
CA LYS A 625 27.30 -0.55 23.28
C LYS A 625 28.58 -0.26 22.50
N ASN A 626 28.89 -1.08 21.50
CA ASN A 626 30.14 -0.96 20.78
C ASN A 626 30.20 0.25 19.86
N LEU A 627 29.06 0.92 19.62
CA LEU A 627 29.04 2.14 18.81
C LEU A 627 29.59 3.28 19.66
N LEU A 628 30.91 3.37 19.69
CA LEU A 628 31.58 4.31 20.58
C LEU A 628 31.26 5.76 20.23
N LYS A 629 31.25 6.09 18.95
CA LYS A 629 31.05 7.47 18.51
C LYS A 629 29.59 7.81 18.23
N LEU A 630 28.67 6.89 18.50
CA LEU A 630 27.25 7.18 18.27
C LEU A 630 26.78 8.30 19.18
N GLU A 631 26.04 9.24 18.60
CA GLU A 631 25.50 10.37 19.35
C GLU A 631 24.00 10.56 19.21
N GLU A 632 23.35 9.93 18.24
CA GLU A 632 21.92 10.06 18.04
C GLU A 632 21.31 8.69 17.76
N LEU A 633 20.25 8.36 18.49
CA LEU A 633 19.53 7.12 18.31
C LEU A 633 18.06 7.43 18.07
N ASP A 634 17.43 6.65 17.20
CA ASP A 634 16.04 6.87 16.80
C ASP A 634 15.25 5.56 16.87
N ILE A 635 15.34 4.87 18.01
CA ILE A 635 14.58 3.65 18.21
C ILE A 635 13.15 4.00 18.63
N SER A 636 12.26 4.10 17.64
CA SER A 636 10.87 4.49 17.87
C SER A 636 9.96 3.57 17.08
N LYS A 637 8.69 3.55 17.49
CA LYS A 637 7.67 2.70 16.87
C LYS A 637 8.10 1.23 16.86
N ASN A 638 8.77 0.81 17.94
CA ASN A 638 9.30 -0.54 18.06
C ASN A 638 8.39 -1.45 18.89
N SER A 639 7.19 -0.99 19.23
CA SER A 639 6.25 -1.75 20.05
C SER A 639 6.88 -2.17 21.37
N LEU A 640 7.66 -1.26 21.96
CA LEU A 640 8.33 -1.52 23.24
C LEU A 640 7.36 -1.20 24.36
N SER A 641 6.73 -2.23 24.92
CA SER A 641 5.83 -2.03 26.06
C SER A 641 6.59 -1.56 27.29
N PHE A 642 7.78 -2.10 27.52
CA PHE A 642 8.58 -1.74 28.66
C PHE A 642 10.05 -1.91 28.32
N LEU A 643 10.91 -1.22 29.08
CA LEU A 643 12.35 -1.29 28.88
C LEU A 643 12.95 -2.18 29.94
N PRO A 644 13.49 -3.35 29.60
CA PRO A 644 14.12 -4.20 30.61
C PRO A 644 15.34 -3.53 31.22
N SER A 645 15.58 -3.83 32.50
CA SER A 645 16.70 -3.24 33.21
C SER A 645 18.02 -3.76 32.64
N GLY A 646 18.90 -2.85 32.25
CA GLY A 646 20.19 -3.23 31.71
C GLY A 646 20.45 -2.64 30.34
N VAL A 647 19.39 -2.22 29.65
CA VAL A 647 19.57 -1.63 28.31
C VAL A 647 20.29 -0.29 28.40
N PHE A 648 20.00 0.50 29.44
CA PHE A 648 20.66 1.79 29.59
C PHE A 648 22.15 1.61 29.90
N ASP A 649 22.51 0.58 30.66
CA ASP A 649 23.92 0.29 30.89
C ASP A 649 24.63 -0.10 29.60
N GLY A 650 23.90 -0.71 28.65
CA GLY A 650 24.44 -1.09 27.37
C GLY A 650 24.36 -0.03 26.30
N MET A 651 23.93 1.18 26.64
CA MET A 651 23.87 2.26 25.66
C MET A 651 25.27 2.82 25.40
N PRO A 652 25.50 3.41 24.23
CA PRO A 652 26.81 4.00 23.93
C PRO A 652 27.16 5.10 24.91
N PRO A 653 28.44 5.25 25.27
CA PRO A 653 28.82 6.29 26.23
C PRO A 653 28.57 7.71 25.74
N ASN A 654 28.63 7.96 24.43
CA ASN A 654 28.50 9.30 23.88
C ASN A 654 27.11 9.56 23.29
N LEU A 655 26.10 8.85 23.77
CA LEU A 655 24.74 9.08 23.29
C LEU A 655 24.26 10.47 23.71
N LYS A 656 23.66 11.19 22.78
CA LYS A 656 23.19 12.55 23.04
C LYS A 656 21.77 12.82 22.57
N ASN A 657 21.22 12.03 21.65
CA ASN A 657 19.89 12.25 21.10
C ASN A 657 19.15 10.91 21.10
N LEU A 658 18.32 10.69 22.12
CA LEU A 658 17.57 9.45 22.28
C LEU A 658 16.10 9.71 22.05
N SER A 659 15.47 8.90 21.21
CA SER A 659 14.06 9.03 20.89
C SER A 659 13.35 7.70 21.11
N LEU A 660 12.22 7.74 21.79
CA LEU A 660 11.38 6.58 22.04
C LEU A 660 9.92 6.89 21.73
N ALA A 661 9.69 7.67 20.67
CA ALA A 661 8.34 8.13 20.35
C ALA A 661 7.49 6.99 19.79
N LYS A 662 6.18 7.07 20.07
CA LYS A 662 5.19 6.15 19.51
C LYS A 662 5.55 4.69 19.81
N ASN A 663 6.03 4.44 21.02
CA ASN A 663 6.44 3.11 21.45
C ASN A 663 5.41 2.40 22.31
N GLY A 664 4.70 3.14 23.16
CA GLY A 664 3.74 2.54 24.05
C GLY A 664 4.36 2.10 25.36
N LEU A 665 5.26 2.93 25.89
CA LEU A 665 5.98 2.61 27.13
C LEU A 665 5.01 2.69 28.30
N LYS A 666 4.58 1.52 28.79
CA LYS A 666 3.65 1.49 29.92
C LYS A 666 4.29 2.07 31.18
N SER A 667 5.54 1.71 31.44
CA SER A 667 6.24 2.17 32.65
C SER A 667 7.71 2.32 32.31
N PHE A 668 8.17 3.57 32.25
CA PHE A 668 9.55 3.88 31.91
C PHE A 668 10.29 4.28 33.19
N ILE A 669 11.33 3.53 33.54
CA ILE A 669 12.11 3.85 34.72
C ILE A 669 12.92 5.12 34.48
N TRP A 670 13.22 5.83 35.58
CA TRP A 670 13.94 7.09 35.50
C TRP A 670 15.27 7.10 36.24
N GLU A 671 15.45 6.26 37.25
CA GLU A 671 16.72 6.23 37.97
C GLU A 671 17.86 5.68 37.11
N LYS A 672 17.55 4.97 36.04
CA LYS A 672 18.56 4.42 35.16
C LYS A 672 19.15 5.45 34.21
N LEU A 673 18.57 6.65 34.14
CA LEU A 673 19.11 7.70 33.29
C LEU A 673 20.45 8.23 33.77
N ARG A 674 20.85 7.91 35.00
CA ARG A 674 22.15 8.33 35.51
C ARG A 674 23.29 7.69 34.73
N TYR A 675 23.06 6.53 34.11
CA TYR A 675 24.09 5.88 33.32
C TYR A 675 24.48 6.72 32.11
N LEU A 676 23.50 7.34 31.46
CA LEU A 676 23.76 8.21 30.31
C LEU A 676 24.24 9.56 30.81
N LYS A 677 25.55 9.79 30.73
CA LYS A 677 26.16 11.03 31.20
C LYS A 677 26.19 12.11 30.13
N ASN A 678 25.68 11.83 28.93
CA ASN A 678 25.67 12.80 27.84
C ASN A 678 24.29 12.99 27.22
N LEU A 679 23.23 12.45 27.84
CA LEU A 679 21.89 12.59 27.29
C LEU A 679 21.42 14.03 27.41
N GLU A 680 20.87 14.56 26.33
CA GLU A 680 20.40 15.95 26.29
C GLU A 680 19.02 16.13 25.66
N THR A 681 18.57 15.22 24.81
CA THR A 681 17.36 15.40 24.02
C THR A 681 16.48 14.15 24.11
N LEU A 682 16.25 13.68 25.33
CA LEU A 682 15.39 12.53 25.53
C LEU A 682 13.97 12.84 25.06
N ASP A 683 13.40 11.92 24.28
CA ASP A 683 12.07 12.10 23.70
C ASP A 683 11.22 10.89 24.05
N LEU A 684 10.04 11.14 24.63
CA LEU A 684 9.08 10.09 24.97
C LEU A 684 7.69 10.46 24.50
N SER A 685 7.59 11.14 23.35
CA SER A 685 6.30 11.59 22.85
C SER A 685 5.45 10.43 22.36
N HIS A 686 4.13 10.64 22.39
CA HIS A 686 3.16 9.67 21.91
C HIS A 686 3.33 8.31 22.60
N ASN A 687 3.62 8.35 23.89
CA ASN A 687 3.80 7.16 24.70
C ASN A 687 2.66 7.04 25.71
N GLN A 688 2.71 5.99 26.52
CA GLN A 688 1.70 5.70 27.52
C GLN A 688 2.28 5.74 28.93
N LEU A 689 3.23 6.63 29.16
CA LEU A 689 3.76 6.83 30.50
C LEU A 689 2.69 7.42 31.41
N THR A 690 2.86 7.23 32.71
CA THR A 690 1.90 7.73 33.69
C THR A 690 2.51 8.41 34.89
N THR A 691 3.82 8.30 35.11
CA THR A 691 4.47 8.85 36.30
C THR A 691 5.72 9.62 35.89
N VAL A 692 5.86 10.84 36.40
CA VAL A 692 7.06 11.64 36.20
C VAL A 692 8.09 11.24 37.25
N PRO A 693 9.37 11.47 37.01
CA PRO A 693 10.37 11.11 38.02
C PRO A 693 10.23 11.95 39.29
N GLU A 694 10.63 11.36 40.41
CA GLU A 694 10.54 12.07 41.69
C GLU A 694 11.40 13.32 41.68
N ARG A 695 12.63 13.22 41.16
CA ARG A 695 13.54 14.37 41.07
C ARG A 695 14.31 14.23 39.77
N LEU A 696 14.08 15.16 38.83
CA LEU A 696 14.78 15.11 37.55
C LEU A 696 16.26 15.42 37.72
N SER A 697 16.62 16.21 38.74
CA SER A 697 18.03 16.49 38.98
C SER A 697 18.79 15.22 39.36
N ASN A 698 18.18 14.35 40.15
CA ASN A 698 18.82 13.09 40.54
C ASN A 698 18.86 12.09 39.39
N CYS A 699 18.02 12.26 38.37
CA CYS A 699 17.99 11.30 37.27
C CYS A 699 19.10 11.60 36.26
N SER A 700 19.09 12.78 35.66
CA SER A 700 20.08 13.16 34.66
C SER A 700 20.64 14.53 35.01
N ARG A 701 21.96 14.66 34.89
CA ARG A 701 22.64 15.93 35.15
C ARG A 701 22.87 16.75 33.90
N SER A 702 22.38 16.28 32.73
CA SER A 702 22.57 17.01 31.48
C SER A 702 21.34 17.04 30.59
N LEU A 703 20.20 16.53 31.05
CA LEU A 703 18.99 16.57 30.24
C LEU A 703 18.48 18.00 30.12
N LYS A 704 18.24 18.43 28.89
CA LYS A 704 17.77 19.80 28.65
C LYS A 704 16.66 19.90 27.62
N ASN A 705 16.24 18.80 27.00
CA ASN A 705 15.21 18.81 25.96
C ASN A 705 14.21 17.68 26.19
N LEU A 706 13.71 17.57 27.41
CA LEU A 706 12.74 16.52 27.74
C LEU A 706 11.42 16.80 27.05
N ILE A 707 10.86 15.78 26.40
CA ILE A 707 9.62 15.89 25.64
C ILE A 707 8.69 14.75 26.05
N LEU A 708 7.44 15.08 26.38
CA LEU A 708 6.42 14.11 26.72
C LEU A 708 5.11 14.43 26.01
N LYS A 709 5.20 14.73 24.72
CA LYS A 709 4.02 15.10 23.94
C LYS A 709 3.07 13.93 23.80
N ASN A 710 1.77 14.23 23.84
CA ASN A 710 0.71 13.24 23.63
C ASN A 710 0.84 12.06 24.59
N ASN A 711 1.16 12.34 25.84
CA ASN A 711 1.28 11.32 26.87
C ASN A 711 0.05 11.34 27.76
N GLN A 712 0.06 10.48 28.79
CA GLN A 712 -1.05 10.35 29.72
C GLN A 712 -0.52 10.52 31.14
N ILE A 713 -0.36 11.78 31.57
CA ILE A 713 0.13 12.10 32.90
C ILE A 713 -0.93 12.96 33.58
N ARG A 714 -1.36 12.53 34.77
CA ARG A 714 -2.41 13.23 35.49
C ARG A 714 -1.87 14.21 36.53
N SER A 715 -0.69 13.96 37.08
CA SER A 715 -0.12 14.83 38.08
C SER A 715 1.40 14.74 38.05
N LEU A 716 2.06 15.75 38.60
CA LEU A 716 3.50 15.80 38.69
C LEU A 716 3.94 15.71 40.15
N THR A 717 5.19 15.27 40.34
CA THR A 717 5.73 15.16 41.68
C THR A 717 5.96 16.55 42.28
N LYS A 718 5.96 16.60 43.62
CA LYS A 718 6.12 17.86 44.32
C LYS A 718 7.52 18.44 44.19
N TYR A 719 8.48 17.67 43.69
CA TYR A 719 9.85 18.13 43.44
C TYR A 719 10.30 17.72 42.04
N PHE A 720 9.42 17.92 41.05
CA PHE A 720 9.72 17.51 39.69
C PHE A 720 10.89 18.29 39.10
N LEU A 721 10.93 19.60 39.35
CA LEU A 721 11.95 20.47 38.78
C LEU A 721 12.77 21.15 39.87
N GLN A 722 13.19 20.38 40.87
CA GLN A 722 13.97 20.91 41.97
C GLN A 722 15.46 20.81 41.62
N ASP A 723 16.14 21.95 41.65
CA ASP A 723 17.58 22.04 41.40
C ASP A 723 17.97 21.55 40.00
N ALA A 724 17.03 21.57 39.05
CA ALA A 724 17.31 21.15 37.67
C ALA A 724 17.58 22.40 36.85
N PHE A 725 18.75 23.01 37.07
CA PHE A 725 19.13 24.24 36.39
C PHE A 725 19.65 24.00 34.98
N GLN A 726 19.93 22.77 34.60
CA GLN A 726 20.47 22.45 33.28
C GLN A 726 19.38 22.24 32.23
N LEU A 727 18.11 22.27 32.63
CA LEU A 727 17.01 22.05 31.70
C LEU A 727 16.73 23.32 30.92
N ARG A 728 16.53 23.18 29.62
CA ARG A 728 16.18 24.29 28.74
C ARG A 728 14.85 24.11 28.02
N TYR A 729 14.44 22.87 27.73
CA TYR A 729 13.23 22.59 26.99
C TYR A 729 12.38 21.60 27.76
N LEU A 730 11.07 21.83 27.79
CA LEU A 730 10.14 20.95 28.48
C LEU A 730 8.81 20.95 27.74
N ASP A 731 8.25 19.75 27.56
CA ASP A 731 6.99 19.59 26.84
C ASP A 731 6.10 18.65 27.63
N LEU A 732 4.89 19.10 27.96
CA LEU A 732 3.90 18.30 28.66
C LEU A 732 2.52 18.44 28.01
N SER A 733 2.50 18.78 26.72
CA SER A 733 1.25 19.04 26.03
C SER A 733 0.49 17.73 25.76
N SER A 734 -0.82 17.87 25.55
CA SER A 734 -1.71 16.76 25.21
C SER A 734 -1.65 15.66 26.27
N ASN A 735 -1.75 16.06 27.53
CA ASN A 735 -1.75 15.15 28.66
C ASN A 735 -3.07 15.28 29.42
N LYS A 736 -3.14 14.60 30.57
CA LYS A 736 -4.31 14.64 31.44
C LYS A 736 -4.01 15.32 32.77
N ILE A 737 -3.03 16.22 32.78
CA ILE A 737 -2.62 16.88 34.02
C ILE A 737 -3.76 17.77 34.51
N GLN A 738 -3.87 17.89 35.84
CA GLN A 738 -4.94 18.65 36.48
C GLN A 738 -4.46 19.99 37.04
N MET A 739 -3.37 19.98 37.82
CA MET A 739 -2.89 21.21 38.43
C MET A 739 -1.39 21.11 38.64
N ILE A 740 -0.76 22.28 38.81
CA ILE A 740 0.66 22.38 39.08
C ILE A 740 0.85 23.21 40.35
N GLN A 741 1.66 22.70 41.27
CA GLN A 741 1.93 23.39 42.53
C GLN A 741 3.20 24.23 42.42
N LYS A 742 3.32 25.20 43.33
CA LYS A 742 4.47 26.09 43.32
C LYS A 742 5.77 25.34 43.61
N THR A 743 5.74 24.40 44.55
CA THR A 743 6.95 23.70 44.95
C THR A 743 7.52 22.83 43.84
N SER A 744 6.71 22.50 42.81
CA SER A 744 7.20 21.70 41.70
C SER A 744 7.71 22.54 40.53
N PHE A 745 7.38 23.83 40.50
CA PHE A 745 7.79 24.72 39.41
C PHE A 745 8.41 25.97 40.00
N PRO A 746 9.65 25.88 40.48
CA PRO A 746 10.33 27.08 41.00
C PRO A 746 10.60 28.09 39.88
N GLU A 747 10.58 29.37 40.26
CA GLU A 747 10.80 30.42 39.28
C GLU A 747 12.24 30.47 38.82
N ASN A 748 13.19 30.04 39.65
CA ASN A 748 14.60 30.07 39.26
C ASN A 748 14.85 29.15 38.08
N VAL A 749 14.26 27.96 38.08
CA VAL A 749 14.41 27.04 36.95
C VAL A 749 13.65 27.58 35.74
N LEU A 750 12.43 28.08 35.96
CA LEU A 750 11.59 28.55 34.85
C LEU A 750 12.17 29.80 34.17
N ASN A 751 13.03 30.54 34.85
CA ASN A 751 13.58 31.76 34.26
C ASN A 751 14.44 31.45 33.04
N ASN A 752 15.22 30.37 33.09
CA ASN A 752 16.13 30.02 32.00
C ASN A 752 15.51 29.10 30.96
N LEU A 753 14.23 28.75 31.09
CA LEU A 753 13.58 27.87 30.14
C LEU A 753 13.30 28.63 28.85
N LYS A 754 13.77 28.09 27.73
CA LYS A 754 13.57 28.75 26.44
C LYS A 754 12.14 28.58 25.95
N MET A 755 11.57 27.40 26.11
CA MET A 755 10.24 27.10 25.60
C MET A 755 9.58 26.05 26.48
N LEU A 756 8.28 26.23 26.73
CA LEU A 756 7.49 25.31 27.53
C LEU A 756 6.08 25.24 26.96
N LEU A 757 5.53 24.03 26.87
CA LEU A 757 4.25 23.80 26.24
C LEU A 757 3.31 23.13 27.23
N LEU A 758 2.15 23.74 27.45
CA LEU A 758 1.09 23.17 28.29
C LEU A 758 -0.27 23.40 27.63
N HIS A 759 -0.35 23.15 26.33
CA HIS A 759 -1.56 23.37 25.56
C HIS A 759 -2.24 22.03 25.26
N HIS A 760 -3.55 22.12 25.00
CA HIS A 760 -4.36 20.97 24.57
C HIS A 760 -4.37 19.87 25.63
N ASN A 761 -4.46 20.28 26.91
CA ASN A 761 -4.56 19.32 28.00
C ASN A 761 -5.76 19.64 28.89
N ARG A 762 -5.84 19.00 30.06
CA ARG A 762 -7.04 19.03 30.87
C ARG A 762 -6.86 19.75 32.20
N PHE A 763 -6.22 20.93 32.17
CA PHE A 763 -6.12 21.73 33.38
C PHE A 763 -7.50 22.13 33.90
N LEU A 764 -7.65 22.13 35.23
CA LEU A 764 -8.88 22.56 35.88
C LEU A 764 -8.67 23.93 36.50
N CYS A 765 -9.56 24.86 36.20
CA CYS A 765 -9.42 26.26 36.63
C CYS A 765 -10.31 26.53 37.84
N THR A 766 -9.86 26.05 38.99
CA THR A 766 -10.53 26.30 40.26
C THR A 766 -9.64 27.18 41.14
N CYS A 767 -10.09 27.41 42.37
CA CYS A 767 -9.39 28.28 43.31
C CYS A 767 -8.13 27.65 43.89
N ASP A 768 -7.88 26.37 43.60
CA ASP A 768 -6.70 25.69 44.12
C ASP A 768 -5.43 26.04 43.33
N ALA A 769 -5.55 26.73 42.20
CA ALA A 769 -4.39 27.03 41.37
C ALA A 769 -4.22 28.54 41.18
N VAL A 770 -4.38 29.30 42.26
CA VAL A 770 -4.22 30.75 42.16
C VAL A 770 -2.78 31.11 41.82
N TRP A 771 -1.81 30.37 42.36
CA TRP A 771 -0.41 30.62 42.02
C TRP A 771 -0.15 30.37 40.54
N PHE A 772 -0.69 29.27 40.00
CA PHE A 772 -0.52 28.99 38.58
C PHE A 772 -1.18 30.06 37.73
N VAL A 773 -2.39 30.49 38.11
CA VAL A 773 -3.09 31.52 37.35
C VAL A 773 -2.30 32.82 37.36
N TRP A 774 -1.75 33.20 38.52
CA TRP A 774 -0.94 34.41 38.59
C TRP A 774 0.33 34.28 37.76
N TRP A 775 0.96 33.10 37.79
CA TRP A 775 2.25 32.94 37.12
C TRP A 775 2.11 32.90 35.60
N VAL A 776 1.05 32.26 35.08
CA VAL A 776 0.91 32.15 33.63
C VAL A 776 0.69 33.50 32.98
N GLN A 777 0.16 34.48 33.71
CA GLN A 777 -0.11 35.80 33.16
C GLN A 777 0.87 36.87 33.65
N HIS A 778 1.97 36.45 34.29
CA HIS A 778 2.95 37.42 34.79
C HIS A 778 4.39 36.99 34.52
N THR A 779 4.62 35.96 33.70
CA THR A 779 5.95 35.48 33.40
C THR A 779 6.29 35.72 31.94
N GLU A 780 7.58 35.66 31.64
CA GLU A 780 8.10 35.86 30.29
C GLU A 780 8.41 34.55 29.58
N VAL A 781 7.99 33.41 30.14
CA VAL A 781 8.27 32.12 29.52
C VAL A 781 7.43 31.98 28.26
N THR A 782 8.09 31.62 27.16
CA THR A 782 7.43 31.47 25.86
C THR A 782 6.54 30.23 25.90
N ILE A 783 5.23 30.45 26.01
CA ILE A 783 4.25 29.38 26.03
C ILE A 783 3.36 29.53 24.81
N PRO A 784 3.58 28.73 23.76
CA PRO A 784 2.78 28.85 22.55
C PRO A 784 1.34 28.42 22.79
N TYR A 785 0.43 29.02 22.01
CA TYR A 785 -1.00 28.72 22.08
C TYR A 785 -1.54 28.92 23.49
N LEU A 786 -1.08 29.99 24.15
CA LEU A 786 -1.45 30.22 25.54
C LEU A 786 -2.91 30.63 25.68
N ALA A 787 -3.47 31.30 24.66
CA ALA A 787 -4.84 31.79 24.71
C ALA A 787 -5.72 31.17 23.62
N THR A 788 -5.26 30.09 22.99
CA THR A 788 -6.04 29.49 21.91
C THR A 788 -6.28 28.00 22.11
N ASP A 789 -5.29 27.26 22.62
CA ASP A 789 -5.39 25.82 22.75
C ASP A 789 -5.68 25.37 24.18
N VAL A 790 -4.95 25.88 25.15
CA VAL A 790 -5.12 25.48 26.54
C VAL A 790 -6.36 26.17 27.09
N THR A 791 -7.31 25.38 27.59
CA THR A 791 -8.55 25.87 28.16
C THR A 791 -8.72 25.31 29.58
N CYS A 792 -9.88 25.54 30.16
CA CYS A 792 -10.22 25.07 31.49
C CYS A 792 -11.35 24.05 31.39
N VAL A 793 -11.14 22.87 31.99
CA VAL A 793 -12.19 21.85 31.98
C VAL A 793 -13.40 22.32 32.75
N GLY A 794 -13.19 22.94 33.91
CA GLY A 794 -14.28 23.42 34.72
C GLY A 794 -13.83 24.50 35.69
N PRO A 795 -14.60 24.70 36.77
CA PRO A 795 -15.85 24.00 37.11
C PRO A 795 -17.09 24.76 36.66
N GLY A 796 -18.01 24.07 35.98
CA GLY A 796 -19.26 24.68 35.57
C GLY A 796 -19.12 25.65 34.42
N ALA A 797 -19.32 26.95 34.70
CA ALA A 797 -19.29 27.96 33.66
C ALA A 797 -17.89 28.26 33.14
N HIS A 798 -16.85 27.74 33.79
CA HIS A 798 -15.47 28.00 33.37
C HIS A 798 -15.01 27.09 32.24
N LYS A 799 -15.93 26.43 31.54
CA LYS A 799 -15.56 25.57 30.43
C LYS A 799 -15.09 26.41 29.25
N GLY A 800 -13.92 26.06 28.70
CA GLY A 800 -13.37 26.79 27.58
C GLY A 800 -12.75 28.13 27.91
N GLN A 801 -12.64 28.47 29.19
CA GLN A 801 -12.07 29.74 29.58
C GLN A 801 -10.56 29.75 29.36
N SER A 802 -10.04 30.94 29.02
CA SER A 802 -8.61 31.11 28.82
C SER A 802 -7.93 31.33 30.17
N VAL A 803 -6.86 30.57 30.41
CA VAL A 803 -6.13 30.69 31.67
C VAL A 803 -5.47 32.05 31.78
N ILE A 804 -4.87 32.54 30.69
CA ILE A 804 -4.23 33.85 30.69
C ILE A 804 -5.26 34.98 30.85
N SER A 805 -6.53 34.71 30.54
CA SER A 805 -7.60 35.69 30.68
C SER A 805 -8.45 35.45 31.92
N LEU A 806 -7.88 34.81 32.94
CA LEU A 806 -8.60 34.49 34.15
C LEU A 806 -8.22 35.44 35.28
N ASP A 807 -9.23 35.95 35.99
CA ASP A 807 -9.01 36.84 37.12
C ASP A 807 -10.03 36.47 38.19
N LEU A 808 -9.62 35.64 39.15
CA LEU A 808 -10.49 35.17 40.21
C LEU A 808 -10.40 36.15 41.38
N TYR A 809 -11.29 37.15 41.36
CA TYR A 809 -11.30 38.13 42.44
C TYR A 809 -11.81 37.54 43.75
N THR A 810 -12.72 36.57 43.67
CA THR A 810 -13.27 35.93 44.87
C THR A 810 -12.29 35.00 45.56
N CYS A 811 -11.18 34.65 44.90
CA CYS A 811 -10.21 33.75 45.49
C CYS A 811 -9.34 34.47 46.53
N ALA B 5 -26.36 -43.61 13.46
CA ALA B 5 -27.71 -43.75 13.99
C ALA B 5 -27.93 -42.82 15.19
N ARG B 6 -28.96 -43.13 15.97
CA ARG B 6 -29.28 -42.44 17.22
C ARG B 6 -29.85 -41.05 16.96
N TRP B 7 -29.78 -40.60 15.71
CA TRP B 7 -30.32 -39.32 15.23
C TRP B 7 -30.19 -38.18 16.24
N PHE B 8 -31.05 -38.18 17.25
CA PHE B 8 -31.18 -37.02 18.14
C PHE B 8 -30.09 -37.05 19.21
N PRO B 9 -29.23 -36.03 19.28
CA PRO B 9 -28.28 -35.93 20.40
C PRO B 9 -28.88 -35.14 21.55
N LYS B 10 -28.13 -34.96 22.63
CA LYS B 10 -28.63 -34.25 23.81
C LYS B 10 -27.93 -32.92 24.05
N THR B 11 -26.60 -32.95 24.25
CA THR B 11 -25.87 -31.73 24.57
C THR B 11 -24.51 -31.65 23.87
N LEU B 12 -24.33 -32.33 22.76
CA LEU B 12 -23.04 -32.35 22.09
C LEU B 12 -22.76 -31.01 21.42
N PRO B 13 -21.64 -30.35 21.73
CA PRO B 13 -21.28 -29.10 21.05
C PRO B 13 -20.62 -29.29 19.70
N CYS B 14 -20.66 -30.50 19.14
CA CYS B 14 -20.02 -30.81 17.86
C CYS B 14 -21.08 -31.15 16.83
N ASP B 15 -20.85 -30.71 15.60
CA ASP B 15 -21.78 -30.99 14.51
C ASP B 15 -21.82 -32.48 14.21
N VAL B 16 -23.00 -32.99 13.87
CA VAL B 16 -23.21 -34.40 13.56
C VAL B 16 -23.75 -34.50 12.14
N THR B 17 -23.09 -35.30 11.32
CA THR B 17 -23.49 -35.56 9.95
C THR B 17 -23.77 -37.05 9.79
N LEU B 18 -24.91 -37.37 9.18
CA LEU B 18 -25.34 -38.75 9.00
C LEU B 18 -25.38 -39.09 7.52
N ASP B 19 -24.80 -40.25 7.17
CA ASP B 19 -24.83 -40.77 5.81
C ASP B 19 -25.37 -42.20 5.89
N VAL B 20 -26.67 -42.36 5.62
CA VAL B 20 -27.29 -43.67 5.73
C VAL B 20 -26.71 -44.62 4.68
N SER B 21 -26.50 -44.13 3.46
CA SER B 21 -25.95 -44.99 2.41
C SER B 21 -24.54 -45.45 2.75
N LYS B 22 -23.71 -44.55 3.30
CA LYS B 22 -22.35 -44.89 3.65
C LYS B 22 -22.21 -45.45 5.07
N ASN B 23 -23.29 -45.41 5.86
CA ASN B 23 -23.27 -45.90 7.24
C ASN B 23 -22.16 -45.23 8.05
N HIS B 24 -21.99 -43.93 7.84
CA HIS B 24 -20.95 -43.15 8.50
C HIS B 24 -21.58 -42.01 9.29
N VAL B 25 -21.14 -41.84 10.53
CA VAL B 25 -21.56 -40.72 11.37
C VAL B 25 -20.32 -39.89 11.69
N ILE B 26 -20.40 -38.60 11.40
CA ILE B 26 -19.25 -37.69 11.51
C ILE B 26 -19.50 -36.73 12.66
N VAL B 27 -18.52 -36.64 13.56
CA VAL B 27 -18.56 -35.72 14.69
C VAL B 27 -17.38 -34.77 14.54
N ASP B 28 -17.66 -33.48 14.44
CA ASP B 28 -16.63 -32.46 14.19
C ASP B 28 -16.58 -31.50 15.38
N CYS B 29 -15.54 -31.61 16.18
CA CYS B 29 -15.31 -30.74 17.33
C CYS B 29 -14.14 -29.79 17.08
N THR B 30 -14.00 -29.31 15.85
CA THR B 30 -12.89 -28.45 15.49
C THR B 30 -13.05 -27.08 16.13
N ASP B 31 -11.98 -26.60 16.77
CA ASP B 31 -11.92 -25.27 17.39
C ASP B 31 -13.06 -25.08 18.39
N LYS B 32 -13.07 -25.93 19.41
CA LYS B 32 -14.08 -25.86 20.47
C LYS B 32 -13.50 -25.61 21.85
N HIS B 33 -12.17 -25.59 22.00
CA HIS B 33 -11.51 -25.33 23.28
C HIS B 33 -12.00 -26.27 24.38
N LEU B 34 -12.12 -27.54 24.04
CA LEU B 34 -12.58 -28.56 24.97
C LEU B 34 -11.39 -29.07 25.79
N THR B 35 -11.43 -28.83 27.10
CA THR B 35 -10.38 -29.36 27.98
C THR B 35 -10.43 -30.89 28.02
N GLU B 36 -11.64 -31.45 28.06
CA GLU B 36 -11.82 -32.89 28.10
C GLU B 36 -12.89 -33.29 27.09
N ILE B 37 -12.88 -34.57 26.73
CA ILE B 37 -13.88 -35.08 25.78
C ILE B 37 -15.26 -34.99 26.40
N PRO B 38 -16.22 -34.33 25.74
CA PRO B 38 -17.56 -34.20 26.32
C PRO B 38 -18.27 -35.54 26.40
N GLY B 39 -19.18 -35.64 27.38
CA GLY B 39 -19.96 -36.84 27.53
C GLY B 39 -21.12 -36.92 26.55
N GLY B 40 -21.77 -38.08 26.55
CA GLY B 40 -22.90 -38.28 25.67
C GLY B 40 -22.54 -38.53 24.23
N ILE B 41 -21.29 -38.87 23.94
CA ILE B 41 -20.89 -39.17 22.56
C ILE B 41 -21.56 -40.45 22.10
N PRO B 42 -22.23 -40.46 20.94
CA PRO B 42 -22.94 -41.66 20.51
C PRO B 42 -21.98 -42.81 20.24
N THR B 43 -22.47 -44.03 20.49
CA THR B 43 -21.70 -45.24 20.20
C THR B 43 -21.74 -45.63 18.74
N ASN B 44 -22.59 -44.99 17.94
CA ASN B 44 -22.73 -45.30 16.52
C ASN B 44 -21.85 -44.43 15.64
N THR B 45 -21.11 -43.49 16.22
CA THR B 45 -20.27 -42.61 15.42
C THR B 45 -19.11 -43.38 14.79
N THR B 46 -18.66 -42.88 13.64
CA THR B 46 -17.56 -43.50 12.89
C THR B 46 -16.32 -42.62 12.82
N ASN B 47 -16.50 -41.32 12.60
CA ASN B 47 -15.38 -40.38 12.52
C ASN B 47 -15.44 -39.44 13.71
N LEU B 48 -14.32 -39.33 14.43
CA LEU B 48 -14.21 -38.44 15.58
C LEU B 48 -13.15 -37.39 15.29
N THR B 49 -13.52 -36.12 15.47
CA THR B 49 -12.63 -34.99 15.25
C THR B 49 -12.28 -34.38 16.60
N LEU B 50 -11.00 -34.38 16.94
CA LEU B 50 -10.49 -33.85 18.20
C LEU B 50 -9.25 -33.00 17.96
N THR B 51 -9.39 -32.01 17.06
CA THR B 51 -8.30 -31.13 16.68
C THR B 51 -7.98 -30.13 17.77
N ILE B 52 -7.28 -29.05 17.44
CA ILE B 52 -6.64 -28.15 18.39
C ILE B 52 -7.56 -27.83 19.55
N ASN B 53 -7.13 -28.17 20.76
CA ASN B 53 -7.92 -28.03 21.97
C ASN B 53 -6.96 -27.98 23.15
N HIS B 54 -7.48 -28.20 24.36
CA HIS B 54 -6.68 -28.21 25.58
C HIS B 54 -6.77 -29.56 26.29
N ILE B 55 -6.73 -30.65 25.52
CA ILE B 55 -6.79 -31.99 26.08
C ILE B 55 -5.45 -32.30 26.75
N PRO B 56 -5.44 -32.65 28.05
CA PRO B 56 -4.16 -32.91 28.71
C PRO B 56 -3.53 -34.23 28.31
N ASP B 57 -4.31 -35.29 28.19
CA ASP B 57 -3.77 -36.61 27.90
C ASP B 57 -4.89 -37.47 27.32
N ILE B 58 -4.58 -38.74 27.06
CA ILE B 58 -5.54 -39.70 26.51
C ILE B 58 -5.67 -40.85 27.48
N SER B 59 -6.92 -41.20 27.83
CA SER B 59 -7.21 -42.26 28.78
C SER B 59 -7.89 -43.43 28.07
N PRO B 60 -7.67 -44.66 28.54
CA PRO B 60 -8.38 -45.80 27.93
C PRO B 60 -9.88 -45.71 28.02
N ALA B 61 -10.42 -45.05 29.06
CA ALA B 61 -11.86 -44.91 29.21
C ALA B 61 -12.46 -43.91 28.23
N SER B 62 -11.63 -43.15 27.51
CA SER B 62 -12.16 -42.18 26.55
C SER B 62 -12.93 -42.88 25.43
N PHE B 63 -12.42 -44.00 24.94
CA PHE B 63 -13.05 -44.78 23.89
C PHE B 63 -13.47 -46.15 24.40
N HIS B 64 -14.01 -46.20 25.61
CA HIS B 64 -14.41 -47.48 26.21
C HIS B 64 -15.68 -48.00 25.55
N ARG B 65 -16.75 -47.19 25.55
CA ARG B 65 -18.02 -47.60 24.99
C ARG B 65 -18.12 -47.37 23.48
N LEU B 66 -17.10 -46.78 22.87
CA LEU B 66 -17.10 -46.53 21.43
C LEU B 66 -16.37 -47.68 20.74
N VAL B 67 -17.12 -48.54 20.07
CA VAL B 67 -16.57 -49.69 19.36
C VAL B 67 -16.73 -49.59 17.85
N HIS B 68 -17.57 -48.69 17.35
CA HIS B 68 -17.77 -48.51 15.92
C HIS B 68 -16.92 -47.42 15.31
N LEU B 69 -16.00 -46.83 16.09
CA LEU B 69 -15.16 -45.76 15.57
C LEU B 69 -14.18 -46.32 14.54
N VAL B 70 -14.12 -45.65 13.39
CA VAL B 70 -13.20 -46.02 12.32
C VAL B 70 -12.21 -44.93 11.98
N GLU B 71 -12.34 -43.74 12.56
CA GLU B 71 -11.45 -42.63 12.25
C GLU B 71 -11.35 -41.73 13.48
N ILE B 72 -10.13 -41.57 14.00
CA ILE B 72 -9.86 -40.69 15.12
C ILE B 72 -8.84 -39.66 14.68
N ASP B 73 -9.19 -38.39 14.84
CA ASP B 73 -8.32 -37.28 14.49
C ASP B 73 -7.92 -36.53 15.75
N PHE B 74 -6.61 -36.37 15.95
CA PHE B 74 -6.06 -35.70 17.13
C PHE B 74 -4.96 -34.72 16.72
N ARG B 75 -5.21 -34.00 15.63
CA ARG B 75 -4.19 -33.17 15.01
C ARG B 75 -3.99 -31.87 15.80
N CYS B 76 -2.74 -31.54 16.07
CA CYS B 76 -2.35 -30.24 16.63
C CYS B 76 -3.07 -29.95 17.95
N ASN B 77 -3.17 -30.96 18.81
CA ASN B 77 -3.76 -30.75 20.12
C ASN B 77 -2.85 -29.98 21.07
N CYS B 78 -1.57 -29.84 20.74
CA CYS B 78 -0.64 -29.06 21.54
C CYS B 78 0.47 -28.55 20.62
N VAL B 79 0.35 -27.31 20.19
CA VAL B 79 1.33 -26.70 19.29
C VAL B 79 2.40 -26.02 20.14
N PRO B 80 3.68 -26.38 19.99
CA PRO B 80 4.79 -25.78 20.76
C PRO B 80 4.91 -24.28 20.53
N CYS B 90 1.88 -23.79 25.28
CA CYS B 90 1.26 -25.10 25.41
C CYS B 90 1.77 -25.79 26.67
N PRO B 91 0.94 -26.63 27.30
CA PRO B 91 1.42 -27.41 28.45
C PRO B 91 2.36 -28.53 28.03
N ARG B 92 2.71 -29.40 28.98
CA ARG B 92 3.59 -30.52 28.70
C ARG B 92 3.03 -31.40 27.59
N ARG B 93 3.89 -32.26 27.05
CA ARG B 93 3.51 -33.09 25.92
C ARG B 93 2.40 -34.06 26.30
N LEU B 94 1.62 -34.45 25.29
CA LEU B 94 0.51 -35.36 25.50
C LEU B 94 1.03 -36.74 25.90
N GLN B 95 0.39 -37.34 26.90
CA GLN B 95 0.73 -38.66 27.38
C GLN B 95 -0.40 -39.62 27.06
N ILE B 96 -0.05 -40.78 26.50
CA ILE B 96 -1.02 -41.80 26.12
C ILE B 96 -0.84 -42.98 27.06
N LYS B 97 -1.92 -43.35 27.76
CA LYS B 97 -1.87 -44.49 28.65
C LYS B 97 -1.80 -45.79 27.84
N PRO B 98 -1.19 -46.83 28.39
CA PRO B 98 -1.13 -48.11 27.68
C PRO B 98 -2.52 -48.69 27.45
N ARG B 99 -2.66 -49.42 26.34
CA ARG B 99 -3.91 -50.06 25.94
C ARG B 99 -5.04 -49.04 25.81
N SER B 100 -4.73 -47.88 25.24
CA SER B 100 -5.72 -46.84 25.01
C SER B 100 -6.41 -46.96 23.66
N PHE B 101 -5.97 -47.88 22.81
CA PHE B 101 -6.57 -48.06 21.49
C PHE B 101 -6.88 -49.51 21.15
N SER B 102 -6.57 -50.45 22.04
CA SER B 102 -6.82 -51.87 21.74
C SER B 102 -8.30 -52.19 21.68
N GLY B 103 -9.17 -51.38 22.30
CA GLY B 103 -10.59 -51.64 22.28
C GLY B 103 -11.30 -51.23 21.01
N LEU B 104 -10.60 -50.56 20.09
CA LEU B 104 -11.20 -50.11 18.84
C LEU B 104 -10.82 -51.11 17.75
N THR B 105 -11.57 -52.21 17.70
CA THR B 105 -11.30 -53.25 16.71
C THR B 105 -11.64 -52.79 15.30
N TYR B 106 -12.55 -51.82 15.17
CA TYR B 106 -12.95 -51.32 13.85
C TYR B 106 -12.16 -50.10 13.42
N LEU B 107 -11.16 -49.68 14.19
CA LEU B 107 -10.37 -48.51 13.84
C LEU B 107 -9.56 -48.79 12.58
N LYS B 108 -9.52 -47.80 11.68
CA LYS B 108 -8.80 -47.95 10.42
C LYS B 108 -7.85 -46.78 10.18
N SER B 109 -8.19 -45.60 10.69
CA SER B 109 -7.39 -44.41 10.48
C SER B 109 -7.20 -43.68 11.81
N LEU B 110 -5.99 -43.16 12.02
CA LEU B 110 -5.67 -42.45 13.26
C LEU B 110 -4.69 -41.33 12.94
N TYR B 111 -4.97 -40.13 13.44
CA TYR B 111 -4.11 -38.97 13.29
C TYR B 111 -3.64 -38.52 14.65
N LEU B 112 -2.33 -38.31 14.79
CA LEU B 112 -1.73 -37.85 16.04
C LEU B 112 -0.71 -36.76 15.77
N ASP B 113 -0.96 -35.93 14.76
CA ASP B 113 -0.02 -34.89 14.38
C ASP B 113 -0.04 -33.75 15.39
N GLY B 114 1.13 -33.14 15.59
CA GLY B 114 1.25 -31.99 16.47
C GLY B 114 0.93 -32.28 17.93
N ASN B 115 1.43 -33.40 18.46
CA ASN B 115 1.20 -33.77 19.85
C ASN B 115 2.47 -33.86 20.68
N GLN B 116 3.63 -33.51 20.09
CA GLN B 116 4.91 -33.52 20.81
C GLN B 116 5.22 -34.90 21.39
N LEU B 117 4.81 -35.95 20.67
CA LEU B 117 5.10 -37.31 21.12
C LEU B 117 6.58 -37.63 20.97
N LEU B 118 7.12 -38.38 21.93
CA LEU B 118 8.53 -38.75 21.89
C LEU B 118 8.76 -40.07 21.18
N GLU B 119 7.86 -41.04 21.35
CA GLU B 119 7.97 -42.34 20.72
C GLU B 119 6.65 -42.72 20.08
N ILE B 120 6.70 -43.71 19.19
CA ILE B 120 5.49 -44.19 18.53
C ILE B 120 4.58 -44.85 19.56
N PRO B 121 3.30 -44.47 19.63
CA PRO B 121 2.41 -45.12 20.59
C PRO B 121 2.26 -46.60 20.31
N GLN B 122 2.12 -47.38 21.38
CA GLN B 122 1.99 -48.83 21.30
C GLN B 122 0.55 -49.24 21.60
N GLY B 123 0.27 -50.52 21.33
CA GLY B 123 -1.05 -51.06 21.57
C GLY B 123 -2.09 -50.72 20.53
N LEU B 124 -1.68 -50.24 19.36
CA LEU B 124 -2.64 -49.90 18.31
C LEU B 124 -3.32 -51.17 17.81
N PRO B 125 -4.60 -51.08 17.41
CA PRO B 125 -5.29 -52.27 16.93
C PRO B 125 -4.70 -52.75 15.62
N PRO B 126 -4.75 -54.06 15.35
CA PRO B 126 -4.22 -54.58 14.08
C PRO B 126 -4.99 -54.14 12.85
N SER B 127 -6.20 -53.59 13.01
CA SER B 127 -7.01 -53.18 11.89
C SER B 127 -6.65 -51.78 11.37
N LEU B 128 -5.68 -51.12 11.99
CA LEU B 128 -5.29 -49.79 11.56
C LEU B 128 -4.69 -49.82 10.16
N GLN B 129 -5.08 -48.85 9.34
CA GLN B 129 -4.57 -48.72 7.98
C GLN B 129 -3.79 -47.44 7.74
N LEU B 130 -4.10 -46.36 8.45
CA LEU B 130 -3.43 -45.08 8.31
C LEU B 130 -2.92 -44.61 9.66
N LEU B 131 -1.75 -44.00 9.67
CA LEU B 131 -1.16 -43.48 10.90
C LEU B 131 -0.36 -42.24 10.56
N SER B 132 -0.71 -41.13 11.20
CA SER B 132 -0.04 -39.85 11.00
C SER B 132 0.64 -39.43 12.30
N LEU B 133 1.93 -39.12 12.22
CA LEU B 133 2.74 -38.72 13.37
C LEU B 133 3.59 -37.51 13.04
N GLU B 134 3.05 -36.59 12.25
CA GLU B 134 3.80 -35.41 11.84
C GLU B 134 3.89 -34.41 12.99
N ALA B 135 4.87 -33.50 12.89
CA ALA B 135 5.09 -32.44 13.86
C ALA B 135 5.27 -32.98 15.27
N ASN B 136 6.00 -34.09 15.38
CA ASN B 136 6.29 -34.72 16.66
C ASN B 136 7.80 -34.72 16.91
N ASN B 137 8.20 -35.31 18.02
CA ASN B 137 9.60 -35.38 18.43
C ASN B 137 10.15 -36.79 18.35
N ILE B 138 9.73 -37.54 17.32
CA ILE B 138 10.18 -38.92 17.12
C ILE B 138 11.27 -38.88 16.05
N PHE B 139 12.52 -39.01 16.48
CA PHE B 139 13.67 -39.02 15.58
C PHE B 139 14.40 -40.37 15.57
N SER B 140 13.83 -41.39 16.21
CA SER B 140 14.41 -42.72 16.23
C SER B 140 13.36 -43.73 15.79
N ILE B 141 13.74 -44.63 14.89
CA ILE B 141 12.85 -45.64 14.35
C ILE B 141 13.45 -47.01 14.64
N ARG B 142 12.67 -47.87 15.28
CA ARG B 142 13.09 -49.22 15.61
C ARG B 142 12.03 -50.22 15.16
N LYS B 143 12.48 -51.44 14.86
CA LYS B 143 11.57 -52.47 14.36
C LYS B 143 10.61 -52.95 15.45
N GLU B 144 11.01 -52.86 16.73
CA GLU B 144 10.14 -53.30 17.81
C GLU B 144 8.86 -52.48 17.86
N GLN B 145 8.97 -51.16 17.69
CA GLN B 145 7.79 -50.31 17.69
C GLN B 145 6.97 -50.43 16.41
N LEU B 146 7.58 -50.89 15.32
CA LEU B 146 6.88 -51.07 14.06
C LEU B 146 6.33 -52.48 13.89
N THR B 147 6.63 -53.39 14.82
CA THR B 147 6.10 -54.75 14.72
C THR B 147 4.59 -54.77 14.79
N GLU B 148 3.99 -53.96 15.67
CA GLU B 148 2.55 -53.91 15.80
C GLU B 148 1.85 -53.29 14.59
N LEU B 149 2.60 -52.61 13.72
CA LEU B 149 2.04 -51.95 12.55
C LEU B 149 2.20 -52.79 11.28
N ALA B 150 2.15 -54.12 11.41
CA ALA B 150 2.35 -54.99 10.26
C ALA B 150 1.23 -54.87 9.23
N ASN B 151 0.07 -54.36 9.62
CA ASN B 151 -1.07 -54.23 8.72
C ASN B 151 -1.30 -52.79 8.27
N ILE B 152 -0.37 -51.87 8.55
CA ILE B 152 -0.54 -50.49 8.15
C ILE B 152 -0.33 -50.35 6.64
N GLU B 153 -0.95 -49.32 6.07
CA GLU B 153 -0.84 -49.05 4.64
C GLU B 153 -0.23 -47.68 4.35
N ILE B 154 -0.62 -46.66 5.09
CA ILE B 154 -0.12 -45.30 4.89
C ILE B 154 0.52 -44.84 6.19
N LEU B 155 1.76 -44.38 6.11
CA LEU B 155 2.52 -43.90 7.26
C LEU B 155 2.98 -42.48 7.01
N TYR B 156 2.76 -41.60 7.98
CA TYR B 156 3.16 -40.20 7.90
C TYR B 156 4.04 -39.90 9.11
N LEU B 157 5.35 -39.81 8.90
CA LEU B 157 6.31 -39.52 9.96
C LEU B 157 7.13 -38.27 9.67
N GLY B 158 6.63 -37.39 8.81
CA GLY B 158 7.39 -36.24 8.39
C GLY B 158 7.35 -35.09 9.38
N GLN B 159 8.17 -34.07 9.08
CA GLN B 159 8.24 -32.85 9.89
C GLN B 159 8.55 -33.15 11.35
N ASN B 160 9.47 -34.07 11.59
CA ASN B 160 9.87 -34.42 12.95
C ASN B 160 11.15 -33.71 13.39
N CYS B 161 11.99 -33.26 12.46
CA CYS B 161 13.20 -32.55 12.82
C CYS B 161 13.59 -31.66 11.63
N TYR B 162 13.30 -30.37 11.75
CA TYR B 162 13.66 -29.38 10.74
C TYR B 162 13.71 -28.02 11.43
N TYR B 163 13.81 -26.96 10.62
CA TYR B 163 14.10 -25.63 11.18
C TYR B 163 12.94 -25.11 12.04
N ARG B 164 11.71 -25.48 11.72
CA ARG B 164 10.57 -25.04 12.53
C ARG B 164 10.48 -25.84 13.83
N ASN B 165 10.79 -27.13 13.78
CA ASN B 165 10.71 -28.02 14.94
C ASN B 165 12.04 -28.75 15.07
N PRO B 166 13.07 -28.07 15.59
CA PRO B 166 14.40 -28.68 15.65
C PRO B 166 14.49 -29.76 16.73
N CYS B 167 15.40 -30.70 16.48
CA CYS B 167 15.73 -31.73 17.45
C CYS B 167 17.22 -31.96 17.62
N TYR B 168 18.07 -31.33 16.80
CA TYR B 168 19.52 -31.33 16.92
C TYR B 168 20.13 -32.72 16.79
N VAL B 169 19.38 -33.71 16.34
CA VAL B 169 19.87 -35.07 16.15
C VAL B 169 19.45 -35.55 14.77
N SER B 170 20.39 -36.14 14.04
CA SER B 170 20.06 -36.70 12.73
C SER B 170 19.13 -37.90 12.89
N TYR B 171 18.25 -38.06 11.91
CA TYR B 171 17.29 -39.17 11.93
C TYR B 171 18.02 -40.50 11.91
N SER B 172 17.57 -41.42 12.75
CA SER B 172 18.17 -42.75 12.86
C SER B 172 17.10 -43.79 12.57
N ILE B 173 17.35 -44.63 11.57
CA ILE B 173 16.47 -45.74 11.22
C ILE B 173 17.28 -47.01 11.20
N GLU B 174 16.84 -48.02 11.97
CA GLU B 174 17.56 -49.28 12.02
C GLU B 174 17.37 -50.05 10.72
N LYS B 175 18.27 -51.01 10.48
CA LYS B 175 18.26 -51.76 9.24
C LYS B 175 16.97 -52.57 9.10
N ASP B 176 16.39 -52.52 7.90
CA ASP B 176 15.19 -53.28 7.56
C ASP B 176 14.03 -52.98 8.53
N ALA B 177 13.90 -51.71 8.91
CA ALA B 177 12.83 -51.32 9.83
C ALA B 177 11.47 -51.45 9.16
N PHE B 178 11.36 -51.05 7.90
CA PHE B 178 10.09 -51.09 7.17
C PHE B 178 9.95 -52.33 6.31
N LEU B 179 10.90 -53.27 6.38
CA LEU B 179 10.88 -54.43 5.49
C LEU B 179 9.66 -55.31 5.73
N ASN B 180 9.30 -55.52 6.99
CA ASN B 180 8.22 -56.44 7.32
C ASN B 180 6.83 -55.81 7.18
N LEU B 181 6.75 -54.52 6.86
CA LEU B 181 5.48 -53.86 6.61
C LEU B 181 5.05 -54.18 5.18
N THR B 182 4.55 -55.40 5.00
CA THR B 182 4.19 -55.87 3.66
C THR B 182 3.00 -55.11 3.09
N LYS B 183 2.14 -54.56 3.94
CA LYS B 183 0.97 -53.83 3.49
C LYS B 183 1.25 -52.34 3.27
N LEU B 184 2.47 -51.88 3.49
CA LEU B 184 2.78 -50.47 3.34
C LEU B 184 2.67 -50.04 1.88
N LYS B 185 2.04 -48.90 1.65
CA LYS B 185 1.87 -48.34 0.31
C LYS B 185 2.40 -46.93 0.18
N VAL B 186 2.22 -46.08 1.20
CA VAL B 186 2.66 -44.69 1.17
C VAL B 186 3.52 -44.44 2.40
N LEU B 187 4.71 -43.87 2.17
CA LEU B 187 5.63 -43.53 3.25
C LEU B 187 6.13 -42.11 3.04
N SER B 188 6.09 -41.30 4.09
CA SER B 188 6.52 -39.91 4.04
C SER B 188 7.55 -39.66 5.12
N LEU B 189 8.68 -39.05 4.74
CA LEU B 189 9.74 -38.73 5.68
C LEU B 189 10.26 -37.32 5.42
N LYS B 190 9.35 -36.40 5.09
CA LYS B 190 9.75 -35.03 4.75
C LYS B 190 10.15 -34.26 6.01
N ASP B 191 11.18 -33.42 5.86
CA ASP B 191 11.63 -32.52 6.92
C ASP B 191 11.98 -33.30 8.20
N ASN B 192 12.59 -34.46 8.03
CA ASN B 192 12.95 -35.32 9.15
C ASN B 192 14.46 -35.40 9.38
N ASN B 193 15.24 -34.56 8.72
CA ASN B 193 16.70 -34.53 8.88
C ASN B 193 17.32 -35.89 8.56
N VAL B 194 16.75 -36.57 7.56
CA VAL B 194 17.24 -37.89 7.17
C VAL B 194 18.50 -37.74 6.34
N THR B 195 19.50 -38.55 6.64
CA THR B 195 20.78 -38.53 5.92
C THR B 195 20.89 -39.64 4.87
N THR B 196 20.37 -40.84 5.18
CA THR B 196 20.46 -41.98 4.29
C THR B 196 19.08 -42.58 4.08
N VAL B 197 18.78 -42.97 2.84
CA VAL B 197 17.49 -43.58 2.53
C VAL B 197 17.34 -44.88 3.32
N PRO B 198 16.23 -45.10 4.02
CA PRO B 198 16.12 -46.27 4.89
C PRO B 198 15.93 -47.59 4.14
N THR B 199 17.02 -48.17 3.69
CA THR B 199 16.97 -49.51 3.10
C THR B 199 16.76 -50.55 4.21
N VAL B 200 15.96 -51.58 3.90
CA VAL B 200 15.32 -51.81 2.62
C VAL B 200 13.81 -51.59 2.72
N LEU B 201 13.30 -50.71 1.86
CA LEU B 201 11.87 -50.42 1.85
C LEU B 201 11.09 -51.62 1.30
N PRO B 202 9.84 -51.80 1.72
CA PRO B 202 9.04 -52.90 1.21
C PRO B 202 8.77 -52.76 -0.28
N SER B 203 8.66 -53.90 -0.95
CA SER B 203 8.47 -53.92 -2.40
C SER B 203 7.08 -53.46 -2.83
N THR B 204 6.15 -53.30 -1.88
CA THR B 204 4.79 -52.88 -2.20
C THR B 204 4.61 -51.36 -2.11
N LEU B 205 5.68 -50.61 -1.89
CA LEU B 205 5.57 -49.16 -1.80
C LEU B 205 5.15 -48.57 -3.14
N THR B 206 4.26 -47.58 -3.09
CA THR B 206 3.79 -46.88 -4.27
C THR B 206 4.15 -45.40 -4.27
N GLU B 207 4.15 -44.75 -3.11
CA GLU B 207 4.52 -43.34 -3.00
C GLU B 207 5.59 -43.19 -1.93
N LEU B 208 6.71 -42.58 -2.28
CA LEU B 208 7.81 -42.33 -1.36
C LEU B 208 8.07 -40.83 -1.32
N TYR B 209 8.12 -40.27 -0.11
CA TYR B 209 8.31 -38.83 0.10
C TYR B 209 9.51 -38.65 1.02
N LEU B 210 10.69 -38.44 0.42
CA LEU B 210 11.92 -38.21 1.17
C LEU B 210 12.44 -36.79 0.96
N TYR B 211 11.58 -35.85 0.60
CA TYR B 211 12.04 -34.52 0.24
C TYR B 211 12.30 -33.68 1.48
N ASN B 212 13.00 -32.55 1.26
CA ASN B 212 13.36 -31.61 2.32
C ASN B 212 14.16 -32.29 3.43
N ASN B 213 15.11 -33.14 3.04
CA ASN B 213 15.98 -33.85 3.97
C ASN B 213 17.43 -33.46 3.70
N MET B 214 18.35 -34.12 4.41
CA MET B 214 19.78 -33.89 4.28
C MET B 214 20.50 -35.03 3.57
N ILE B 215 19.81 -35.69 2.63
CA ILE B 215 20.43 -36.78 1.89
C ILE B 215 21.41 -36.21 0.88
N ALA B 216 22.65 -36.69 0.91
CA ALA B 216 23.70 -36.20 0.03
C ALA B 216 24.06 -37.16 -1.09
N GLU B 217 23.83 -38.46 -0.91
CA GLU B 217 24.18 -39.44 -1.92
C GLU B 217 23.07 -40.47 -2.05
N ILE B 218 22.99 -41.09 -3.22
CA ILE B 218 22.02 -42.14 -3.51
C ILE B 218 22.80 -43.38 -3.95
N GLN B 219 22.46 -44.52 -3.36
CA GLN B 219 23.12 -45.77 -3.71
C GLN B 219 22.42 -46.43 -4.90
N GLU B 220 23.19 -47.27 -5.61
CA GLU B 220 22.63 -47.98 -6.76
C GLU B 220 21.61 -49.03 -6.35
N ASP B 221 21.66 -49.51 -5.12
CA ASP B 221 20.70 -50.47 -4.60
C ASP B 221 19.63 -49.82 -3.73
N ASP B 222 19.54 -48.49 -3.75
CA ASP B 222 18.58 -47.79 -2.91
C ASP B 222 17.14 -48.15 -3.27
N PHE B 223 16.85 -48.21 -4.57
CA PHE B 223 15.52 -48.55 -5.06
C PHE B 223 15.57 -49.83 -5.90
N ASN B 224 16.32 -50.82 -5.42
CA ASN B 224 16.51 -52.05 -6.20
C ASN B 224 15.28 -52.94 -6.18
N ASN B 225 14.50 -52.92 -5.09
CA ASN B 225 13.35 -53.79 -4.95
C ASN B 225 12.02 -53.10 -5.21
N LEU B 226 12.00 -51.77 -5.34
CA LEU B 226 10.77 -51.03 -5.56
C LEU B 226 10.39 -51.12 -7.03
N ASN B 227 9.40 -51.95 -7.35
CA ASN B 227 8.90 -52.07 -8.72
C ASN B 227 7.50 -51.51 -8.91
N GLN B 228 6.72 -51.34 -7.83
CA GLN B 228 5.39 -50.78 -7.91
C GLN B 228 5.34 -49.30 -7.52
N LEU B 229 6.50 -48.68 -7.33
CA LEU B 229 6.54 -47.27 -6.95
C LEU B 229 6.01 -46.40 -8.08
N GLN B 230 5.19 -45.41 -7.72
CA GLN B 230 4.60 -44.50 -8.69
C GLN B 230 5.00 -43.04 -8.47
N ILE B 231 5.15 -42.61 -7.22
CA ILE B 231 5.52 -41.24 -6.90
C ILE B 231 6.79 -41.27 -6.07
N LEU B 232 7.82 -40.54 -6.52
CA LEU B 232 9.08 -40.43 -5.82
C LEU B 232 9.43 -38.97 -5.66
N ASP B 233 9.77 -38.56 -4.43
CA ASP B 233 10.11 -37.18 -4.13
C ASP B 233 11.50 -37.14 -3.51
N LEU B 234 12.37 -36.28 -4.07
CA LEU B 234 13.73 -36.11 -3.55
C LEU B 234 14.11 -34.63 -3.47
N SER B 235 13.12 -33.77 -3.26
CA SER B 235 13.36 -32.34 -3.25
C SER B 235 14.10 -31.91 -1.99
N GLY B 236 14.73 -30.75 -2.06
CA GLY B 236 15.38 -30.15 -0.90
C GLY B 236 16.68 -30.78 -0.49
N ASN B 237 17.12 -31.84 -1.15
CA ASN B 237 18.40 -32.47 -0.83
C ASN B 237 19.50 -31.73 -1.59
N CYS B 238 20.38 -31.11 -0.83
CA CYS B 238 21.42 -30.28 -1.47
C CYS B 238 20.65 -29.20 -2.20
N PRO B 239 19.92 -28.29 -1.52
CA PRO B 239 19.03 -27.36 -2.23
C PRO B 239 19.78 -26.12 -2.72
N ARG B 240 19.10 -25.38 -3.59
CA ARG B 240 19.59 -24.10 -4.06
C ARG B 240 19.18 -23.02 -3.06
N CYS B 241 20.15 -22.49 -2.31
CA CYS B 241 19.88 -21.61 -1.19
C CYS B 241 19.99 -20.14 -1.52
N TYR B 242 20.16 -19.77 -2.79
CA TYR B 242 20.27 -18.37 -3.15
C TYR B 242 18.91 -17.69 -3.03
N ASN B 243 18.89 -16.55 -2.32
CA ASN B 243 17.67 -15.76 -2.15
C ASN B 243 16.54 -16.58 -1.55
N ALA B 244 16.89 -17.47 -0.62
CA ALA B 244 15.90 -18.32 0.03
C ALA B 244 15.26 -17.58 1.19
N PRO B 245 13.93 -17.45 1.21
CA PRO B 245 13.27 -16.75 2.32
C PRO B 245 13.11 -17.63 3.56
N PHE B 246 13.67 -18.82 3.52
CA PHE B 246 13.58 -19.76 4.63
C PHE B 246 14.97 -20.32 4.90
N PRO B 247 15.25 -20.73 6.13
CA PRO B 247 16.56 -21.31 6.43
C PRO B 247 16.82 -22.57 5.63
N CYS B 248 18.07 -22.72 5.17
CA CYS B 248 18.48 -23.89 4.42
C CYS B 248 20.00 -24.03 4.44
N THR B 249 20.51 -25.23 4.30
CA THR B 249 21.99 -25.30 4.24
C THR B 249 22.38 -25.95 2.93
N PRO B 250 23.10 -25.24 2.05
CA PRO B 250 23.57 -25.86 0.83
C PRO B 250 24.49 -27.02 1.22
N CYS B 251 24.63 -28.01 0.35
CA CYS B 251 25.61 -29.09 0.62
C CYS B 251 26.99 -28.47 0.41
N LYS B 252 28.06 -29.22 0.65
CA LYS B 252 29.41 -28.61 0.57
C LYS B 252 29.78 -28.33 -0.87
N ASN B 253 30.63 -27.35 -1.11
CA ASN B 253 31.12 -27.09 -2.48
C ASN B 253 29.92 -26.96 -3.41
N ASN B 254 28.79 -26.51 -2.88
CA ASN B 254 27.56 -26.46 -3.71
C ASN B 254 27.50 -27.71 -4.57
N SER B 255 27.91 -28.86 -4.03
CA SER B 255 27.86 -30.12 -4.78
C SER B 255 26.41 -30.46 -5.07
N PRO B 256 26.13 -31.15 -6.18
CA PRO B 256 24.76 -31.60 -6.48
C PRO B 256 24.46 -32.93 -5.80
N LEU B 257 23.18 -33.25 -5.75
CA LEU B 257 22.73 -34.53 -5.19
C LEU B 257 23.22 -35.66 -6.09
N GLN B 258 24.21 -36.41 -5.62
CA GLN B 258 24.85 -37.45 -6.42
C GLN B 258 23.89 -38.61 -6.62
N ILE B 259 23.37 -38.75 -7.83
CA ILE B 259 22.47 -39.84 -8.19
C ILE B 259 23.14 -40.66 -9.28
N PRO B 260 23.36 -41.95 -9.07
CA PRO B 260 24.02 -42.77 -10.10
C PRO B 260 23.15 -42.91 -11.34
N VAL B 261 23.81 -43.21 -12.46
CA VAL B 261 23.10 -43.38 -13.72
C VAL B 261 22.14 -44.56 -13.64
N ASN B 262 22.57 -45.65 -13.01
CA ASN B 262 21.74 -46.85 -12.87
C ASN B 262 20.98 -46.84 -11.53
N ALA B 263 20.26 -45.75 -11.26
CA ALA B 263 19.50 -45.61 -10.03
C ALA B 263 18.02 -45.94 -10.22
N PHE B 264 17.37 -45.33 -11.21
CA PHE B 264 15.97 -45.60 -11.50
C PHE B 264 15.81 -46.73 -12.52
N ASP B 265 16.44 -47.86 -12.24
CA ASP B 265 16.37 -49.01 -13.14
C ASP B 265 15.23 -49.95 -12.77
N ALA B 266 15.09 -50.30 -11.49
CA ALA B 266 14.02 -51.17 -11.06
C ALA B 266 12.66 -50.50 -11.13
N LEU B 267 12.61 -49.16 -11.15
CA LEU B 267 11.36 -48.44 -11.25
C LEU B 267 10.82 -48.56 -12.67
N THR B 268 9.67 -49.19 -12.82
CA THR B 268 9.01 -49.33 -14.11
C THR B 268 7.62 -48.72 -14.16
N GLU B 269 6.93 -48.61 -13.02
CA GLU B 269 5.61 -48.01 -12.94
C GLU B 269 5.66 -46.57 -12.41
N LEU B 270 6.84 -45.99 -12.32
CA LEU B 270 6.96 -44.62 -11.81
C LEU B 270 6.24 -43.65 -12.75
N LYS B 271 5.47 -42.74 -12.14
CA LYS B 271 4.69 -41.76 -12.89
C LYS B 271 4.99 -40.32 -12.52
N VAL B 272 5.34 -40.05 -11.27
CA VAL B 272 5.66 -38.70 -10.81
C VAL B 272 7.05 -38.73 -10.18
N LEU B 273 7.95 -37.89 -10.69
CA LEU B 273 9.29 -37.76 -10.16
C LEU B 273 9.57 -36.29 -9.91
N ARG B 274 9.91 -35.96 -8.66
CA ARG B 274 10.18 -34.58 -8.27
C ARG B 274 11.66 -34.46 -7.88
N LEU B 275 12.36 -33.54 -8.54
CA LEU B 275 13.76 -33.24 -8.24
C LEU B 275 13.96 -31.76 -8.02
N HIS B 276 12.92 -31.07 -7.55
CA HIS B 276 12.97 -29.63 -7.34
C HIS B 276 13.96 -29.27 -6.23
N SER B 277 14.73 -28.21 -6.46
CA SER B 277 15.70 -27.70 -5.48
C SER B 277 16.70 -28.79 -5.07
N ASN B 278 17.46 -29.26 -6.05
CA ASN B 278 18.49 -30.25 -5.82
C ASN B 278 19.88 -29.80 -6.27
N SER B 279 20.02 -28.56 -6.74
CA SER B 279 21.29 -28.02 -7.22
C SER B 279 21.88 -28.87 -8.34
N LEU B 280 21.02 -29.48 -9.15
CA LEU B 280 21.50 -30.33 -10.24
C LEU B 280 22.08 -29.48 -11.36
N GLN B 281 23.14 -30.00 -11.99
CA GLN B 281 23.79 -29.34 -13.11
C GLN B 281 23.61 -30.08 -14.43
N HIS B 282 23.56 -31.41 -14.40
CA HIS B 282 23.35 -32.22 -15.59
C HIS B 282 22.29 -33.27 -15.31
N VAL B 283 21.52 -33.60 -16.33
CA VAL B 283 20.50 -34.64 -16.25
C VAL B 283 20.84 -35.72 -17.27
N PRO B 284 21.54 -36.78 -16.86
CA PRO B 284 21.92 -37.83 -17.80
C PRO B 284 20.71 -38.52 -18.38
N PRO B 285 20.74 -38.87 -19.67
CA PRO B 285 19.63 -39.63 -20.26
C PRO B 285 19.49 -41.03 -19.69
N ARG B 286 20.53 -41.58 -19.06
CA ARG B 286 20.48 -42.93 -18.51
C ARG B 286 19.47 -43.05 -17.38
N TRP B 287 19.14 -41.94 -16.71
CA TRP B 287 18.15 -41.99 -15.63
C TRP B 287 16.79 -42.44 -16.14
N PHE B 288 16.38 -41.94 -17.30
CA PHE B 288 15.05 -42.21 -17.84
C PHE B 288 15.04 -43.34 -18.85
N LYS B 289 16.05 -44.21 -18.84
CA LYS B 289 16.09 -45.32 -19.78
C LYS B 289 15.00 -46.33 -19.49
N ASN B 290 14.75 -46.63 -18.21
CA ASN B 290 13.79 -47.67 -17.85
C ASN B 290 12.40 -47.14 -17.57
N ILE B 291 12.28 -45.90 -17.08
CA ILE B 291 10.98 -45.32 -16.77
C ILE B 291 10.35 -44.75 -18.04
N ASN B 292 9.63 -45.59 -18.77
CA ASN B 292 8.99 -45.16 -20.02
C ASN B 292 7.58 -44.60 -19.80
N ASN B 293 7.01 -44.79 -18.61
CA ASN B 293 5.65 -44.35 -18.30
C ASN B 293 5.64 -43.11 -17.41
N LEU B 294 6.73 -42.37 -17.35
CA LEU B 294 6.76 -41.15 -16.54
C LEU B 294 5.80 -40.11 -17.09
N GLN B 295 5.05 -39.47 -16.19
CA GLN B 295 4.04 -38.49 -16.56
C GLN B 295 4.38 -37.09 -16.12
N GLU B 296 4.76 -36.90 -14.85
CA GLU B 296 5.08 -35.59 -14.32
C GLU B 296 6.54 -35.59 -13.84
N LEU B 297 7.31 -34.61 -14.31
CA LEU B 297 8.71 -34.46 -13.94
C LEU B 297 8.95 -33.05 -13.46
N ASP B 298 9.58 -32.91 -12.30
CA ASP B 298 9.88 -31.62 -11.70
C ASP B 298 11.40 -31.44 -11.64
N LEU B 299 11.89 -30.33 -12.18
CA LEU B 299 13.31 -30.02 -12.18
C LEU B 299 13.55 -28.55 -11.85
N SER B 300 12.70 -27.96 -11.02
CA SER B 300 12.80 -26.54 -10.71
C SER B 300 13.88 -26.28 -9.66
N GLN B 301 14.20 -25.02 -9.43
CA GLN B 301 15.26 -24.60 -8.47
C GLN B 301 16.51 -25.44 -8.65
N ASN B 302 17.01 -25.56 -9.87
CA ASN B 302 18.27 -26.22 -10.13
C ASN B 302 19.19 -25.29 -10.93
N PHE B 303 20.32 -25.82 -11.38
CA PHE B 303 21.28 -25.10 -12.19
C PHE B 303 21.34 -25.66 -13.60
N LEU B 304 20.18 -26.02 -14.15
CA LEU B 304 20.08 -26.64 -15.47
C LEU B 304 19.87 -25.63 -16.59
N ALA B 305 20.35 -24.40 -16.42
CA ALA B 305 20.24 -23.40 -17.49
C ALA B 305 20.98 -23.85 -18.74
N LYS B 306 22.19 -24.40 -18.57
CA LYS B 306 22.92 -24.94 -19.71
C LYS B 306 22.29 -26.23 -20.21
N GLU B 307 21.70 -27.03 -19.32
CA GLU B 307 21.11 -28.29 -19.73
C GLU B 307 19.85 -28.08 -20.57
N ILE B 308 19.13 -26.99 -20.35
CA ILE B 308 17.95 -26.69 -21.16
C ILE B 308 18.33 -26.53 -22.63
N GLY B 309 19.49 -25.92 -22.88
CA GLY B 309 19.96 -25.79 -24.24
C GLY B 309 20.28 -27.13 -24.89
N ASP B 310 20.69 -28.12 -24.10
CA ASP B 310 20.97 -29.45 -24.62
C ASP B 310 19.75 -30.38 -24.49
N ALA B 311 19.31 -30.62 -23.25
CA ALA B 311 18.09 -31.39 -22.97
C ALA B 311 18.09 -32.73 -23.69
N LYS B 312 19.24 -33.42 -23.67
CA LYS B 312 19.34 -34.71 -24.36
C LYS B 312 18.46 -35.77 -23.71
N PHE B 313 18.16 -35.62 -22.42
CA PHE B 313 17.34 -36.61 -21.72
C PHE B 313 15.88 -36.59 -22.14
N LEU B 314 15.43 -35.53 -22.83
CA LEU B 314 14.02 -35.43 -23.21
C LEU B 314 13.63 -36.45 -24.28
N HIS B 315 14.59 -37.07 -24.96
CA HIS B 315 14.27 -38.07 -25.97
C HIS B 315 13.73 -39.37 -25.37
N PHE B 316 13.85 -39.55 -24.06
CA PHE B 316 13.42 -40.77 -23.40
C PHE B 316 12.12 -40.57 -22.61
N LEU B 317 11.39 -39.49 -22.88
CA LEU B 317 10.13 -39.19 -22.19
C LEU B 317 9.06 -38.91 -23.22
N PRO B 318 8.54 -39.95 -23.89
CA PRO B 318 7.48 -39.73 -24.87
C PRO B 318 6.10 -39.60 -24.25
N ASN B 319 5.90 -40.06 -23.02
CA ASN B 319 4.59 -40.02 -22.36
C ASN B 319 4.54 -38.95 -21.28
N LEU B 320 5.48 -38.02 -21.27
CA LEU B 320 5.49 -36.97 -20.26
C LEU B 320 4.29 -36.05 -20.43
N ILE B 321 3.67 -35.69 -19.31
CA ILE B 321 2.50 -34.81 -19.30
C ILE B 321 2.85 -33.43 -18.77
N GLN B 322 3.55 -33.37 -17.63
CA GLN B 322 3.93 -32.13 -17.00
C GLN B 322 5.45 -32.03 -16.92
N LEU B 323 5.99 -30.86 -17.25
CA LEU B 323 7.42 -30.59 -17.17
C LEU B 323 7.62 -29.24 -16.51
N ASP B 324 8.33 -29.23 -15.39
CA ASP B 324 8.61 -28.01 -14.65
C ASP B 324 10.11 -27.74 -14.68
N LEU B 325 10.48 -26.55 -15.15
CA LEU B 325 11.87 -26.12 -15.21
C LEU B 325 12.00 -24.69 -14.71
N SER B 326 11.23 -24.36 -13.67
CA SER B 326 11.14 -22.98 -13.20
C SER B 326 12.32 -22.61 -12.33
N PHE B 327 12.78 -21.36 -12.47
CA PHE B 327 13.79 -20.77 -11.60
C PHE B 327 15.12 -21.54 -11.67
N ASN B 328 15.67 -21.61 -12.88
CA ASN B 328 16.99 -22.18 -13.11
C ASN B 328 17.98 -21.14 -13.62
N PHE B 329 17.73 -19.87 -13.30
CA PHE B 329 18.58 -18.79 -13.78
C PHE B 329 19.97 -18.88 -13.16
N GLU B 330 20.97 -18.49 -13.94
CA GLU B 330 22.35 -18.42 -13.47
C GLU B 330 22.59 -17.13 -12.70
N LEU B 331 23.53 -17.19 -11.76
CA LEU B 331 23.85 -16.04 -10.91
C LEU B 331 24.65 -15.03 -11.71
N GLN B 332 24.27 -13.76 -11.61
CA GLN B 332 24.96 -12.65 -12.26
C GLN B 332 25.02 -12.83 -13.77
N VAL B 333 24.01 -13.48 -14.33
CA VAL B 333 23.92 -13.69 -15.78
C VAL B 333 22.53 -13.28 -16.26
N TYR B 334 22.50 -12.44 -17.27
CA TYR B 334 21.26 -11.98 -17.89
C TYR B 334 21.30 -12.41 -19.36
N ARG B 335 20.64 -13.54 -19.64
CA ARG B 335 20.65 -14.11 -20.99
C ARG B 335 20.00 -13.17 -21.99
N ALA B 336 20.54 -13.16 -23.21
CA ALA B 336 19.94 -12.35 -24.26
C ALA B 336 18.66 -12.96 -24.81
N SER B 337 18.57 -14.29 -24.81
CA SER B 337 17.41 -14.98 -25.34
C SER B 337 17.30 -16.35 -24.70
N MET B 338 16.12 -16.95 -24.83
CA MET B 338 15.87 -18.28 -24.30
C MET B 338 16.42 -19.33 -25.27
N ASN B 339 17.24 -20.23 -24.75
CA ASN B 339 17.89 -21.27 -25.56
C ASN B 339 17.18 -22.58 -25.30
N LEU B 340 16.14 -22.84 -26.08
CA LEU B 340 15.38 -24.07 -25.99
C LEU B 340 15.95 -25.11 -26.94
N SER B 341 16.20 -26.31 -26.41
CA SER B 341 16.78 -27.38 -27.21
C SER B 341 15.77 -27.90 -28.24
N GLN B 342 16.31 -28.43 -29.34
CA GLN B 342 15.48 -29.05 -30.36
C GLN B 342 14.90 -30.38 -29.90
N ALA B 343 15.38 -30.95 -28.80
CA ALA B 343 14.84 -32.19 -28.27
C ALA B 343 13.48 -32.02 -27.63
N PHE B 344 13.03 -30.77 -27.44
CA PHE B 344 11.70 -30.54 -26.88
C PHE B 344 10.59 -31.02 -27.79
N SER B 345 10.89 -31.24 -29.08
CA SER B 345 9.89 -31.74 -30.01
C SER B 345 9.51 -33.19 -29.74
N SER B 346 10.33 -33.90 -28.96
CA SER B 346 10.05 -35.30 -28.65
C SER B 346 8.99 -35.47 -27.57
N LEU B 347 8.59 -34.39 -26.89
CA LEU B 347 7.57 -34.44 -25.85
C LEU B 347 6.20 -34.42 -26.54
N LYS B 348 5.83 -35.57 -27.11
CA LYS B 348 4.61 -35.68 -27.89
C LYS B 348 3.38 -35.44 -27.02
N SER B 349 3.36 -35.99 -25.81
CA SER B 349 2.20 -35.93 -24.93
C SER B 349 2.26 -34.78 -23.94
N LEU B 350 3.22 -33.87 -24.06
CA LEU B 350 3.35 -32.78 -23.11
C LEU B 350 2.13 -31.86 -23.16
N LYS B 351 1.64 -31.49 -21.99
CA LYS B 351 0.49 -30.61 -21.87
C LYS B 351 0.80 -29.30 -21.15
N ILE B 352 1.54 -29.35 -20.06
CA ILE B 352 1.87 -28.18 -19.25
C ILE B 352 3.37 -28.01 -19.24
N LEU B 353 3.85 -26.80 -19.54
CA LEU B 353 5.26 -26.47 -19.55
C LEU B 353 5.48 -25.16 -18.82
N ARG B 354 6.41 -25.16 -17.87
CA ARG B 354 6.73 -23.99 -17.07
C ARG B 354 8.22 -23.69 -17.18
N ILE B 355 8.55 -22.53 -17.76
CA ILE B 355 9.94 -22.12 -17.93
C ILE B 355 10.13 -20.79 -17.20
N ARG B 356 9.48 -20.64 -16.05
CA ARG B 356 9.64 -19.43 -15.26
C ARG B 356 11.06 -19.37 -14.68
N GLY B 357 11.44 -18.17 -14.23
CA GLY B 357 12.75 -17.98 -13.62
C GLY B 357 13.91 -18.28 -14.53
N TYR B 358 13.71 -18.25 -15.84
CA TYR B 358 14.77 -18.42 -16.83
C TYR B 358 15.15 -17.08 -17.44
N VAL B 359 15.28 -16.06 -16.58
CA VAL B 359 15.32 -14.65 -16.94
C VAL B 359 16.17 -14.39 -18.18
N PHE B 360 15.58 -13.70 -19.16
CA PHE B 360 16.26 -13.38 -20.41
C PHE B 360 15.65 -12.12 -20.98
N LYS B 361 16.40 -11.48 -21.89
CA LYS B 361 16.02 -10.16 -22.38
C LYS B 361 14.90 -10.23 -23.41
N GLU B 362 15.15 -10.90 -24.54
CA GLU B 362 14.25 -10.85 -25.68
C GLU B 362 13.76 -12.25 -26.03
N LEU B 363 12.47 -12.34 -26.35
CA LEU B 363 11.84 -13.59 -26.79
C LEU B 363 11.45 -13.45 -28.25
N LYS B 364 11.92 -14.39 -29.07
CA LYS B 364 11.68 -14.35 -30.51
C LYS B 364 10.82 -15.53 -30.94
N SER B 365 10.24 -15.40 -32.14
CA SER B 365 9.35 -16.44 -32.64
C SER B 365 10.10 -17.75 -32.89
N PHE B 366 11.30 -17.68 -33.45
CA PHE B 366 12.05 -18.89 -33.76
C PHE B 366 12.55 -19.62 -32.52
N GLN B 367 12.58 -18.95 -31.37
CA GLN B 367 13.01 -19.60 -30.14
C GLN B 367 11.98 -20.58 -29.61
N LEU B 368 10.73 -20.47 -30.05
CA LEU B 368 9.67 -21.39 -29.67
C LEU B 368 9.38 -22.42 -30.73
N SER B 369 10.25 -22.55 -31.73
CA SER B 369 10.02 -23.53 -32.79
C SER B 369 9.89 -24.97 -32.30
N PRO B 370 10.67 -25.46 -31.33
CA PRO B 370 10.48 -26.87 -30.91
C PRO B 370 9.08 -27.16 -30.37
N LEU B 371 8.38 -26.16 -29.83
CA LEU B 371 7.04 -26.35 -29.29
C LEU B 371 5.95 -26.18 -30.34
N HIS B 372 6.32 -25.94 -31.61
CA HIS B 372 5.32 -25.72 -32.65
C HIS B 372 4.57 -27.00 -33.01
N ASN B 373 5.19 -28.17 -32.84
CA ASN B 373 4.60 -29.43 -33.24
C ASN B 373 3.99 -30.20 -32.07
N LEU B 374 3.87 -29.59 -30.91
CA LEU B 374 3.28 -30.24 -29.74
C LEU B 374 1.77 -30.08 -29.83
N GLN B 375 1.09 -31.14 -30.27
CA GLN B 375 -0.36 -31.06 -30.47
C GLN B 375 -1.12 -31.00 -29.16
N ASN B 376 -0.63 -31.68 -28.12
CA ASN B 376 -1.33 -31.77 -26.85
C ASN B 376 -0.94 -30.67 -25.86
N LEU B 377 -0.08 -29.74 -26.27
CA LEU B 377 0.31 -28.66 -25.38
C LEU B 377 -0.85 -27.71 -25.15
N GLU B 378 -1.12 -27.40 -23.87
CA GLU B 378 -2.21 -26.51 -23.49
C GLU B 378 -1.73 -25.29 -22.73
N VAL B 379 -0.86 -25.47 -21.74
CA VAL B 379 -0.41 -24.37 -20.88
C VAL B 379 1.08 -24.13 -21.14
N LEU B 380 1.43 -22.88 -21.41
CA LEU B 380 2.82 -22.46 -21.60
C LEU B 380 3.11 -21.33 -20.63
N ASP B 381 3.80 -21.65 -19.54
CA ASP B 381 4.10 -20.68 -18.50
C ASP B 381 5.46 -20.04 -18.77
N LEU B 382 5.48 -18.71 -18.88
CA LEU B 382 6.72 -17.99 -19.13
C LEU B 382 6.83 -16.74 -18.27
N GLY B 383 6.08 -16.66 -17.17
CA GLY B 383 6.11 -15.48 -16.33
C GLY B 383 7.35 -15.41 -15.46
N THR B 384 7.56 -14.21 -14.90
CA THR B 384 8.70 -13.91 -14.03
C THR B 384 10.01 -14.24 -14.74
N ASN B 385 10.16 -13.67 -15.94
CA ASN B 385 11.36 -13.86 -16.74
C ASN B 385 12.01 -12.55 -17.16
N PHE B 386 11.44 -11.40 -16.80
CA PHE B 386 11.98 -10.09 -17.14
C PHE B 386 12.20 -9.95 -18.65
N ILE B 387 11.24 -10.47 -19.43
CA ILE B 387 11.31 -10.35 -20.88
C ILE B 387 11.03 -8.91 -21.28
N LYS B 388 11.94 -8.32 -22.05
CA LYS B 388 11.80 -6.92 -22.44
C LYS B 388 11.10 -6.77 -23.79
N ILE B 389 11.61 -7.45 -24.81
CA ILE B 389 11.06 -7.38 -26.16
C ILE B 389 10.39 -8.72 -26.47
N ALA B 390 9.12 -8.66 -26.84
CA ALA B 390 8.36 -9.87 -27.16
C ALA B 390 7.26 -9.49 -28.15
N ASN B 391 7.39 -9.97 -29.39
CA ASN B 391 6.37 -9.72 -30.39
C ASN B 391 5.18 -10.62 -30.16
N LEU B 392 4.03 -10.02 -29.83
CA LEU B 392 2.84 -10.80 -29.52
C LEU B 392 2.28 -11.51 -30.74
N SER B 393 2.65 -11.08 -31.95
CA SER B 393 2.17 -11.74 -33.16
C SER B 393 2.76 -13.13 -33.35
N MET B 394 3.81 -13.47 -32.61
CA MET B 394 4.41 -14.80 -32.73
C MET B 394 3.55 -15.89 -32.13
N PHE B 395 2.51 -15.55 -31.37
CA PHE B 395 1.63 -16.51 -30.75
C PHE B 395 0.49 -16.94 -31.66
N LYS B 396 0.43 -16.44 -32.89
CA LYS B 396 -0.62 -16.84 -33.81
C LYS B 396 -0.54 -18.33 -34.14
N GLN B 397 0.64 -18.93 -34.02
CA GLN B 397 0.78 -20.36 -34.25
C GLN B 397 0.30 -21.20 -33.08
N PHE B 398 0.21 -20.61 -31.88
CA PHE B 398 -0.26 -21.33 -30.70
C PHE B 398 -1.75 -21.14 -30.47
N LYS B 399 -2.55 -21.41 -31.51
CA LYS B 399 -4.00 -21.30 -31.38
C LYS B 399 -4.56 -22.40 -30.48
N ARG B 400 -4.00 -23.62 -30.59
CA ARG B 400 -4.47 -24.74 -29.79
C ARG B 400 -4.16 -24.59 -28.32
N LEU B 401 -3.25 -23.68 -27.95
CA LEU B 401 -2.90 -23.48 -26.54
C LEU B 401 -4.10 -22.93 -25.77
N LYS B 402 -4.22 -23.35 -24.52
CA LYS B 402 -5.33 -22.91 -23.68
C LYS B 402 -4.97 -21.69 -22.84
N VAL B 403 -3.81 -21.72 -22.18
CA VAL B 403 -3.34 -20.63 -21.34
C VAL B 403 -1.92 -20.27 -21.74
N ILE B 404 -1.68 -19.01 -22.03
CA ILE B 404 -0.35 -18.48 -22.32
C ILE B 404 -0.03 -17.46 -21.23
N ASP B 405 1.08 -17.69 -20.52
CA ASP B 405 1.45 -16.87 -19.37
C ASP B 405 2.48 -15.82 -19.80
N LEU B 406 2.12 -14.56 -19.60
CA LEU B 406 2.95 -13.40 -19.91
C LEU B 406 3.02 -12.48 -18.70
N SER B 407 3.40 -13.06 -17.56
CA SER B 407 3.28 -12.47 -16.24
C SER B 407 4.32 -11.38 -16.01
N VAL B 408 4.65 -11.10 -14.75
CA VAL B 408 5.20 -9.84 -14.26
C VAL B 408 6.44 -9.38 -15.04
N ASN B 409 6.96 -10.22 -15.94
CA ASN B 409 8.05 -9.79 -16.80
C ASN B 409 7.70 -8.50 -17.54
N LYS B 410 8.71 -7.82 -18.09
CA LYS B 410 8.61 -6.40 -18.44
C LYS B 410 8.26 -6.18 -19.90
N ILE B 411 7.39 -7.00 -20.47
CA ILE B 411 6.98 -6.82 -21.86
C ILE B 411 6.31 -5.46 -22.03
N SER B 412 6.70 -4.74 -23.06
CA SER B 412 6.23 -3.40 -23.36
C SER B 412 5.75 -3.32 -24.80
N PRO B 413 4.94 -2.32 -25.14
CA PRO B 413 4.46 -2.21 -26.52
C PRO B 413 5.61 -2.03 -27.51
N SER B 414 5.41 -2.56 -28.71
CA SER B 414 6.45 -2.52 -29.72
C SER B 414 6.74 -1.09 -30.14
N GLY B 415 8.03 -0.79 -30.35
CA GLY B 415 8.47 0.52 -30.77
C GLY B 415 8.57 0.65 -32.28
N ASP B 416 9.08 1.81 -32.70
CA ASP B 416 9.24 2.09 -34.12
C ASP B 416 10.70 1.92 -34.54
N SER B 452 0.22 -29.11 9.40
CA SER B 452 -0.41 -30.38 9.76
C SER B 452 -1.74 -30.21 10.49
N CYS B 453 -2.02 -29.01 11.01
CA CYS B 453 -3.28 -28.78 11.72
C CYS B 453 -4.48 -28.82 10.79
N ARG B 454 -4.27 -28.61 9.50
CA ARG B 454 -5.34 -28.70 8.51
C ARG B 454 -4.88 -29.54 7.33
N PHE B 455 -5.66 -29.56 6.25
CA PHE B 455 -5.31 -30.25 5.01
C PHE B 455 -5.08 -31.74 5.27
N LYS B 456 -6.17 -32.42 5.63
CA LYS B 456 -6.13 -33.84 5.96
C LYS B 456 -5.58 -34.69 4.82
N ASN B 457 -5.64 -34.19 3.57
CA ASN B 457 -5.09 -34.92 2.44
C ASN B 457 -3.58 -35.11 2.55
N LYS B 458 -2.92 -34.33 3.41
CA LYS B 458 -1.48 -34.46 3.65
C LYS B 458 -0.67 -34.29 2.37
N GLU B 459 -0.05 -35.36 1.90
CA GLU B 459 0.76 -35.32 0.68
C GLU B 459 -0.16 -35.18 -0.52
N ALA B 460 -0.28 -33.95 -1.04
CA ALA B 460 -1.11 -33.67 -2.19
C ALA B 460 -0.32 -32.85 -3.21
N SER B 461 -0.65 -33.05 -4.47
CA SER B 461 0.02 -32.32 -5.54
C SER B 461 -0.36 -30.84 -5.51
N PHE B 462 0.53 -30.01 -6.04
CA PHE B 462 0.31 -28.58 -6.06
C PHE B 462 -0.84 -28.25 -7.02
N THR B 463 -1.94 -27.74 -6.48
CA THR B 463 -3.10 -27.40 -7.29
C THR B 463 -2.86 -26.06 -7.98
N SER B 464 -2.96 -26.06 -9.31
CA SER B 464 -2.79 -24.83 -10.07
C SER B 464 -3.91 -23.85 -9.77
N VAL B 465 -3.56 -22.57 -9.71
CA VAL B 465 -4.54 -21.52 -9.42
C VAL B 465 -5.47 -21.39 -10.62
N GLN B 466 -6.70 -21.86 -10.48
CA GLN B 466 -7.68 -21.80 -11.56
C GLN B 466 -8.31 -20.41 -11.57
N GLU B 467 -7.77 -19.53 -12.40
CA GLU B 467 -8.30 -18.18 -12.49
C GLU B 467 -9.66 -18.19 -13.18
N SER B 468 -10.44 -17.14 -12.92
CA SER B 468 -11.80 -17.07 -13.43
C SER B 468 -11.86 -16.94 -14.94
N CYS B 469 -10.78 -16.51 -15.59
CA CYS B 469 -10.82 -16.27 -17.02
C CYS B 469 -10.44 -17.48 -17.84
N TYR B 470 -9.95 -18.55 -17.21
CA TYR B 470 -9.51 -19.73 -17.95
C TYR B 470 -10.67 -20.48 -18.59
N LYS B 471 -11.86 -20.44 -17.97
CA LYS B 471 -13.00 -21.20 -18.48
C LYS B 471 -13.56 -20.65 -19.78
N TYR B 472 -13.15 -19.45 -20.19
CA TYR B 472 -13.70 -18.82 -21.38
C TYR B 472 -12.96 -19.20 -22.66
N GLY B 473 -11.84 -19.90 -22.56
CA GLY B 473 -11.09 -20.35 -23.73
C GLY B 473 -9.63 -19.92 -23.66
N GLN B 474 -9.10 -19.50 -24.80
CA GLN B 474 -7.70 -19.09 -24.89
C GLN B 474 -7.45 -17.87 -24.00
N THR B 475 -6.36 -17.92 -23.24
CA THR B 475 -6.03 -16.90 -22.26
C THR B 475 -4.63 -16.37 -22.52
N LEU B 476 -4.50 -15.05 -22.54
CA LEU B 476 -3.20 -14.36 -22.65
C LEU B 476 -3.04 -13.51 -21.41
N ASP B 477 -2.42 -14.08 -20.37
CA ASP B 477 -2.26 -13.42 -19.07
C ASP B 477 -1.06 -12.47 -19.15
N LEU B 478 -1.33 -11.22 -19.53
CA LEU B 478 -0.31 -10.18 -19.62
C LEU B 478 -0.31 -9.26 -18.41
N SER B 479 -0.62 -9.80 -17.23
CA SER B 479 -0.73 -8.97 -16.04
C SER B 479 0.64 -8.54 -15.51
N LYS B 480 0.66 -7.38 -14.86
CA LYS B 480 1.85 -6.83 -14.21
C LYS B 480 3.01 -6.67 -15.19
N ASN B 481 2.73 -6.29 -16.42
CA ASN B 481 3.77 -6.10 -17.41
C ASN B 481 4.12 -4.62 -17.55
N SER B 482 5.04 -4.32 -18.46
CA SER B 482 5.51 -2.96 -18.68
C SER B 482 4.77 -2.27 -19.82
N ILE B 483 3.52 -2.67 -20.08
CA ILE B 483 2.73 -2.04 -21.12
C ILE B 483 2.09 -0.77 -20.55
N PHE B 484 2.34 0.37 -21.20
CA PHE B 484 1.83 1.64 -20.74
C PHE B 484 0.82 2.28 -21.68
N PHE B 485 0.65 1.73 -22.89
CA PHE B 485 -0.42 2.18 -23.78
C PHE B 485 -0.74 1.04 -24.75
N ILE B 486 -1.94 1.10 -25.33
CA ILE B 486 -2.47 0.01 -26.14
C ILE B 486 -2.55 0.46 -27.59
N LYS B 487 -2.01 -0.37 -28.49
CA LYS B 487 -2.12 -0.13 -29.92
C LYS B 487 -2.85 -1.30 -30.57
N SER B 488 -3.62 -0.99 -31.61
CA SER B 488 -4.33 -2.03 -32.35
C SER B 488 -3.35 -2.92 -33.13
N SER B 489 -2.21 -2.37 -33.55
CA SER B 489 -1.26 -3.15 -34.32
C SER B 489 -0.56 -4.19 -33.46
N ASP B 490 -0.37 -3.92 -32.16
CA ASP B 490 0.32 -4.86 -31.29
C ASP B 490 -0.47 -6.16 -31.15
N PHE B 491 -1.79 -6.07 -31.01
CA PHE B 491 -2.65 -7.23 -30.82
C PHE B 491 -3.11 -7.83 -32.14
N GLN B 492 -2.40 -7.57 -33.24
CA GLN B 492 -2.76 -8.16 -34.51
C GLN B 492 -2.47 -9.66 -34.51
N HIS B 493 -3.16 -10.38 -35.39
CA HIS B 493 -3.03 -11.84 -35.52
C HIS B 493 -3.37 -12.56 -34.22
N LEU B 494 -4.27 -11.98 -33.44
CA LEU B 494 -4.70 -12.55 -32.17
C LEU B 494 -6.21 -12.55 -32.05
N SER B 495 -6.89 -12.83 -33.16
CA SER B 495 -8.36 -12.84 -33.16
C SER B 495 -8.93 -14.06 -32.44
N PHE B 496 -8.10 -15.06 -32.16
CA PHE B 496 -8.56 -16.27 -31.48
C PHE B 496 -8.61 -16.12 -29.97
N LEU B 497 -8.17 -14.98 -29.44
CA LEU B 497 -8.08 -14.80 -27.99
C LEU B 497 -9.47 -14.65 -27.39
N LYS B 498 -9.84 -15.58 -26.52
CA LYS B 498 -11.08 -15.50 -25.76
C LYS B 498 -10.88 -14.86 -24.38
N CYS B 499 -9.64 -14.53 -24.02
CA CYS B 499 -9.35 -13.97 -22.72
C CYS B 499 -8.12 -13.09 -22.83
N LEU B 500 -8.07 -12.07 -21.97
CA LEU B 500 -6.93 -11.15 -21.96
C LEU B 500 -6.87 -10.47 -20.60
N ASN B 501 -5.79 -10.71 -19.86
CA ASN B 501 -5.59 -10.12 -18.54
C ASN B 501 -4.54 -9.03 -18.65
N LEU B 502 -4.92 -7.82 -18.23
CA LEU B 502 -4.02 -6.67 -18.26
C LEU B 502 -3.95 -5.96 -16.92
N SER B 503 -4.16 -6.70 -15.84
CA SER B 503 -4.19 -6.10 -14.51
C SER B 503 -2.78 -5.71 -14.06
N GLY B 504 -2.68 -4.58 -13.39
CA GLY B 504 -1.41 -4.13 -12.83
C GLY B 504 -0.47 -3.47 -13.80
N ASN B 505 -0.88 -3.25 -15.05
CA ASN B 505 0.02 -2.64 -16.03
C ASN B 505 0.11 -1.13 -15.86
N LEU B 506 -0.83 -0.51 -15.14
CA LEU B 506 -0.84 0.93 -14.90
C LEU B 506 -0.83 1.70 -16.22
N ILE B 507 -1.84 1.42 -17.05
CA ILE B 507 -1.98 2.03 -18.36
C ILE B 507 -2.85 3.28 -18.21
N SER B 508 -2.32 4.41 -18.66
CA SER B 508 -3.04 5.68 -18.67
C SER B 508 -3.43 5.96 -20.12
N GLN B 509 -4.68 5.66 -20.46
CA GLN B 509 -5.15 5.82 -21.83
C GLN B 509 -6.61 6.24 -21.83
N THR B 510 -7.00 6.96 -22.87
CA THR B 510 -8.38 7.41 -23.08
C THR B 510 -8.92 6.67 -24.29
N LEU B 511 -9.48 5.48 -24.05
CA LEU B 511 -9.99 4.66 -25.14
C LEU B 511 -11.22 5.29 -25.78
N ASN B 512 -11.28 5.25 -27.11
CA ASN B 512 -12.41 5.80 -27.85
C ASN B 512 -13.04 4.77 -28.78
N GLY B 513 -12.70 3.50 -28.67
CA GLY B 513 -13.32 2.46 -29.45
C GLY B 513 -12.51 1.90 -30.60
N SER B 514 -11.18 2.02 -30.56
CA SER B 514 -10.35 1.49 -31.64
C SER B 514 -9.13 0.72 -31.17
N GLU B 515 -8.82 0.69 -29.87
CA GLU B 515 -7.59 0.05 -29.41
C GLU B 515 -7.65 -1.46 -29.56
N PHE B 516 -8.73 -2.08 -29.11
CA PHE B 516 -8.88 -3.53 -29.17
C PHE B 516 -9.62 -3.97 -30.43
N GLN B 517 -9.16 -3.49 -31.58
CA GLN B 517 -9.85 -3.81 -32.83
C GLN B 517 -9.65 -5.26 -33.26
N PRO B 518 -8.43 -5.80 -33.34
CA PRO B 518 -8.29 -7.19 -33.80
C PRO B 518 -8.94 -8.21 -32.87
N LEU B 519 -9.17 -7.87 -31.60
CA LEU B 519 -9.78 -8.79 -30.64
C LEU B 519 -11.29 -8.87 -30.89
N ALA B 520 -11.64 -9.54 -31.99
CA ALA B 520 -13.05 -9.67 -32.35
C ALA B 520 -13.79 -10.70 -31.52
N GLU B 521 -13.12 -11.78 -31.13
CA GLU B 521 -13.74 -12.88 -30.41
C GLU B 521 -13.49 -12.83 -28.91
N LEU B 522 -12.97 -11.72 -28.40
CA LEU B 522 -12.70 -11.60 -26.97
C LEU B 522 -14.01 -11.57 -26.19
N ARG B 523 -14.05 -12.37 -25.12
CA ARG B 523 -15.23 -12.46 -24.26
C ARG B 523 -14.98 -11.95 -22.85
N TYR B 524 -13.75 -11.95 -22.38
CA TYR B 524 -13.40 -11.51 -21.04
C TYR B 524 -12.20 -10.58 -21.12
N LEU B 525 -12.32 -9.41 -20.50
CA LEU B 525 -11.24 -8.44 -20.47
C LEU B 525 -11.04 -7.95 -19.05
N ASP B 526 -9.79 -8.00 -18.58
CA ASP B 526 -9.42 -7.54 -17.25
C ASP B 526 -8.57 -6.28 -17.36
N PHE B 527 -9.03 -5.20 -16.72
CA PHE B 527 -8.34 -3.92 -16.77
C PHE B 527 -8.13 -3.36 -15.37
N SER B 528 -7.99 -4.24 -14.37
CA SER B 528 -7.86 -3.81 -13.00
C SER B 528 -6.49 -3.17 -12.75
N ASN B 529 -6.41 -2.37 -11.69
CA ASN B 529 -5.18 -1.71 -11.27
C ASN B 529 -4.55 -0.89 -12.39
N ASN B 530 -5.40 -0.16 -13.12
CA ASN B 530 -4.93 0.69 -14.21
C ASN B 530 -5.44 2.11 -14.04
N ARG B 531 -5.23 2.96 -15.03
CA ARG B 531 -5.69 4.34 -15.02
C ARG B 531 -6.50 4.59 -16.29
N LEU B 532 -7.79 4.26 -16.23
CA LEU B 532 -8.68 4.39 -17.37
C LEU B 532 -9.41 5.71 -17.31
N ASP B 533 -9.31 6.49 -18.38
CA ASP B 533 -9.99 7.77 -18.49
C ASP B 533 -11.26 7.58 -19.31
N LEU B 534 -12.41 7.64 -18.64
CA LEU B 534 -13.70 7.43 -19.31
C LEU B 534 -14.25 8.76 -19.83
N LEU B 535 -13.46 9.38 -20.72
CA LEU B 535 -13.85 10.65 -21.33
C LEU B 535 -14.78 10.46 -22.51
N HIS B 536 -14.95 9.23 -23.01
CA HIS B 536 -15.82 8.94 -24.13
C HIS B 536 -16.71 7.76 -23.81
N SER B 537 -17.93 7.79 -24.34
CA SER B 537 -18.89 6.71 -24.18
C SER B 537 -18.71 5.60 -25.20
N THR B 538 -17.76 5.74 -26.13
CA THR B 538 -17.52 4.75 -27.16
C THR B 538 -16.43 3.76 -26.79
N ALA B 539 -15.97 3.78 -25.54
CA ALA B 539 -14.95 2.83 -25.10
C ALA B 539 -15.49 1.41 -25.13
N PHE B 540 -14.64 0.47 -25.56
CA PHE B 540 -14.98 -0.95 -25.66
C PHE B 540 -16.16 -1.19 -26.60
N GLU B 541 -16.38 -0.27 -27.55
CA GLU B 541 -17.46 -0.45 -28.50
C GLU B 541 -17.15 -1.54 -29.52
N GLU B 542 -15.88 -1.67 -29.92
CA GLU B 542 -15.48 -2.65 -30.91
C GLU B 542 -15.43 -4.06 -30.35
N LEU B 543 -15.49 -4.24 -29.03
CA LEU B 543 -15.53 -5.56 -28.41
C LEU B 543 -16.97 -6.06 -28.49
N ARG B 544 -17.34 -6.56 -29.67
CA ARG B 544 -18.72 -6.96 -29.93
C ARG B 544 -19.12 -8.17 -29.11
N LYS B 545 -18.20 -9.11 -28.91
CA LYS B 545 -18.49 -10.36 -28.21
C LYS B 545 -18.06 -10.35 -26.76
N LEU B 546 -17.70 -9.19 -26.21
CA LEU B 546 -17.30 -9.12 -24.82
C LEU B 546 -18.47 -9.45 -23.90
N GLU B 547 -18.20 -10.22 -22.85
CA GLU B 547 -19.21 -10.64 -21.90
C GLU B 547 -18.96 -10.10 -20.50
N VAL B 548 -17.72 -10.18 -20.02
CA VAL B 548 -17.36 -9.72 -18.68
C VAL B 548 -16.28 -8.65 -18.83
N LEU B 549 -16.49 -7.52 -18.15
CA LEU B 549 -15.54 -6.41 -18.17
C LEU B 549 -15.20 -6.05 -16.73
N ASP B 550 -13.89 -5.92 -16.46
CA ASP B 550 -13.40 -5.58 -15.13
C ASP B 550 -12.55 -4.32 -15.25
N ILE B 551 -13.05 -3.21 -14.69
CA ILE B 551 -12.33 -1.95 -14.72
C ILE B 551 -12.12 -1.47 -13.28
N SER B 552 -11.94 -2.42 -12.37
CA SER B 552 -11.76 -2.10 -10.96
C SER B 552 -10.39 -1.45 -10.72
N SER B 553 -10.26 -0.83 -9.55
CA SER B 553 -8.99 -0.23 -9.11
C SER B 553 -8.47 0.80 -10.11
N ASN B 554 -9.38 1.56 -10.70
CA ASN B 554 -9.03 2.65 -11.60
C ASN B 554 -9.38 3.99 -10.96
N SER B 555 -9.07 4.12 -9.66
CA SER B 555 -9.50 5.25 -8.86
C SER B 555 -8.82 6.56 -9.25
N HIS B 556 -7.74 6.51 -10.05
CA HIS B 556 -6.96 7.72 -10.31
C HIS B 556 -7.79 8.79 -11.00
N TYR B 557 -8.28 8.50 -12.21
CA TYR B 557 -9.03 9.50 -12.96
C TYR B 557 -10.45 9.67 -12.41
N PHE B 558 -11.00 8.64 -11.77
CA PHE B 558 -12.33 8.76 -11.18
C PHE B 558 -12.34 9.60 -9.92
N GLN B 559 -11.20 9.75 -9.25
CA GLN B 559 -11.14 10.58 -8.05
C GLN B 559 -11.21 12.07 -8.41
N SER B 560 -10.66 12.46 -9.55
CA SER B 560 -10.70 13.85 -9.96
C SER B 560 -12.13 14.29 -10.26
N GLU B 561 -12.44 15.54 -9.91
CA GLU B 561 -13.77 16.10 -10.07
C GLU B 561 -13.74 17.17 -11.16
N GLY B 562 -14.82 17.24 -11.92
CA GLY B 562 -14.96 18.20 -12.99
C GLY B 562 -14.71 17.63 -14.38
N ILE B 563 -14.09 16.48 -14.48
CA ILE B 563 -13.84 15.84 -15.78
C ILE B 563 -14.99 14.91 -16.09
N THR B 564 -15.22 14.68 -17.38
CA THR B 564 -16.33 13.85 -17.82
C THR B 564 -16.11 12.39 -17.43
N HIS B 565 -17.19 11.74 -17.01
CA HIS B 565 -17.19 10.32 -16.66
C HIS B 565 -18.39 9.68 -17.34
N MET B 566 -18.18 9.21 -18.57
CA MET B 566 -19.26 8.62 -19.37
C MET B 566 -19.56 7.23 -18.82
N LEU B 567 -20.56 7.15 -17.93
CA LEU B 567 -20.95 5.88 -17.33
C LEU B 567 -21.94 5.10 -18.19
N ASN B 568 -22.42 5.68 -19.29
CA ASN B 568 -23.34 5.01 -20.18
C ASN B 568 -22.62 4.29 -21.32
N PHE B 569 -21.34 3.96 -21.15
CA PHE B 569 -20.59 3.26 -22.17
C PHE B 569 -21.01 1.81 -22.34
N THR B 570 -21.80 1.27 -21.43
CA THR B 570 -22.26 -0.11 -21.53
C THR B 570 -23.41 -0.29 -22.52
N LYS B 571 -23.97 0.80 -23.05
CA LYS B 571 -25.06 0.69 -24.00
C LYS B 571 -24.62 0.00 -25.28
N ASN B 572 -23.42 0.32 -25.76
CA ASN B 572 -22.94 -0.29 -27.00
C ASN B 572 -22.63 -1.77 -26.83
N LEU B 573 -22.28 -2.19 -25.62
CA LEU B 573 -21.98 -3.60 -25.35
C LEU B 573 -23.29 -4.39 -25.38
N LYS B 574 -23.54 -5.10 -26.48
CA LYS B 574 -24.81 -5.78 -26.66
C LYS B 574 -24.91 -7.06 -25.84
N VAL B 575 -23.82 -7.78 -25.67
CA VAL B 575 -23.85 -9.09 -25.01
C VAL B 575 -23.08 -9.07 -23.69
N LEU B 576 -22.88 -7.89 -23.11
CA LEU B 576 -22.22 -7.82 -21.81
C LEU B 576 -23.10 -8.43 -20.74
N GLN B 577 -22.50 -9.25 -19.87
CA GLN B 577 -23.23 -9.95 -18.82
C GLN B 577 -22.81 -9.52 -17.42
N LYS B 578 -21.51 -9.37 -17.18
CA LYS B 578 -21.00 -9.00 -15.87
C LYS B 578 -20.06 -7.81 -16.01
N LEU B 579 -20.20 -6.84 -15.10
CA LEU B 579 -19.37 -5.65 -15.10
C LEU B 579 -18.92 -5.39 -13.67
N MET B 580 -17.61 -5.43 -13.45
CA MET B 580 -17.01 -5.18 -12.14
C MET B 580 -16.21 -3.88 -12.21
N MET B 581 -16.71 -2.83 -11.54
CA MET B 581 -16.03 -1.55 -11.48
C MET B 581 -15.88 -1.08 -10.04
N ASN B 582 -15.67 -2.02 -9.12
CA ASN B 582 -15.59 -1.69 -7.71
C ASN B 582 -14.23 -1.08 -7.36
N ASP B 583 -14.18 -0.46 -6.18
CA ASP B 583 -12.97 0.21 -5.68
C ASP B 583 -12.49 1.27 -6.67
N ASN B 584 -13.42 2.01 -7.26
CA ASN B 584 -13.10 3.07 -8.20
C ASN B 584 -13.27 4.46 -7.63
N ASP B 585 -13.91 4.59 -6.46
CA ASP B 585 -14.14 5.90 -5.82
C ASP B 585 -14.86 6.87 -6.75
N ILE B 586 -15.88 6.36 -7.44
CA ILE B 586 -16.66 7.19 -8.36
C ILE B 586 -17.54 8.13 -7.54
N SER B 587 -17.33 9.44 -7.70
CA SER B 587 -18.10 10.44 -6.98
C SER B 587 -18.97 11.29 -7.88
N SER B 588 -18.70 11.36 -9.18
CA SER B 588 -19.50 12.13 -10.11
C SER B 588 -19.62 11.35 -11.43
N SER B 589 -20.68 11.65 -12.17
CA SER B 589 -20.91 10.97 -13.44
C SER B 589 -21.59 11.96 -14.40
N THR B 590 -20.97 12.17 -15.57
CA THR B 590 -21.59 13.04 -16.57
C THR B 590 -22.89 12.44 -17.08
N SER B 591 -22.92 11.14 -17.33
CA SER B 591 -24.14 10.49 -17.79
C SER B 591 -25.12 10.36 -16.63
N ARG B 592 -26.38 10.71 -16.92
CA ARG B 592 -27.42 10.64 -15.88
C ARG B 592 -27.76 9.19 -15.53
N THR B 593 -27.83 8.32 -16.53
CA THR B 593 -28.26 6.94 -16.34
C THR B 593 -27.30 5.99 -17.05
N MET B 594 -27.28 4.75 -16.57
CA MET B 594 -26.51 3.68 -17.19
C MET B 594 -27.47 2.75 -17.93
N GLU B 595 -27.18 2.51 -19.21
CA GLU B 595 -28.06 1.74 -20.08
C GLU B 595 -27.38 0.45 -20.49
N SER B 596 -28.11 -0.67 -20.38
CA SER B 596 -27.59 -1.97 -20.80
C SER B 596 -28.77 -2.92 -20.93
N GLU B 597 -28.91 -3.55 -22.09
CA GLU B 597 -30.01 -4.46 -22.35
C GLU B 597 -29.67 -5.92 -22.04
N SER B 598 -28.45 -6.20 -21.62
CA SER B 598 -28.05 -7.57 -21.30
C SER B 598 -27.27 -7.72 -20.01
N LEU B 599 -26.89 -6.63 -19.34
CA LEU B 599 -26.13 -6.74 -18.11
C LEU B 599 -26.97 -7.42 -17.02
N ARG B 600 -26.36 -8.38 -16.33
CA ARG B 600 -27.04 -9.11 -15.27
C ARG B 600 -26.41 -8.93 -13.90
N THR B 601 -25.09 -8.75 -13.82
CA THR B 601 -24.39 -8.55 -12.56
C THR B 601 -23.57 -7.28 -12.63
N LEU B 602 -23.62 -6.49 -11.55
CA LEU B 602 -22.90 -5.23 -11.48
C LEU B 602 -22.31 -5.08 -10.09
N GLU B 603 -20.99 -4.93 -10.01
CA GLU B 603 -20.30 -4.70 -8.75
C GLU B 603 -19.89 -3.24 -8.67
N PHE B 604 -20.39 -2.53 -7.67
CA PHE B 604 -20.17 -1.10 -7.50
C PHE B 604 -19.71 -0.78 -6.08
N ARG B 605 -18.88 -1.65 -5.51
CA ARG B 605 -18.45 -1.50 -4.14
C ARG B 605 -17.22 -0.59 -4.05
N GLY B 606 -17.00 -0.04 -2.86
CA GLY B 606 -15.85 0.82 -2.63
C GLY B 606 -15.87 2.10 -3.45
N ASN B 607 -17.05 2.64 -3.70
CA ASN B 607 -17.22 3.88 -4.44
C ASN B 607 -17.81 4.94 -3.52
N HIS B 608 -18.14 6.09 -4.08
CA HIS B 608 -18.77 7.19 -3.34
C HIS B 608 -20.16 7.41 -3.93
N LEU B 609 -21.13 6.65 -3.43
CA LEU B 609 -22.52 6.82 -3.85
C LEU B 609 -23.27 7.81 -2.97
N ASP B 610 -22.69 8.24 -1.85
CA ASP B 610 -23.34 9.23 -1.01
C ASP B 610 -23.40 10.60 -1.70
N VAL B 611 -22.30 10.99 -2.35
CA VAL B 611 -22.29 12.27 -3.06
C VAL B 611 -23.21 12.21 -4.27
N LEU B 612 -23.24 11.06 -4.95
CA LEU B 612 -24.15 10.89 -6.08
C LEU B 612 -25.61 10.97 -5.62
N TRP B 613 -25.92 10.38 -4.47
CA TRP B 613 -27.26 10.41 -3.89
C TRP B 613 -27.37 11.41 -2.76
N ARG B 614 -26.68 12.54 -2.88
CA ARG B 614 -26.72 13.58 -1.85
C ARG B 614 -28.11 14.18 -1.75
N ASP B 615 -28.46 14.65 -0.56
CA ASP B 615 -29.74 15.28 -0.34
C ASP B 615 -29.88 16.53 -1.22
N GLY B 616 -31.05 16.67 -1.85
CA GLY B 616 -31.28 17.76 -2.77
C GLY B 616 -30.78 17.52 -4.18
N ASP B 617 -30.17 16.36 -4.44
CA ASP B 617 -29.65 16.01 -5.76
C ASP B 617 -30.38 14.76 -6.24
N ASN B 618 -31.39 14.94 -7.08
CA ASN B 618 -32.17 13.83 -7.61
C ASN B 618 -31.76 13.45 -9.02
N ARG B 619 -30.62 13.97 -9.50
CA ARG B 619 -30.19 13.68 -10.87
C ARG B 619 -29.85 12.21 -11.05
N TYR B 620 -29.15 11.62 -10.07
CA TYR B 620 -28.67 10.24 -10.17
C TYR B 620 -29.52 9.27 -9.34
N LEU B 621 -30.78 9.61 -9.10
CA LEU B 621 -31.65 8.70 -8.36
C LEU B 621 -31.94 7.44 -9.16
N GLN B 622 -32.30 7.59 -10.43
CA GLN B 622 -32.57 6.45 -11.31
C GLN B 622 -31.32 6.07 -12.11
N LEU B 623 -30.21 5.86 -11.40
CA LEU B 623 -28.96 5.54 -12.08
C LEU B 623 -28.98 4.13 -12.68
N PHE B 624 -29.56 3.18 -11.96
CA PHE B 624 -29.60 1.78 -12.39
C PHE B 624 -30.95 1.36 -12.94
N LYS B 625 -31.85 2.33 -13.18
CA LYS B 625 -33.20 1.99 -13.66
C LYS B 625 -33.16 1.37 -15.04
N ASN B 626 -32.32 1.89 -15.94
CA ASN B 626 -32.31 1.43 -17.33
C ASN B 626 -31.70 0.04 -17.49
N LEU B 627 -31.04 -0.50 -16.46
CA LEU B 627 -30.49 -1.85 -16.51
C LEU B 627 -31.64 -2.83 -16.36
N LEU B 628 -32.31 -3.11 -17.48
CA LEU B 628 -33.54 -3.91 -17.45
C LEU B 628 -33.27 -5.34 -17.00
N LYS B 629 -32.19 -5.95 -17.47
CA LYS B 629 -31.91 -7.34 -17.17
C LYS B 629 -31.02 -7.53 -15.95
N LEU B 630 -30.68 -6.45 -15.24
CA LEU B 630 -29.85 -6.58 -14.05
C LEU B 630 -30.57 -7.39 -12.97
N GLU B 631 -29.84 -8.32 -12.38
CA GLU B 631 -30.38 -9.18 -11.32
C GLU B 631 -29.58 -9.18 -10.04
N GLU B 632 -28.34 -8.70 -10.05
CA GLU B 632 -27.50 -8.67 -8.86
C GLU B 632 -26.78 -7.33 -8.78
N LEU B 633 -26.87 -6.70 -7.61
CA LEU B 633 -26.19 -5.43 -7.34
C LEU B 633 -25.33 -5.59 -6.10
N ASP B 634 -24.18 -4.93 -6.11
CA ASP B 634 -23.20 -5.05 -5.03
C ASP B 634 -22.71 -3.67 -4.61
N ILE B 635 -23.64 -2.75 -4.35
CA ILE B 635 -23.29 -1.42 -3.88
C ILE B 635 -23.02 -1.46 -2.38
N SER B 636 -21.76 -1.67 -2.02
CA SER B 636 -21.35 -1.80 -0.63
C SER B 636 -20.10 -0.95 -0.39
N LYS B 637 -19.85 -0.66 0.90
CA LYS B 637 -18.71 0.16 1.30
C LYS B 637 -18.71 1.51 0.60
N ASN B 638 -19.91 2.07 0.40
CA ASN B 638 -20.09 3.31 -0.32
C ASN B 638 -20.25 4.51 0.62
N SER B 639 -20.04 4.31 1.92
CA SER B 639 -20.20 5.37 2.92
C SER B 639 -21.59 5.98 2.87
N LEU B 640 -22.60 5.13 2.65
CA LEU B 640 -23.98 5.56 2.57
C LEU B 640 -24.54 5.64 3.99
N SER B 641 -24.59 6.86 4.55
CA SER B 641 -25.17 7.04 5.87
C SER B 641 -26.67 6.77 5.86
N PHE B 642 -27.37 7.18 4.80
CA PHE B 642 -28.80 6.97 4.69
C PHE B 642 -29.17 6.84 3.23
N LEU B 643 -30.32 6.23 2.98
CA LEU B 643 -30.82 6.06 1.62
C LEU B 643 -31.93 7.08 1.36
N PRO B 644 -31.73 8.06 0.47
CA PRO B 644 -32.80 9.01 0.17
C PRO B 644 -33.99 8.33 -0.47
N SER B 645 -35.17 8.88 -0.18
CA SER B 645 -36.41 8.31 -0.71
C SER B 645 -36.47 8.50 -2.21
N GLY B 646 -36.68 7.41 -2.94
CA GLY B 646 -36.77 7.47 -4.39
C GLY B 646 -35.78 6.57 -5.09
N VAL B 647 -34.73 6.13 -4.38
CA VAL B 647 -33.74 5.26 -4.98
C VAL B 647 -34.34 3.88 -5.26
N PHE B 648 -35.20 3.40 -4.37
CA PHE B 648 -35.82 2.10 -4.58
C PHE B 648 -36.78 2.13 -5.78
N ASP B 649 -37.47 3.24 -5.99
CA ASP B 649 -38.30 3.38 -7.19
C ASP B 649 -37.46 3.36 -8.46
N GLY B 650 -36.22 3.83 -8.37
CA GLY B 650 -35.30 3.83 -9.49
C GLY B 650 -34.47 2.58 -9.65
N MET B 651 -34.73 1.55 -8.86
CA MET B 651 -34.00 0.30 -9.00
C MET B 651 -34.52 -0.49 -10.19
N PRO B 652 -33.69 -1.36 -10.77
CA PRO B 652 -34.13 -2.18 -11.91
C PRO B 652 -35.29 -3.08 -11.52
N PRO B 653 -36.23 -3.30 -12.44
CA PRO B 653 -37.39 -4.15 -12.11
C PRO B 653 -37.04 -5.59 -11.79
N ASN B 654 -35.96 -6.14 -12.36
CA ASN B 654 -35.60 -7.53 -12.18
C ASN B 654 -34.47 -7.73 -11.18
N LEU B 655 -34.30 -6.79 -10.24
CA LEU B 655 -33.28 -6.93 -9.22
C LEU B 655 -33.60 -8.10 -8.30
N LYS B 656 -32.59 -8.94 -8.03
CA LYS B 656 -32.79 -10.12 -7.19
C LYS B 656 -31.73 -10.28 -6.10
N ASN B 657 -30.57 -9.65 -6.22
CA ASN B 657 -29.49 -9.80 -5.25
C ASN B 657 -28.96 -8.41 -4.91
N LEU B 658 -29.43 -7.84 -3.80
CA LEU B 658 -29.03 -6.51 -3.37
C LEU B 658 -28.17 -6.61 -2.11
N SER B 659 -27.03 -5.93 -2.14
CA SER B 659 -26.10 -5.94 -1.02
C SER B 659 -25.77 -4.50 -0.61
N LEU B 660 -25.83 -4.23 0.69
CA LEU B 660 -25.49 -2.93 1.26
C LEU B 660 -24.56 -3.10 2.46
N ALA B 661 -23.65 -4.06 2.37
CA ALA B 661 -22.79 -4.38 3.50
C ALA B 661 -21.74 -3.30 3.74
N LYS B 662 -21.37 -3.13 5.01
CA LYS B 662 -20.29 -2.22 5.41
C LYS B 662 -20.53 -0.80 4.90
N ASN B 663 -21.78 -0.35 4.97
CA ASN B 663 -22.15 0.98 4.48
C ASN B 663 -22.32 1.99 5.60
N GLY B 664 -22.81 1.57 6.76
CA GLY B 664 -23.05 2.48 7.85
C GLY B 664 -24.43 3.12 7.78
N LEU B 665 -25.43 2.32 7.42
CA LEU B 665 -26.80 2.79 7.27
C LEU B 665 -27.37 3.12 8.65
N LYS B 666 -27.44 4.41 8.97
CA LYS B 666 -27.97 4.83 10.27
C LYS B 666 -29.45 4.48 10.39
N SER B 667 -30.23 4.70 9.33
CA SER B 667 -31.67 4.44 9.38
C SER B 667 -32.10 4.00 7.98
N PHE B 668 -32.43 2.72 7.84
CA PHE B 668 -32.84 2.16 6.57
C PHE B 668 -34.35 1.96 6.58
N ILE B 669 -35.05 2.61 5.66
CA ILE B 669 -36.49 2.46 5.58
C ILE B 669 -36.84 1.07 5.05
N TRP B 670 -38.03 0.59 5.43
CA TRP B 670 -38.47 -0.74 5.07
C TRP B 670 -39.75 -0.77 4.25
N GLU B 671 -40.61 0.24 4.34
CA GLU B 671 -41.83 0.26 3.55
C GLU B 671 -41.56 0.44 2.06
N LYS B 672 -40.36 0.92 1.69
CA LYS B 672 -40.02 1.11 0.28
C LYS B 672 -39.61 -0.18 -0.41
N LEU B 673 -39.45 -1.27 0.35
CA LEU B 673 -39.10 -2.56 -0.25
C LEU B 673 -40.22 -3.15 -1.09
N ARG B 674 -41.44 -2.61 -0.96
CA ARG B 674 -42.56 -3.08 -1.77
C ARG B 674 -42.34 -2.80 -3.26
N TYR B 675 -41.53 -1.79 -3.58
CA TYR B 675 -41.25 -1.49 -4.98
C TYR B 675 -40.50 -2.63 -5.66
N LEU B 676 -39.55 -3.24 -4.95
CA LEU B 676 -38.78 -4.37 -5.48
C LEU B 676 -39.64 -5.63 -5.37
N LYS B 677 -40.22 -6.04 -6.49
CA LYS B 677 -41.08 -7.22 -6.54
C LYS B 677 -40.32 -8.51 -6.78
N ASN B 678 -38.99 -8.44 -6.92
CA ASN B 678 -38.18 -9.62 -7.18
C ASN B 678 -37.00 -9.74 -6.21
N LEU B 679 -36.96 -8.94 -5.15
CA LEU B 679 -35.87 -9.01 -4.19
C LEU B 679 -35.94 -10.31 -3.39
N GLU B 680 -34.80 -10.99 -3.27
CA GLU B 680 -34.74 -12.26 -2.56
C GLU B 680 -33.56 -12.39 -1.61
N THR B 681 -32.48 -11.63 -1.79
CA THR B 681 -31.24 -11.83 -1.05
C THR B 681 -30.73 -10.48 -0.53
N LEU B 682 -31.63 -9.72 0.09
CA LEU B 682 -31.24 -8.44 0.67
C LEU B 682 -30.20 -8.65 1.77
N ASP B 683 -29.12 -7.86 1.71
CA ASP B 683 -28.01 -7.97 2.65
C ASP B 683 -27.74 -6.61 3.26
N LEU B 684 -27.72 -6.56 4.60
CA LEU B 684 -27.42 -5.34 5.34
C LEU B 684 -26.39 -5.61 6.43
N SER B 685 -25.44 -6.50 6.16
CA SER B 685 -24.46 -6.88 7.17
C SER B 685 -23.47 -5.75 7.42
N HIS B 686 -22.90 -5.75 8.63
CA HIS B 686 -21.87 -4.78 9.04
C HIS B 686 -22.39 -3.35 8.89
N ASN B 687 -23.64 -3.14 9.22
CA ASN B 687 -24.27 -1.83 9.14
C ASN B 687 -24.60 -1.33 10.55
N GLN B 688 -25.17 -0.14 10.62
CA GLN B 688 -25.53 0.51 11.88
C GLN B 688 -27.03 0.71 12.00
N LEU B 689 -27.81 -0.23 11.48
CA LEU B 689 -29.25 -0.20 11.65
C LEU B 689 -29.61 -0.41 13.12
N THR B 690 -30.80 0.04 13.49
CA THR B 690 -31.26 -0.09 14.88
C THR B 690 -32.70 -0.56 15.03
N THR B 691 -33.49 -0.58 13.96
CA THR B 691 -34.90 -0.95 14.05
C THR B 691 -35.25 -1.94 12.96
N VAL B 692 -35.91 -3.02 13.34
CA VAL B 692 -36.41 -4.01 12.39
C VAL B 692 -37.76 -3.54 11.87
N PRO B 693 -38.21 -3.98 10.69
CA PRO B 693 -39.52 -3.55 10.20
C PRO B 693 -40.65 -4.05 11.07
N GLU B 694 -41.74 -3.29 11.09
CA GLU B 694 -42.91 -3.66 11.88
C GLU B 694 -43.49 -5.00 11.41
N ARG B 695 -43.60 -5.19 10.11
CA ARG B 695 -44.11 -6.44 9.53
C ARG B 695 -43.33 -6.72 8.26
N LEU B 696 -42.52 -7.78 8.27
CA LEU B 696 -41.74 -8.13 7.08
C LEU B 696 -42.63 -8.59 5.94
N SER B 697 -43.79 -9.17 6.25
CA SER B 697 -44.72 -9.58 5.20
C SER B 697 -45.23 -8.39 4.41
N ASN B 698 -45.52 -7.28 5.10
CA ASN B 698 -45.98 -6.07 4.42
C ASN B 698 -44.87 -5.37 3.65
N CYS B 699 -43.61 -5.64 3.97
CA CYS B 699 -42.51 -4.98 3.29
C CYS B 699 -42.20 -5.63 1.95
N SER B 700 -41.82 -6.91 1.97
CA SER B 700 -41.49 -7.65 0.77
C SER B 700 -42.25 -8.97 0.74
N ARG B 701 -42.79 -9.31 -0.43
CA ARG B 701 -43.51 -10.55 -0.62
C ARG B 701 -42.63 -11.67 -1.17
N SER B 702 -41.33 -11.41 -1.37
CA SER B 702 -40.44 -12.41 -1.93
C SER B 702 -39.08 -12.48 -1.24
N LEU B 703 -38.86 -11.72 -0.16
CA LEU B 703 -37.58 -11.77 0.54
C LEU B 703 -37.43 -13.11 1.26
N LYS B 704 -36.31 -13.77 1.03
CA LYS B 704 -36.06 -15.08 1.65
C LYS B 704 -34.65 -15.25 2.18
N ASN B 705 -33.76 -14.27 2.02
CA ASN B 705 -32.38 -14.37 2.46
C ASN B 705 -31.94 -13.10 3.16
N LEU B 706 -32.75 -12.63 4.11
CA LEU B 706 -32.43 -11.42 4.85
C LEU B 706 -31.23 -11.66 5.76
N ILE B 707 -30.27 -10.74 5.73
CA ILE B 707 -29.03 -10.85 6.50
C ILE B 707 -28.79 -9.53 7.22
N LEU B 708 -28.53 -9.60 8.52
CA LEU B 708 -28.21 -8.44 9.34
C LEU B 708 -27.02 -8.73 10.25
N LYS B 709 -25.98 -9.32 9.66
CA LYS B 709 -24.80 -9.70 10.44
C LYS B 709 -24.05 -8.46 10.93
N ASN B 710 -23.51 -8.56 12.14
CA ASN B 710 -22.69 -7.50 12.74
C ASN B 710 -23.42 -6.16 12.78
N ASN B 711 -24.71 -6.21 13.13
CA ASN B 711 -25.52 -5.00 13.24
C ASN B 711 -25.71 -4.65 14.70
N GLN B 712 -26.50 -3.59 14.94
CA GLN B 712 -26.76 -3.10 16.30
C GLN B 712 -28.27 -3.02 16.48
N ILE B 713 -28.88 -4.15 16.82
CA ILE B 713 -30.32 -4.24 17.06
C ILE B 713 -30.52 -4.75 18.49
N ARG B 714 -31.30 -4.01 19.28
CA ARG B 714 -31.52 -4.38 20.66
C ARG B 714 -32.81 -5.16 20.88
N SER B 715 -33.81 -4.96 20.03
CA SER B 715 -35.08 -5.65 20.19
C SER B 715 -35.75 -5.78 18.83
N LEU B 716 -36.68 -6.73 18.73
CA LEU B 716 -37.46 -6.96 17.53
C LEU B 716 -38.92 -6.60 17.77
N THR B 717 -39.62 -6.31 16.68
CA THR B 717 -41.03 -5.98 16.76
C THR B 717 -41.84 -7.21 17.15
N LYS B 718 -43.01 -6.96 17.75
CA LYS B 718 -43.87 -8.05 18.21
C LYS B 718 -44.51 -8.83 17.06
N TYR B 719 -44.42 -8.33 15.83
CA TYR B 719 -44.92 -9.02 14.65
C TYR B 719 -43.86 -9.01 13.55
N PHE B 720 -42.61 -9.29 13.92
CA PHE B 720 -41.52 -9.25 12.97
C PHE B 720 -41.67 -10.30 11.87
N LEU B 721 -42.07 -11.51 12.23
CA LEU B 721 -42.18 -12.63 11.31
C LEU B 721 -43.61 -13.15 11.22
N GLN B 722 -44.58 -12.24 11.13
CA GLN B 722 -45.98 -12.60 11.05
C GLN B 722 -46.37 -12.80 9.58
N ASP B 723 -46.87 -13.98 9.27
CA ASP B 723 -47.35 -14.34 7.93
C ASP B 723 -46.26 -14.23 6.87
N ALA B 724 -44.99 -14.34 7.26
CA ALA B 724 -43.87 -14.28 6.33
C ALA B 724 -43.44 -15.71 6.01
N PHE B 725 -44.27 -16.40 5.24
CA PHE B 725 -44.03 -17.80 4.89
C PHE B 725 -43.02 -17.96 3.76
N GLN B 726 -42.66 -16.89 3.06
CA GLN B 726 -41.72 -16.96 1.95
C GLN B 726 -40.27 -16.84 2.39
N LEU B 727 -40.01 -16.61 3.66
CA LEU B 727 -38.65 -16.44 4.16
C LEU B 727 -38.02 -17.82 4.36
N ARG B 728 -36.76 -17.95 3.92
CA ARG B 728 -35.98 -19.16 4.09
C ARG B 728 -34.70 -18.97 4.89
N TYR B 729 -34.09 -17.79 4.83
CA TYR B 729 -32.83 -17.52 5.49
C TYR B 729 -32.96 -16.26 6.34
N LEU B 730 -32.39 -16.30 7.54
CA LEU B 730 -32.44 -15.17 8.45
C LEU B 730 -31.16 -15.14 9.29
N ASP B 731 -30.57 -13.95 9.41
CA ASP B 731 -29.33 -13.77 10.16
C ASP B 731 -29.46 -12.56 11.07
N LEU B 732 -29.23 -12.76 12.37
CA LEU B 732 -29.26 -11.70 13.35
C LEU B 732 -28.06 -11.78 14.29
N SER B 733 -26.98 -12.40 13.82
CA SER B 733 -25.82 -12.62 14.67
C SER B 733 -25.05 -11.33 14.90
N SER B 734 -24.25 -11.32 15.98
CA SER B 734 -23.39 -10.20 16.35
C SER B 734 -24.19 -8.91 16.50
N ASN B 735 -25.28 -8.99 17.25
CA ASN B 735 -26.15 -7.85 17.53
C ASN B 735 -26.19 -7.63 19.04
N LYS B 736 -27.07 -6.71 19.46
CA LYS B 736 -27.28 -6.39 20.87
C LYS B 736 -28.67 -6.78 21.34
N ILE B 737 -29.27 -7.79 20.70
CA ILE B 737 -30.62 -8.21 21.04
C ILE B 737 -30.64 -8.79 22.46
N GLN B 738 -31.76 -8.59 23.15
CA GLN B 738 -31.90 -9.03 24.54
C GLN B 738 -32.79 -10.25 24.67
N MET B 739 -33.98 -10.23 24.07
CA MET B 739 -34.92 -11.34 24.21
C MET B 739 -35.80 -11.41 22.97
N ILE B 740 -36.40 -12.57 22.77
CA ILE B 740 -37.33 -12.82 21.68
C ILE B 740 -38.63 -13.35 22.27
N GLN B 741 -39.76 -12.77 21.86
CA GLN B 741 -41.06 -13.19 22.33
C GLN B 741 -41.69 -14.21 21.38
N LYS B 742 -42.67 -14.95 21.89
CA LYS B 742 -43.33 -15.97 21.09
C LYS B 742 -44.09 -15.37 19.92
N THR B 743 -44.77 -14.24 20.15
CA THR B 743 -45.61 -13.65 19.10
C THR B 743 -44.78 -13.14 17.91
N SER B 744 -43.47 -12.94 18.10
CA SER B 744 -42.63 -12.49 17.00
C SER B 744 -41.97 -13.62 16.24
N PHE B 745 -41.94 -14.83 16.81
CA PHE B 745 -41.32 -16.00 16.18
C PHE B 745 -42.30 -17.16 16.18
N PRO B 746 -43.29 -17.14 15.29
CA PRO B 746 -44.22 -18.27 15.20
C PRO B 746 -43.52 -19.52 14.72
N GLU B 747 -44.02 -20.67 15.19
CA GLU B 747 -43.41 -21.94 14.81
C GLU B 747 -43.70 -22.29 13.35
N ASN B 748 -44.82 -21.83 12.81
CA ASN B 748 -45.15 -22.13 11.42
C ASN B 748 -44.12 -21.55 10.47
N VAL B 749 -43.69 -20.31 10.71
CA VAL B 749 -42.65 -19.72 9.88
C VAL B 749 -41.31 -20.40 10.12
N LEU B 750 -40.98 -20.67 11.39
CA LEU B 750 -39.69 -21.25 11.73
C LEU B 750 -39.54 -22.68 11.23
N ASN B 751 -40.64 -23.37 10.94
CA ASN B 751 -40.55 -24.75 10.48
C ASN B 751 -39.85 -24.85 9.13
N ASN B 752 -40.12 -23.91 8.23
CA ASN B 752 -39.57 -23.95 6.89
C ASN B 752 -38.25 -23.21 6.75
N LEU B 753 -37.71 -22.67 7.84
CA LEU B 753 -36.45 -21.94 7.78
C LEU B 753 -35.29 -22.91 7.64
N LYS B 754 -34.47 -22.72 6.60
CA LYS B 754 -33.34 -23.61 6.37
C LYS B 754 -32.21 -23.37 7.36
N MET B 755 -31.93 -22.10 7.66
CA MET B 755 -30.81 -21.75 8.52
C MET B 755 -31.11 -20.45 9.24
N LEU B 756 -30.73 -20.39 10.51
CA LEU B 756 -30.94 -19.20 11.34
C LEU B 756 -29.76 -19.07 12.30
N LEU B 757 -29.26 -17.85 12.45
CA LEU B 757 -28.06 -17.58 13.24
C LEU B 757 -28.39 -16.58 14.34
N LEU B 758 -28.11 -16.97 15.58
CA LEU B 758 -28.26 -16.08 16.74
C LEU B 758 -27.08 -16.26 17.69
N HIS B 759 -25.88 -16.30 17.12
CA HIS B 759 -24.65 -16.50 17.89
C HIS B 759 -23.88 -15.21 18.03
N HIS B 760 -23.05 -15.16 19.07
CA HIS B 760 -22.15 -14.04 19.33
C HIS B 760 -22.91 -12.73 19.56
N ASN B 761 -24.02 -12.82 20.28
CA ASN B 761 -24.80 -11.64 20.64
C ASN B 761 -25.04 -11.58 22.14
N ARG B 762 -25.94 -10.70 22.58
CA ARG B 762 -26.07 -10.36 23.99
C ARG B 762 -27.41 -10.79 24.58
N PHE B 763 -27.85 -12.02 24.29
CA PHE B 763 -29.07 -12.53 24.91
C PHE B 763 -28.91 -12.61 26.43
N LEU B 764 -29.98 -12.28 27.14
CA LEU B 764 -30.02 -12.37 28.59
C LEU B 764 -30.85 -13.59 29.00
N CYS B 765 -30.29 -14.43 29.86
CA CYS B 765 -30.92 -15.70 30.23
C CYS B 765 -31.58 -15.56 31.61
N THR B 766 -32.73 -14.90 31.62
CA THR B 766 -33.56 -14.76 32.81
C THR B 766 -34.85 -15.54 32.63
N CYS B 767 -35.75 -15.43 33.62
CA CYS B 767 -37.01 -16.15 33.62
C CYS B 767 -38.03 -15.58 32.63
N ASP B 768 -37.73 -14.44 32.00
CA ASP B 768 -38.65 -13.85 31.04
C ASP B 768 -38.61 -14.53 29.67
N ALA B 769 -37.66 -15.43 29.43
CA ALA B 769 -37.54 -16.08 28.13
C ALA B 769 -37.66 -17.60 28.26
N VAL B 770 -38.63 -18.07 29.04
CA VAL B 770 -38.81 -19.51 29.19
C VAL B 770 -39.25 -20.14 27.87
N TRP B 771 -40.08 -19.43 27.10
CA TRP B 771 -40.48 -19.94 25.79
C TRP B 771 -39.29 -20.07 24.86
N PHE B 772 -38.41 -19.06 24.84
CA PHE B 772 -37.22 -19.13 24.00
C PHE B 772 -36.30 -20.26 24.44
N VAL B 773 -36.13 -20.43 25.76
CA VAL B 773 -35.27 -21.49 26.27
C VAL B 773 -35.83 -22.86 25.89
N TRP B 774 -37.14 -23.04 26.01
CA TRP B 774 -37.76 -24.31 25.61
C TRP B 774 -37.64 -24.54 24.12
N TRP B 775 -37.79 -23.49 23.31
CA TRP B 775 -37.80 -23.67 21.87
C TRP B 775 -36.41 -23.95 21.30
N VAL B 776 -35.37 -23.30 21.84
CA VAL B 776 -34.03 -23.50 21.30
C VAL B 776 -33.53 -24.92 21.52
N GLN B 777 -34.05 -25.63 22.52
CA GLN B 777 -33.62 -26.99 22.82
C GLN B 777 -34.66 -28.04 22.43
N HIS B 778 -35.68 -27.66 21.65
CA HIS B 778 -36.71 -28.61 21.24
C HIS B 778 -37.10 -28.45 19.79
N THR B 779 -36.37 -27.68 18.99
CA THR B 779 -36.68 -27.46 17.59
C THR B 779 -35.60 -28.08 16.70
N GLU B 780 -35.94 -28.27 15.44
CA GLU B 780 -35.04 -28.84 14.44
C GLU B 780 -34.40 -27.79 13.56
N VAL B 781 -34.53 -26.50 13.90
CA VAL B 781 -33.95 -25.44 13.09
C VAL B 781 -32.44 -25.47 13.24
N THR B 782 -31.75 -25.46 12.09
CA THR B 782 -30.29 -25.51 12.07
C THR B 782 -29.72 -24.19 12.57
N ILE B 783 -29.23 -24.19 13.80
CA ILE B 783 -28.64 -23.01 14.42
C ILE B 783 -27.16 -23.31 14.69
N PRO B 784 -26.26 -22.81 13.85
CA PRO B 784 -24.84 -23.08 14.05
C PRO B 784 -24.30 -22.41 15.31
N TYR B 785 -23.27 -23.04 15.89
CA TYR B 785 -22.61 -22.53 17.09
C TYR B 785 -23.62 -22.33 18.23
N LEU B 786 -24.55 -23.27 18.36
CA LEU B 786 -25.61 -23.14 19.36
C LEU B 786 -25.08 -23.31 20.78
N ALA B 787 -24.03 -24.10 20.96
CA ALA B 787 -23.48 -24.36 22.29
C ALA B 787 -22.04 -23.89 22.44
N THR B 788 -21.56 -23.06 21.51
CA THR B 788 -20.18 -22.62 21.57
C THR B 788 -20.04 -21.10 21.52
N ASP B 789 -20.85 -20.41 20.72
CA ASP B 789 -20.71 -18.97 20.53
C ASP B 789 -21.76 -18.18 21.31
N VAL B 790 -23.02 -18.56 21.21
CA VAL B 790 -24.09 -17.83 21.89
C VAL B 790 -24.07 -18.19 23.37
N THR B 791 -23.94 -17.19 24.23
CA THR B 791 -23.92 -17.35 25.67
C THR B 791 -25.00 -16.47 26.31
N CYS B 792 -24.98 -16.41 27.64
CA CYS B 792 -25.92 -15.60 28.40
C CYS B 792 -25.15 -14.49 29.10
N VAL B 793 -25.61 -13.24 28.92
CA VAL B 793 -24.97 -12.12 29.59
C VAL B 793 -25.12 -12.21 31.10
N GLY B 794 -26.31 -12.59 31.56
CA GLY B 794 -26.56 -12.71 32.97
C GLY B 794 -27.77 -13.60 33.25
N PRO B 795 -28.36 -13.44 34.44
CA PRO B 795 -27.98 -12.52 35.52
C PRO B 795 -27.09 -13.18 36.57
N GLY B 796 -25.98 -12.53 36.92
CA GLY B 796 -25.10 -13.04 37.96
C GLY B 796 -24.30 -14.26 37.55
N ALA B 797 -24.63 -15.42 38.14
CA ALA B 797 -23.86 -16.64 37.90
C ALA B 797 -24.12 -17.23 36.52
N HIS B 798 -25.12 -16.74 35.78
CA HIS B 798 -25.44 -17.27 34.46
C HIS B 798 -24.56 -16.72 33.35
N LYS B 799 -23.42 -16.10 33.69
CA LYS B 799 -22.52 -15.57 32.68
C LYS B 799 -21.84 -16.73 31.94
N GLY B 800 -21.86 -16.67 30.61
CA GLY B 800 -21.25 -17.70 29.80
C GLY B 800 -22.01 -19.00 29.72
N GLN B 801 -23.23 -19.06 30.27
CA GLN B 801 -24.01 -20.29 30.24
C GLN B 801 -24.53 -20.56 28.83
N SER B 802 -24.65 -21.84 28.51
CA SER B 802 -25.18 -22.25 27.21
C SER B 802 -26.70 -22.26 27.26
N VAL B 803 -27.32 -21.61 26.27
CA VAL B 803 -28.78 -21.55 26.22
C VAL B 803 -29.37 -22.94 26.00
N ILE B 804 -28.76 -23.73 25.12
CA ILE B 804 -29.25 -25.08 24.87
C ILE B 804 -29.05 -25.99 26.08
N SER B 805 -28.15 -25.63 26.99
CA SER B 805 -27.88 -26.39 28.20
C SER B 805 -28.52 -25.76 29.43
N LEU B 806 -29.60 -25.00 29.24
CA LEU B 806 -30.27 -24.31 30.33
C LEU B 806 -31.56 -25.02 30.71
N ASP B 807 -31.76 -25.21 32.02
CA ASP B 807 -32.98 -25.85 32.52
C ASP B 807 -33.37 -25.10 33.80
N LEU B 808 -34.29 -24.14 33.67
CA LEU B 808 -34.73 -23.33 34.79
C LEU B 808 -35.92 -24.04 35.45
N TYR B 809 -35.62 -24.87 36.45
CA TYR B 809 -36.68 -25.57 37.15
C TYR B 809 -37.49 -24.63 38.03
N THR B 810 -36.86 -23.59 38.57
CA THR B 810 -37.55 -22.63 39.43
C THR B 810 -38.50 -21.71 38.66
N CYS B 811 -38.41 -21.67 37.33
CA CYS B 811 -39.26 -20.80 36.54
C CYS B 811 -40.66 -21.39 36.41
O5' OMG C 1 0.27 4.82 -19.27
C5' OMG C 1 1.20 5.15 -18.25
C4' OMG C 1 2.16 6.17 -18.80
O4' OMG C 1 2.45 5.89 -20.14
C3' OMG C 1 1.55 7.55 -18.88
O3' OMG C 1 1.72 8.17 -17.63
C2' OMG C 1 2.34 8.18 -19.97
O2' OMG C 1 3.52 8.72 -19.43
CM2 OMG C 1 4.36 9.27 -20.44
C1' OMG C 1 2.70 7.06 -20.90
N9 OMG C 1 1.85 7.07 -22.10
C8 OMG C 1 0.53 6.93 -22.09
N7 OMG C 1 0.03 7.01 -23.35
C5 OMG C 1 1.06 7.22 -24.17
C6 OMG C 1 1.22 7.39 -25.63
O6 OMG C 1 0.25 7.36 -26.38
N1 OMG C 1 2.44 7.57 -26.10
C2 OMG C 1 3.50 7.60 -25.30
N2 OMG C 1 4.70 7.79 -25.87
N3 OMG C 1 3.43 7.46 -23.96
C4 OMG C 1 2.25 7.26 -23.36
P SRA C 2 1.11 9.60 -17.34
OP1 SRA C 2 1.43 10.55 -18.40
S2P SRA C 2 -0.93 9.60 -17.17
O5' SRA C 2 1.73 10.05 -15.95
C5' SRA C 2 2.66 9.19 -15.30
C4' SRA C 2 3.48 10.10 -14.40
O4' SRA C 2 4.27 10.95 -15.21
C3' SRA C 2 2.59 11.00 -13.58
O3' SRA C 2 2.48 10.55 -12.24
C2' SRA C 2 3.30 12.33 -13.59
C1' SRA C 2 4.18 12.30 -14.79
N9 SRA C 2 3.54 13.10 -15.85
C8 SRA C 2 2.90 12.60 -16.91
N7 SRA C 2 2.43 13.59 -17.69
C5 SRA C 2 2.76 14.75 -17.11
C6 SRA C 2 2.57 16.16 -17.41
N6 SRA C 2 1.91 16.53 -18.52
N1 SRA C 2 3.08 17.07 -16.56
C2 SRA C 2 3.74 16.68 -15.47
N3 SRA C 2 3.95 15.40 -15.13
C4 SRA C 2 3.49 14.41 -15.90
O2' SRA C 2 4.11 12.42 -12.44
P SRA C 3 1.22 11.04 -11.38
OP1 SRA C 3 0.01 10.93 -12.21
S2P SRA C 3 0.99 9.90 -9.69
O5' SRA C 3 1.41 12.59 -11.00
C5' SRA C 3 0.74 13.56 -11.78
C4' SRA C 3 1.38 14.91 -11.57
O4' SRA C 3 1.67 15.52 -12.82
C3' SRA C 3 0.41 15.79 -10.83
O3' SRA C 3 1.08 16.40 -9.74
C2' SRA C 3 -0.05 16.79 -11.86
C1' SRA C 3 1.04 16.79 -12.91
N9 SRA C 3 0.42 17.00 -14.22
C8 SRA C 3 0.21 18.19 -14.80
N7 SRA C 3 -0.37 18.04 -16.01
C5 SRA C 3 -0.54 16.74 -16.22
C6 SRA C 3 -1.09 15.90 -17.30
N6 SRA C 3 -1.59 16.47 -18.42
N1 SRA C 3 -1.07 14.57 -17.12
C2 SRA C 3 -0.58 14.02 -16.01
N3 SRA C 3 -0.06 14.71 -14.99
C4 SRA C 3 -0.01 16.05 -15.04
O2' SRA C 3 -0.20 18.10 -11.32
O5' OMG D 1 15.87 -9.05 -7.64
C5' OMG D 1 14.50 -9.23 -7.95
C4' OMG D 1 14.37 -10.48 -8.79
O4' OMG D 1 15.43 -10.54 -9.71
C3' OMG D 1 14.54 -11.72 -7.99
O3' OMG D 1 13.30 -12.06 -7.43
C2' OMG D 1 15.03 -12.71 -9.02
O2' OMG D 1 13.92 -13.26 -9.69
CM2 OMG D 1 14.31 -14.16 -10.71
C1' OMG D 1 15.81 -11.87 -10.00
N9 OMG D 1 17.26 -12.05 -9.78
C8 OMG D 1 17.91 -11.73 -8.66
N7 OMG D 1 19.21 -12.03 -8.76
C5 OMG D 1 19.42 -12.54 -9.97
C6 OMG D 1 20.57 -13.07 -10.71
O6 OMG D 1 21.70 -13.08 -10.20
N1 OMG D 1 20.38 -13.52 -11.93
C2 OMG D 1 19.18 -13.51 -12.51
N2 OMG D 1 19.09 -13.99 -13.76
N3 OMG D 1 18.07 -13.05 -11.89
C4 OMG D 1 18.13 -12.57 -10.64
P SRA D 2 13.13 -13.31 -6.48
OP1 SRA D 2 13.73 -14.51 -7.05
S2P SRA D 2 14.00 -13.07 -4.65
O5' SRA D 2 11.56 -13.49 -6.29
C5' SRA D 2 10.67 -12.67 -7.03
C4' SRA D 2 9.38 -13.46 -7.14
O4' SRA D 2 9.61 -14.57 -7.98
C3' SRA D 2 8.97 -14.02 -5.80
O3' SRA D 2 7.92 -13.27 -5.22
C2' SRA D 2 8.48 -15.40 -6.12
C1' SRA D 2 9.10 -15.77 -7.41
N9 SRA D 2 10.21 -16.68 -7.13
C8 SRA D 2 11.51 -16.36 -7.16
N7 SRA D 2 12.29 -17.43 -6.86
C5 SRA D 2 11.46 -18.46 -6.64
C6 SRA D 2 11.63 -19.86 -6.28
N6 SRA D 2 12.85 -20.37 -6.10
N1 SRA D 2 10.52 -20.61 -6.14
C2 SRA D 2 9.31 -20.09 -6.33
N3 SRA D 2 9.08 -18.81 -6.65
C4 SRA D 2 10.11 -17.96 -6.82
O2' SRA D 2 7.07 -15.35 -6.30
P SRA D 3 7.71 -13.37 -3.63
OP1 SRA D 3 9.01 -13.27 -2.97
S2P SRA D 3 6.51 -11.85 -2.96
O5' SRA D 3 7.08 -14.79 -3.27
C5' SRA D 3 7.96 -15.81 -2.80
C4' SRA D 3 7.30 -17.17 -2.97
O4' SRA D 3 8.19 -18.07 -3.63
C3' SRA D 3 7.01 -17.74 -1.60
O3' SRA D 3 5.66 -18.16 -1.56
C2' SRA D 3 7.99 -18.88 -1.45
C1' SRA D 3 8.39 -19.24 -2.86
N9 SRA D 3 9.80 -19.64 -2.85
C8 SRA D 3 10.25 -20.89 -2.65
N7 SRA D 3 11.59 -20.94 -2.70
C5 SRA D 3 12.02 -19.70 -2.93
C6 SRA D 3 13.34 -19.07 -3.11
N6 SRA D 3 14.47 -19.79 -3.03
N1 SRA D 3 13.36 -17.75 -3.34
C2 SRA D 3 12.23 -17.02 -3.41
N3 SRA D 3 11.00 -17.54 -3.27
C4 SRA D 3 10.83 -18.85 -3.03
O2' SRA D 3 7.40 -20.01 -0.82
C1 NAG E . 15.87 8.39 -4.18
C2 NAG E . 15.83 9.50 -3.14
C3 NAG E . 14.53 9.43 -2.35
C4 NAG E . 13.33 9.41 -3.29
C5 NAG E . 13.49 8.31 -4.35
C6 NAG E . 12.40 8.34 -5.40
C7 NAG E . 17.91 10.35 -2.16
C8 NAG E . 19.01 10.10 -1.18
N2 NAG E . 16.97 9.41 -2.24
O3 NAG E . 14.44 10.55 -1.48
O4 NAG E . 12.15 9.14 -2.53
O5 NAG E . 14.74 8.49 -5.04
O6 NAG E . 12.70 9.27 -6.42
O7 NAG E . 17.88 11.37 -2.84
C1 NAG E . 11.25 10.25 -2.59
C2 NAG E . 9.91 9.78 -2.04
C3 NAG E . 8.91 10.94 -2.04
C4 NAG E . 9.48 12.14 -1.28
C5 NAG E . 10.85 12.51 -1.84
C6 NAG E . 11.53 13.60 -1.06
C7 NAG E . 9.36 7.42 -2.34
C8 NAG E . 8.80 6.38 -3.26
N2 NAG E . 9.39 8.66 -2.80
O3 NAG E . 7.70 10.51 -1.43
O4 NAG E . 8.60 13.26 -1.39
O5 NAG E . 11.73 11.36 -1.82
O6 NAG E . 11.97 13.14 0.21
O7 NAG E . 9.78 7.13 -1.22
C1 BMA E . 7.92 13.43 -0.13
C2 BMA E . 7.54 14.92 0.00
C3 BMA E . 6.64 15.13 1.23
C4 BMA E . 5.48 14.11 1.27
C5 BMA E . 6.04 12.70 1.16
C6 BMA E . 4.95 11.64 1.17
O2 BMA E . 6.79 15.36 -1.12
O3 BMA E . 6.13 16.46 1.29
O4 BMA E . 4.76 14.26 2.48
O5 BMA E . 6.77 12.59 -0.06
O6 BMA E . 5.56 10.36 1.35
C1 NAG F . 5.67 43.14 6.69
C2 NAG F . 6.52 41.98 6.17
C3 NAG F . 7.68 42.51 5.33
C4 NAG F . 7.16 43.43 4.23
C5 NAG F . 6.25 44.51 4.82
C6 NAG F . 5.58 45.35 3.75
C7 NAG F . 6.51 39.97 7.59
C8 NAG F . 7.15 39.27 8.75
N2 NAG F . 7.03 41.17 7.27
O3 NAG F . 8.39 41.42 4.77
O4 NAG F . 8.25 44.05 3.57
O5 NAG F . 5.19 43.90 5.58
O6 NAG F . 4.45 46.04 4.27
O7 NAG F . 5.58 39.48 6.96
C1 NAG F . 8.47 43.46 2.29
C2 NAG F . 8.91 44.56 1.32
C3 NAG F . 9.22 43.96 -0.06
C4 NAG F . 10.23 42.84 0.07
C5 NAG F . 9.73 41.80 1.08
C6 NAG F . 10.72 40.70 1.35
C7 NAG F . 8.14 46.88 1.49
C8 NAG F . 6.98 47.82 1.33
N2 NAG F . 7.90 45.59 1.21
O3 NAG F . 9.72 44.99 -0.90
O4 NAG F . 10.44 42.20 -1.18
O5 NAG F . 9.47 42.44 2.34
O6 NAG F . 10.16 39.69 2.18
O7 NAG F . 9.24 47.26 1.86
C1 BMA F . 11.62 42.74 -1.84
C2 BMA F . 12.87 42.38 -1.02
C3 BMA F . 14.12 42.89 -1.74
C4 BMA F . 14.13 42.44 -3.22
C5 BMA F . 12.82 42.83 -3.91
C6 BMA F . 12.73 42.35 -5.35
O2 BMA F . 13.01 40.97 -0.92
O3 BMA F . 15.31 42.47 -1.10
O4 BMA F . 15.22 43.03 -3.90
O5 BMA F . 11.72 42.25 -3.17
O6 BMA F . 13.06 40.95 -5.36
C1 MAN F . 12.17 40.29 -6.28
C2 MAN F . 10.87 39.93 -5.51
C3 MAN F . 11.13 38.81 -4.50
C4 MAN F . 11.84 37.63 -5.18
C5 MAN F . 13.13 38.11 -5.84
C6 MAN F . 13.86 37.01 -6.58
O2 MAN F . 9.86 39.44 -6.39
O3 MAN F . 9.93 38.37 -3.87
O4 MAN F . 12.15 36.63 -4.22
O5 MAN F . 12.80 39.13 -6.81
O6 MAN F . 15.16 37.50 -6.94
C1 NAG G . -15.25 31.04 -19.54
C2 NAG G . -16.26 30.20 -18.76
C3 NAG G . -17.18 29.45 -19.71
C4 NAG G . -17.83 30.42 -20.69
C5 NAG G . -16.76 31.25 -21.40
C6 NAG G . -17.33 32.32 -22.30
C7 NAG G . -15.82 29.24 -16.55
C8 NAG G . -15.04 28.22 -15.77
N2 NAG G . -15.59 29.27 -17.86
O3 NAG G . -18.19 28.76 -18.97
O4 NAG G . -18.57 29.69 -21.67
O5 NAG G . -15.94 31.92 -20.43
O6 NAG G . -18.04 31.75 -23.40
O7 NAG G . -16.61 29.99 -16.00
C1 NAG G . -19.99 29.89 -21.43
C2 NAG G . -20.75 29.54 -22.71
C3 NAG G . -22.25 29.69 -22.47
C4 NAG G . -22.68 28.86 -21.27
C5 NAG G . -21.84 29.23 -20.05
C6 NAG G . -22.13 28.36 -18.85
C7 NAG G . -20.09 29.91 -25.04
C8 NAG G . -19.65 30.91 -26.07
N2 NAG G . -20.33 30.38 -23.81
O3 NAG G . -22.95 29.26 -23.64
O4 NAG G . -24.05 29.10 -20.98
O5 NAG G . -20.45 29.06 -20.35
O6 NAG G . -21.93 26.98 -19.14
O7 NAG G . -20.22 28.72 -25.31
C1 BMA G . -24.82 27.94 -21.37
C2 BMA G . -25.58 27.43 -20.10
C3 BMA G . -26.54 26.30 -20.49
C4 BMA G . -27.40 26.69 -21.70
C5 BMA G . -26.50 27.15 -22.87
C6 BMA G . -27.29 27.58 -24.09
O2 BMA G . -26.36 28.46 -19.54
O3 BMA G . -27.37 25.93 -19.41
O4 BMA G . -28.19 25.58 -22.12
O5 BMA G . -25.72 28.26 -22.41
O6 BMA G . -26.37 27.81 -25.15
C1 NAG H . 15.74 13.44 -36.34
C2 NAG H . 15.51 12.41 -37.45
C3 NAG H . 15.87 12.99 -38.81
C4 NAG H . 15.14 14.29 -39.04
C5 NAG H . 15.41 15.25 -37.89
C6 NAG H . 14.62 16.55 -37.99
C7 NAG H . 15.73 10.08 -36.67
C8 NAG H . 16.66 8.93 -36.47
N2 NAG H . 16.27 11.19 -37.19
O3 NAG H . 15.54 12.06 -39.83
O4 NAG H . 15.57 14.89 -40.27
O5 NAG H . 15.02 14.64 -36.65
O6 NAG H . 13.23 16.33 -37.83
O7 NAG H . 14.54 10.02 -36.36
C1 NAG H . 14.45 14.95 -41.18
C2 NAG H . 14.88 15.75 -42.41
C3 NAG H . 13.74 15.80 -43.43
C4 NAG H . 13.25 14.40 -43.75
C5 NAG H . 12.90 13.65 -42.47
C6 NAG H . 12.52 12.21 -42.70
C7 NAG H . 16.57 17.42 -41.76
C8 NAG H . 16.81 18.85 -41.39
N2 NAG H . 15.30 17.10 -42.04
O3 NAG H . 14.19 16.45 -44.61
O4 NAG H . 12.10 14.47 -44.58
O5 NAG H . 14.03 13.64 -41.58
O6 NAG H . 13.57 11.50 -43.37
O7 NAG H . 17.47 16.59 -41.80
C1 NAG I . 29.10 0.03 -22.54
C2 NAG I . 29.23 -1.40 -23.07
C3 NAG I . 30.59 -1.98 -22.71
C4 NAG I . 31.71 -1.06 -23.18
C5 NAG I . 31.47 0.36 -22.67
C6 NAG I . 32.47 1.36 -23.24
C7 NAG I . 27.51 -3.14 -23.30
C8 NAG I . 26.42 -3.91 -22.61
N2 NAG I . 28.15 -2.24 -22.55
O3 NAG I . 30.72 -3.27 -23.30
O4 NAG I . 32.96 -1.51 -22.68
O5 NAG I . 30.17 0.81 -23.07
O6 NAG I . 31.93 2.03 -24.38
O7 NAG I . 27.77 -3.30 -24.49
C1 NAG I . 33.64 -2.34 -23.65
C2 NAG I . 35.05 -1.81 -23.87
C3 NAG I . 35.82 -2.72 -24.83
C4 NAG I . 35.77 -4.17 -24.35
C5 NAG I . 34.33 -4.59 -24.12
C6 NAG I . 34.21 -5.97 -23.52
C7 NAG I . 35.96 0.47 -24.06
C8 NAG I . 35.78 1.83 -24.66
N2 NAG I . 35.03 -0.44 -24.37
O3 NAG I . 37.16 -2.28 -24.94
O4 NAG I . 36.37 -5.02 -25.32
O5 NAG I . 33.69 -3.69 -23.19
O6 NAG I . 34.28 -5.93 -22.10
O7 NAG I . 36.91 0.20 -23.31
C1 NAG J . 31.42 -12.95 -3.63
C2 NAG J . 32.65 -13.86 -3.58
C3 NAG J . 33.19 -14.10 -4.98
C4 NAG J . 32.08 -14.63 -5.88
C5 NAG J . 30.89 -13.68 -5.86
C6 NAG J . 29.71 -14.19 -6.65
C7 NAG J . 33.87 -13.67 -1.45
C8 NAG J . 34.97 -12.98 -0.71
N2 NAG J . 33.68 -13.30 -2.72
O3 NAG J . 34.26 -15.04 -4.92
O4 NAG J . 32.57 -14.77 -7.22
O5 NAG J . 30.44 -13.51 -4.51
O6 NAG J . 29.47 -15.57 -6.40
O7 NAG J . 33.15 -14.52 -0.92
C1 NAG J . 32.62 -16.17 -7.55
C2 NAG J . 32.99 -16.31 -9.02
C3 NAG J . 33.09 -17.79 -9.40
C4 NAG J . 34.06 -18.51 -8.45
C5 NAG J . 33.65 -18.28 -7.01
C6 NAG J . 34.62 -18.86 -6.02
C7 NAG J . 32.27 -14.48 -10.49
C8 NAG J . 31.15 -13.92 -11.33
N2 NAG J . 32.02 -15.64 -9.88
O3 NAG J . 33.55 -17.91 -10.74
O4 NAG J . 34.05 -19.91 -8.73
O5 NAG J . 33.58 -16.86 -6.74
O6 NAG J . 35.92 -18.30 -6.17
O7 NAG J . 33.34 -13.91 -10.38
C1 NAG K . 29.81 -10.81 12.82
C2 NAG K . 31.24 -11.11 12.40
C3 NAG K . 31.35 -12.53 11.86
C4 NAG K . 30.80 -13.52 12.87
C5 NAG K . 29.39 -13.13 13.29
C6 NAG K . 28.84 -14.00 14.40
C7 NAG K . 32.50 -9.11 11.70
C8 NAG K . 32.89 -8.23 10.56
N2 NAG K . 31.71 -10.15 11.41
O3 NAG K . 32.72 -12.83 11.59
O4 NAG K . 30.77 -14.83 12.31
O5 NAG K . 29.38 -11.78 13.78
O6 NAG K . 27.51 -13.60 14.76
O7 NAG K . 32.90 -8.91 12.85
C1 NAG K . 31.75 -15.65 12.97
C2 NAG K . 31.32 -17.11 12.82
C3 NAG K . 32.35 -18.03 13.47
C4 NAG K . 33.74 -17.75 12.91
C5 NAG K . 34.07 -16.26 13.04
C6 NAG K . 35.38 -15.89 12.38
C7 NAG K . 28.90 -17.45 12.69
C8 NAG K . 27.62 -17.66 13.46
N2 NAG K . 30.00 -17.33 13.42
O3 NAG K . 32.00 -19.39 13.24
O4 NAG K . 34.71 -18.51 13.61
O5 NAG K . 33.06 -15.48 12.40
O6 NAG K . 35.48 -16.41 11.07
O7 NAG K . 28.90 -17.38 11.47
C1 NAG L . -5.07 -11.23 -13.78
C2 NAG L . -6.12 -12.06 -13.03
C3 NAG L . -6.18 -11.63 -11.56
C4 NAG L . -4.79 -11.66 -10.93
C5 NAG L . -3.80 -10.87 -11.79
C6 NAG L . -2.38 -10.98 -11.30
C7 NAG L . -8.08 -12.96 -14.20
C8 NAG L . -9.42 -12.65 -14.79
N2 NAG L . -7.43 -11.93 -13.64
O3 NAG L . -7.05 -12.51 -10.84
O4 NAG L . -4.84 -11.06 -9.64
O5 NAG L . -3.81 -11.37 -13.13
O6 NAG L . -1.74 -12.16 -11.81
O7 NAG L . -7.59 -14.08 -14.24
C1 NAG L . -4.53 -12.03 -8.63
C2 NAG L . -4.30 -11.26 -7.33
C3 NAG L . -3.98 -12.24 -6.19
C4 NAG L . -5.07 -13.29 -6.08
C5 NAG L . -5.28 -13.98 -7.43
C6 NAG L . -6.44 -14.95 -7.44
C7 NAG L . -3.46 -8.96 -7.53
C8 NAG L . -2.25 -8.10 -7.68
N2 NAG L . -3.23 -10.28 -7.47
O3 NAG L . -3.88 -11.52 -4.97
O4 NAG L . -4.71 -14.27 -5.12
O5 NAG L . -5.56 -12.99 -8.44
O6 NAG L . -7.68 -14.27 -7.37
O7 NAG L . -4.59 -8.49 -7.45
C1 BMA L . -5.49 -14.06 -3.93
C2 BMA L . -5.63 -15.42 -3.20
C3 BMA L . -6.30 -15.22 -1.83
C4 BMA L . -5.64 -14.07 -1.04
C5 BMA L . -5.63 -12.80 -1.89
C6 BMA L . -4.97 -11.62 -1.19
O2 BMA L . -4.36 -15.99 -2.94
O3 BMA L . -6.28 -16.41 -1.05
O4 BMA L . -6.37 -13.83 0.16
O5 BMA L . -4.89 -13.07 -3.10
O6 BMA L . -5.25 -10.45 -1.94
C1 NAG M . -14.35 -40.84 7.83
C2 NAG M . -14.16 -39.97 6.60
C3 NAG M . -14.05 -40.83 5.35
C4 NAG M . -12.96 -41.89 5.53
C5 NAG M . -13.18 -42.68 6.82
C6 NAG M . -12.06 -43.63 7.12
C7 NAG M . -15.11 -37.71 6.78
C8 NAG M . -16.33 -36.86 6.56
N2 NAG M . -15.25 -39.00 6.46
O3 NAG M . -13.75 -40.00 4.23
O4 NAG M . -13.00 -42.80 4.43
O5 NAG M . -13.27 -41.77 7.93
O6 NAG M . -12.06 -44.02 8.49
O7 NAG M . -14.06 -37.24 7.20
C1 NAG M . -11.90 -42.55 3.54
C2 NAG M . -11.42 -43.88 2.98
C3 NAG M . -10.29 -43.66 1.97
C4 NAG M . -10.74 -42.69 0.89
C5 NAG M . -11.23 -41.40 1.53
C6 NAG M . -11.78 -40.40 0.54
C7 NAG M . -11.52 -45.97 4.26
C8 NAG M . -10.95 -46.76 5.41
N2 NAG M . -10.98 -44.77 4.05
O3 NAG M . -9.94 -44.92 1.40
O4 NAG M . -9.65 -42.39 0.01
O5 NAG M . -12.29 -41.68 2.46
O6 NAG M . -12.11 -39.17 1.16
O7 NAG M . -12.42 -46.42 3.55
C1 BMA M . -9.72 -43.23 -1.17
C2 BMA M . -10.98 -42.86 -1.99
C3 BMA M . -11.01 -43.70 -3.28
C4 BMA M . -9.68 -43.59 -4.04
C5 BMA M . -8.50 -43.95 -3.10
C6 BMA M . -7.15 -43.79 -3.77
O2 BMA M . -10.95 -41.51 -2.40
O3 BMA M . -12.09 -43.31 -4.12
O4 BMA M . -9.69 -44.48 -5.15
O5 BMA M . -8.54 -43.07 -1.97
O6 BMA M . -7.10 -42.50 -4.38
C1 MAN M . -5.79 -41.94 -4.18
C2 MAN M . -5.80 -41.24 -2.78
C3 MAN M . -6.64 -39.97 -2.83
C4 MAN M . -6.23 -39.08 -4.01
C5 MAN M . -6.34 -39.88 -5.31
C6 MAN M . -5.90 -39.09 -6.53
O2 MAN M . -4.49 -40.83 -2.41
O3 MAN M . -6.56 -39.24 -1.61
O4 MAN M . -7.08 -37.94 -4.07
O5 MAN M . -5.48 -41.04 -5.21
O6 MAN M . -6.27 -39.81 -7.70
C1 NAG N . 20.03 -32.19 11.68
C2 NAG N . 19.94 -31.06 12.71
C3 NAG N . 21.31 -30.43 12.92
C4 NAG N . 22.34 -31.49 13.27
C5 NAG N . 22.33 -32.60 12.23
C6 NAG N . 23.24 -33.76 12.58
C7 NAG N . 17.94 -29.70 13.08
C8 NAG N . 17.03 -28.64 12.51
N2 NAG N . 18.96 -30.06 12.32
O3 NAG N . 21.23 -29.45 13.96
O4 NAG N . 23.64 -30.91 13.32
O5 NAG N . 21.01 -33.14 12.10
O6 NAG N . 24.60 -33.36 12.57
O7 NAG N . 17.74 -30.18 14.19
C1 NAG N . 24.08 -30.85 14.70
C2 NAG N . 25.59 -30.69 14.72
C3 NAG N . 26.09 -30.57 16.16
C4 NAG N . 25.36 -29.44 16.88
C5 NAG N . 23.85 -29.63 16.77
C6 NAG N . 23.06 -28.48 17.35
C7 NAG N . 27.26 -31.66 13.21
C8 NAG N . 27.81 -32.92 12.60
N2 NAG N . 26.25 -31.81 14.06
O3 NAG N . 27.48 -30.32 16.16
O4 NAG N . 25.73 -29.41 18.26
O5 NAG N . 23.47 -29.74 15.38
O6 NAG N . 23.41 -27.25 16.74
O7 NAG N . 27.72 -30.56 12.92
C1 BMA N . 26.58 -28.27 18.48
C2 BMA N . 25.92 -27.39 19.58
C3 BMA N . 26.86 -26.26 19.98
C4 BMA N . 28.28 -26.79 20.29
C5 BMA N . 28.80 -27.61 19.09
C6 BMA N . 30.17 -28.19 19.35
O2 BMA N . 25.66 -28.14 20.75
O3 BMA N . 26.37 -25.53 21.10
O4 BMA N . 29.16 -25.70 20.53
O5 BMA N . 27.88 -28.69 18.88
O6 BMA N . 30.63 -28.79 18.14
C1 NAG O . 22.26 -23.35 -26.65
C2 NAG O . 23.46 -22.57 -27.18
C3 NAG O . 24.39 -23.49 -27.96
C4 NAG O . 24.77 -24.71 -27.12
C5 NAG O . 23.50 -25.40 -26.62
C6 NAG O . 23.79 -26.56 -25.70
C7 NAG O . 23.00 -20.19 -27.55
C8 NAG O . 22.53 -19.16 -28.53
N2 NAG O . 23.04 -21.45 -27.99
O3 NAG O . 25.57 -22.77 -28.33
O4 NAG O . 25.54 -25.61 -27.89
O5 NAG O . 22.70 -24.47 -25.88
O6 NAG O . 24.35 -26.12 -24.47
O7 NAG O . 23.30 -19.90 -26.40
C1 NAG O . 26.86 -25.72 -27.31
C2 NAG O . 27.62 -26.83 -28.04
C3 NAG O . 29.04 -26.95 -27.48
C4 NAG O . 29.74 -25.60 -27.53
C5 NAG O . 28.89 -24.54 -26.83
C6 NAG O . 29.48 -23.15 -26.94
C7 NAG O . 26.03 -28.53 -28.83
C8 NAG O . 25.40 -29.85 -28.56
N2 NAG O . 26.92 -28.10 -27.93
O3 NAG O . 29.76 -27.90 -28.25
O4 NAG O . 31.00 -25.69 -26.88
O5 NAG O . 27.59 -24.49 -27.42
O6 NAG O . 29.66 -22.76 -28.30
O7 NAG O . 25.75 -27.87 -29.83
C1 NAG P . 5.70 -9.17 -35.26
C2 NAG P . 6.29 -7.93 -35.92
C3 NAG P . 5.41 -7.48 -37.08
C4 NAG P . 5.17 -8.63 -38.05
C5 NAG P . 4.65 -9.86 -37.30
C6 NAG P . 4.54 -11.08 -38.17
C7 NAG P . 7.55 -6.08 -34.93
C8 NAG P . 7.56 -5.01 -33.86
N2 NAG P . 6.47 -6.86 -34.96
O3 NAG P . 6.04 -6.39 -37.74
O4 NAG P . 4.19 -8.26 -39.02
O5 NAG P . 5.54 -10.20 -36.23
O6 NAG P . 5.68 -11.92 -38.06
O7 NAG P . 8.48 -6.22 -35.71
C1 NAG P . 4.82 -7.78 -40.21
C2 NAG P . 4.27 -8.53 -41.42
C3 NAG P . 4.86 -7.99 -42.72
C4 NAG P . 4.66 -6.48 -42.80
C5 NAG P . 5.20 -5.80 -41.54
C6 NAG P . 4.93 -4.33 -41.50
C7 NAG P . 3.69 -10.90 -41.77
C8 NAG P . 4.12 -12.32 -41.58
N2 NAG P . 4.53 -9.97 -41.31
O3 NAG P . 4.26 -8.62 -43.83
O4 NAG P . 5.33 -5.95 -43.93
O5 NAG P . 4.59 -6.38 -40.38
O6 NAG P . 3.66 -4.05 -40.92
O7 NAG P . 2.64 -10.60 -42.33
C1 NAG Q . -10.10 7.29 -31.91
C2 NAG Q . -10.60 8.01 -33.17
C3 NAG Q . -9.61 7.85 -34.31
C4 NAG Q . -8.22 8.31 -33.88
C5 NAG Q . -7.80 7.57 -32.61
C6 NAG Q . -6.48 8.04 -32.05
C7 NAG Q . -13.05 8.14 -33.24
C8 NAG Q . -14.31 7.48 -33.72
N2 NAG Q . -11.91 7.52 -33.56
O3 NAG Q . -10.04 8.61 -35.42
O4 NAG Q . -7.27 8.06 -34.90
O5 NAG Q . -8.78 7.77 -31.58
O6 NAG Q . -6.40 9.46 -32.04
O7 NAG Q . -13.07 9.17 -32.59
C1 NAG Q . -6.82 9.34 -35.42
C2 NAG Q . -5.69 9.09 -36.42
C3 NAG Q . -5.22 10.41 -37.02
C4 NAG Q . -6.39 11.19 -37.60
C5 NAG Q . -7.49 11.35 -36.55
C6 NAG Q . -8.75 12.00 -37.10
C7 NAG Q . -4.32 7.09 -36.02
C8 NAG Q . -3.14 6.53 -35.29
N2 NAG Q . -4.59 8.38 -35.80
O3 NAG Q . -4.25 10.16 -38.03
O4 NAG Q . -5.97 12.47 -38.03
O5 NAG Q . -7.88 10.06 -36.06
O6 NAG Q . -9.30 11.25 -38.16
O7 NAG Q . -5.01 6.41 -36.78
C1 NAG R . -23.90 9.17 -22.79
C2 NAG R . -24.18 9.16 -24.29
C3 NAG R . -23.58 10.39 -24.95
C4 NAG R . -24.06 11.66 -24.25
C5 NAG R . -23.80 11.57 -22.75
C6 NAG R . -24.39 12.73 -21.97
C7 NAG R . -24.45 6.90 -25.23
C8 NAG R . -23.75 5.74 -25.86
N2 NAG R . -23.66 7.94 -24.91
O3 NAG R . -23.95 10.42 -26.32
O4 NAG R . -23.38 12.80 -24.77
O5 NAG R . -24.41 10.38 -22.22
O6 NAG R . -24.12 12.62 -20.58
O7 NAG R . -25.66 6.91 -25.03
C1 NAG R . -24.30 13.60 -25.51
C2 NAG R . -23.78 15.04 -25.54
C3 NAG R . -24.72 15.92 -26.36
C4 NAG R . -24.92 15.33 -27.75
C5 NAG R . -25.40 13.88 -27.64
C6 NAG R . -25.51 13.19 -28.98
C7 NAG R . -22.46 15.67 -23.57
C8 NAG R . -22.50 16.23 -22.18
N2 NAG R . -23.64 15.56 -24.19
O3 NAG R . -24.15 17.22 -26.47
O4 NAG R . -25.89 16.08 -28.47
O5 NAG R . -24.46 13.12 -26.86
O6 NAG R . -24.33 13.38 -29.76
O7 NAG R . -21.41 15.32 -24.11
C1 NAG S . 19.10 16.44 18.96
C2 NAG S . 20.09 17.53 18.51
C3 NAG S . 19.37 18.85 18.27
C4 NAG S . 18.19 18.66 17.34
C5 NAG S . 17.28 17.54 17.84
C6 NAG S . 16.15 17.22 16.91
C7 NAG S . 22.46 17.49 19.17
C8 NAG S . 23.43 17.71 20.28
N2 NAG S . 21.18 17.69 19.47
O3 NAG S . 20.28 19.80 17.73
O4 NAG S . 17.44 19.87 17.25
O5 NAG S . 18.04 16.33 18.01
O6 NAG S . 15.51 18.40 16.43
O7 NAG S . 22.82 17.14 18.04
C1 NAG T . -4.35 59.52 -16.82
C2 NAG T . -5.56 59.80 -17.71
C3 NAG T . -5.52 61.23 -18.23
C4 NAG T . -5.36 62.21 -17.08
C5 NAG T . -4.17 61.84 -16.21
C6 NAG T . -4.02 62.70 -14.98
C7 NAG T . -6.40 57.76 -18.79
C8 NAG T . -6.35 56.91 -20.02
N2 NAG T . -5.63 58.86 -18.81
O3 NAG T . -6.71 61.51 -18.96
O4 NAG T . -5.19 63.53 -17.58
O5 NAG T . -4.29 60.49 -15.76
O6 NAG T . -4.94 62.31 -13.97
O7 NAG T . -7.11 57.48 -17.83
C1 NAG U . 18.67 12.66 45.47
C2 NAG U . 19.69 11.59 45.84
C3 NAG U . 20.24 11.81 47.24
C4 NAG U . 20.78 13.23 47.37
C5 NAG U . 19.72 14.24 46.95
C6 NAG U . 20.25 15.66 46.94
C7 NAG U . 19.25 9.47 44.65
C8 NAG U . 18.57 8.13 44.72
N2 NAG U . 19.10 10.26 45.73
O3 NAG U . 21.26 10.87 47.51
O4 NAG U . 21.16 13.48 48.71
O5 NAG U . 19.28 13.95 45.61
O6 NAG U . 21.30 15.83 46.00
O7 NAG U . 19.91 9.82 43.68
C1 NAG V . -27.82 -14.23 -4.55
C2 NAG V . -28.03 -15.50 -5.36
C3 NAG V . -27.68 -16.72 -4.53
C4 NAG V . -26.27 -16.59 -3.96
C5 NAG V . -26.14 -15.28 -3.20
C6 NAG V . -24.73 -15.02 -2.71
C7 NAG V . -29.74 -15.64 -7.13
C8 NAG V . -31.20 -15.73 -7.44
N2 NAG V . -29.41 -15.59 -5.84
O3 NAG V . -27.77 -17.90 -5.34
O4 NAG V . -26.00 -17.68 -3.08
O5 NAG V . -26.48 -14.18 -4.07
O6 NAG V . -24.17 -16.17 -2.10
O7 NAG V . -28.89 -15.63 -8.01
C1 NAG W . 8.64 -60.56 9.94
C2 NAG W . 9.95 -60.86 10.66
C3 NAG W . 10.19 -62.36 10.73
C4 NAG W . 8.98 -63.07 11.33
C5 NAG W . 7.71 -62.68 10.58
C6 NAG W . 6.45 -63.26 11.20
C7 NAG W . 11.56 -59.02 10.45
C8 NAG W . 12.72 -58.47 9.68
N2 NAG W . 11.07 -60.19 10.02
O3 NAG W . 11.35 -62.63 11.50
O4 NAG W . 9.16 -64.48 11.25
O5 NAG W . 7.56 -61.25 10.58
O6 NAG W . 6.06 -62.52 12.35
O7 NAG W . 11.10 -58.43 11.43
C1 NAG X . -50.15 -4.52 6.62
C2 NAG X . -50.79 -3.54 5.65
C3 NAG X . -52.31 -3.52 5.85
C4 NAG X . -52.88 -4.94 5.76
C5 NAG X . -52.14 -5.86 6.73
C6 NAG X . -52.57 -7.30 6.59
C7 NAG X . -49.28 -1.71 5.03
C8 NAG X . -48.83 -0.31 5.34
N2 NAG X . -50.25 -2.21 5.82
O3 NAG X . -52.91 -2.69 4.87
O4 NAG X . -54.26 -4.92 6.08
O5 NAG X . -50.73 -5.83 6.45
O6 NAG X . -52.28 -7.82 5.30
O7 NAG X . -48.80 -2.36 4.11
#